data_2DO0
#
_entry.id   2DO0
#
_entity_poly.entity_id   1
_entity_poly.type   'polypeptide(L)'
_entity_poly.pdbx_seq_one_letter_code
;GSSGSSGALQAGRLGSTVFVANLDYKVGWKKLKEVFSMAGVVVRADILEDKDGKSRGIGTVTFEQSIEAVQAISMFNGQL
LFDRPMHVKMDERALPKGDFFPPERPQQSGPSSG
;
_entity_poly.pdbx_strand_id   A
#
# COMPACT_ATOMS: atom_id res chain seq x y z
N GLY A 1 28.38 18.90 -16.61
CA GLY A 1 27.96 17.86 -15.70
C GLY A 1 27.26 16.72 -16.41
N SER A 2 27.54 15.50 -15.98
CA SER A 2 26.95 14.31 -16.58
C SER A 2 25.43 14.45 -16.67
N SER A 3 24.84 13.85 -17.70
CA SER A 3 23.40 13.91 -17.89
C SER A 3 22.66 13.61 -16.60
N GLY A 4 22.85 12.40 -16.08
CA GLY A 4 22.21 12.01 -14.84
C GLY A 4 22.02 10.51 -14.72
N SER A 5 23.08 9.81 -14.35
CA SER A 5 23.03 8.35 -14.22
C SER A 5 21.99 7.95 -13.17
N SER A 6 21.08 7.07 -13.58
CA SER A 6 20.02 6.59 -12.69
C SER A 6 19.96 5.07 -12.68
N GLY A 7 19.28 4.51 -11.68
CA GLY A 7 19.16 3.07 -11.58
C GLY A 7 18.13 2.65 -10.56
N ALA A 8 17.31 1.66 -10.91
CA ALA A 8 16.28 1.16 -10.02
C ALA A 8 15.66 -0.12 -10.57
N LEU A 9 14.85 -0.77 -9.73
CA LEU A 9 14.20 -2.02 -10.13
C LEU A 9 13.15 -2.44 -9.09
N GLN A 10 12.42 -3.50 -9.39
CA GLN A 10 11.39 -4.01 -8.49
C GLN A 10 11.71 -5.44 -8.06
N ALA A 11 12.39 -5.58 -6.94
CA ALA A 11 12.75 -6.90 -6.42
C ALA A 11 12.25 -7.08 -4.99
N GLY A 12 10.99 -7.49 -4.86
CA GLY A 12 10.41 -7.69 -3.54
C GLY A 12 9.09 -6.99 -3.37
N ARG A 13 8.07 -7.48 -4.07
CA ARG A 13 6.73 -6.90 -4.01
C ARG A 13 6.04 -7.27 -2.70
N LEU A 14 6.39 -6.57 -1.62
CA LEU A 14 5.81 -6.82 -0.31
C LEU A 14 5.09 -5.59 0.21
N GLY A 15 4.48 -5.72 1.38
CA GLY A 15 3.76 -4.60 1.98
C GLY A 15 2.26 -4.76 1.88
N SER A 16 1.53 -3.80 2.43
CA SER A 16 0.07 -3.84 2.40
C SER A 16 -0.49 -2.62 1.65
N THR A 17 0.14 -1.47 1.86
CA THR A 17 -0.30 -0.24 1.20
C THR A 17 -0.69 -0.49 -0.25
N VAL A 18 -1.77 0.16 -0.68
CA VAL A 18 -2.26 0.00 -2.05
C VAL A 18 -2.46 1.36 -2.71
N PHE A 19 -2.06 1.45 -3.98
CA PHE A 19 -2.21 2.70 -4.73
C PHE A 19 -3.47 2.68 -5.58
N VAL A 20 -4.39 3.58 -5.28
CA VAL A 20 -5.65 3.66 -6.02
C VAL A 20 -5.65 4.85 -6.97
N ALA A 21 -6.06 4.62 -8.21
CA ALA A 21 -6.10 5.66 -9.23
C ALA A 21 -7.42 5.63 -9.98
N ASN A 22 -7.69 6.70 -10.73
CA ASN A 22 -8.92 6.80 -11.50
C ASN A 22 -10.15 6.77 -10.59
N LEU A 23 -10.14 7.62 -9.57
CA LEU A 23 -11.24 7.68 -8.62
C LEU A 23 -12.13 8.89 -8.91
N ASP A 24 -13.37 8.84 -8.45
CA ASP A 24 -14.31 9.93 -8.65
C ASP A 24 -14.07 11.05 -7.66
N TYR A 25 -14.11 12.28 -8.14
CA TYR A 25 -13.88 13.46 -7.30
C TYR A 25 -14.71 13.37 -6.02
N LYS A 26 -15.99 13.00 -6.17
CA LYS A 26 -16.89 12.88 -5.04
C LYS A 26 -16.34 11.89 -4.01
N VAL A 27 -15.70 10.83 -4.49
CA VAL A 27 -15.13 9.82 -3.61
C VAL A 27 -14.11 10.43 -2.66
N GLY A 28 -14.39 10.34 -1.36
CA GLY A 28 -13.49 10.90 -0.36
C GLY A 28 -12.87 9.83 0.51
N TRP A 29 -11.86 10.21 1.29
CA TRP A 29 -11.18 9.28 2.17
C TRP A 29 -12.18 8.50 3.02
N LYS A 30 -13.35 9.09 3.24
CA LYS A 30 -14.39 8.47 4.03
C LYS A 30 -14.97 7.25 3.32
N LYS A 31 -15.61 7.49 2.18
CA LYS A 31 -16.21 6.42 1.39
C LYS A 31 -15.16 5.39 1.00
N LEU A 32 -14.05 5.86 0.43
CA LEU A 32 -12.98 4.97 0.02
C LEU A 32 -12.59 4.00 1.13
N LYS A 33 -12.27 4.55 2.29
CA LYS A 33 -11.89 3.74 3.45
C LYS A 33 -13.02 2.79 3.84
N GLU A 34 -14.21 3.34 4.02
CA GLU A 34 -15.37 2.54 4.39
C GLU A 34 -15.53 1.35 3.46
N VAL A 35 -15.31 1.59 2.17
CA VAL A 35 -15.43 0.53 1.17
C VAL A 35 -14.35 -0.53 1.35
N PHE A 36 -13.10 -0.08 1.42
CA PHE A 36 -11.97 -0.99 1.60
C PHE A 36 -12.09 -1.77 2.90
N SER A 37 -12.96 -1.28 3.79
CA SER A 37 -13.17 -1.93 5.08
C SER A 37 -13.57 -3.40 4.90
N MET A 38 -14.04 -3.72 3.70
CA MET A 38 -14.46 -5.09 3.40
C MET A 38 -13.30 -6.05 3.52
N ALA A 39 -12.30 -5.89 2.67
CA ALA A 39 -11.12 -6.75 2.69
C ALA A 39 -10.56 -6.88 4.11
N GLY A 40 -10.61 -5.79 4.86
CA GLY A 40 -10.11 -5.82 6.23
C GLY A 40 -10.13 -4.44 6.87
N VAL A 41 -9.34 -4.28 7.93
CA VAL A 41 -9.26 -3.00 8.63
C VAL A 41 -8.22 -2.09 8.01
N VAL A 42 -8.64 -0.86 7.67
CA VAL A 42 -7.74 0.11 7.06
C VAL A 42 -6.96 0.87 8.13
N VAL A 43 -5.70 0.49 8.31
CA VAL A 43 -4.85 1.14 9.30
C VAL A 43 -4.69 2.63 9.01
N ARG A 44 -4.48 2.95 7.74
CA ARG A 44 -4.32 4.34 7.32
C ARG A 44 -5.00 4.59 5.99
N ALA A 45 -5.96 5.51 5.99
CA ALA A 45 -6.70 5.86 4.77
C ALA A 45 -6.63 7.35 4.49
N ASP A 46 -6.28 7.69 3.25
CA ASP A 46 -6.18 9.09 2.85
C ASP A 46 -6.19 9.22 1.33
N ILE A 47 -6.38 10.44 0.84
CA ILE A 47 -6.42 10.70 -0.59
C ILE A 47 -5.23 11.55 -1.03
N LEU A 48 -4.78 11.34 -2.25
CA LEU A 48 -3.65 12.09 -2.79
C LEU A 48 -4.13 13.34 -3.53
N GLU A 49 -3.50 14.48 -3.24
CA GLU A 49 -3.86 15.73 -3.87
C GLU A 49 -2.68 16.32 -4.62
N ASP A 50 -2.95 17.29 -5.49
CA ASP A 50 -1.91 17.94 -6.28
C ASP A 50 -1.79 19.42 -5.92
N LYS A 51 -0.86 20.11 -6.55
CA LYS A 51 -0.65 21.53 -6.30
C LYS A 51 -1.98 22.26 -6.15
N ASP A 52 -2.84 22.12 -7.14
CA ASP A 52 -4.14 22.77 -7.12
C ASP A 52 -4.88 22.46 -5.82
N GLY A 53 -4.77 21.21 -5.37
CA GLY A 53 -5.43 20.80 -4.14
C GLY A 53 -6.52 19.77 -4.38
N LYS A 54 -7.20 19.89 -5.52
CA LYS A 54 -8.27 18.96 -5.86
C LYS A 54 -7.71 17.58 -6.19
N SER A 55 -8.27 16.55 -5.56
CA SER A 55 -7.83 15.18 -5.79
C SER A 55 -7.77 14.87 -7.27
N ARG A 56 -6.68 14.24 -7.70
CA ARG A 56 -6.50 13.88 -9.10
C ARG A 56 -7.00 12.46 -9.37
N GLY A 57 -7.98 12.03 -8.59
CA GLY A 57 -8.53 10.70 -8.76
C GLY A 57 -7.59 9.61 -8.29
N ILE A 58 -6.76 9.94 -7.30
CA ILE A 58 -5.80 8.98 -6.76
C ILE A 58 -5.83 8.96 -5.24
N GLY A 59 -5.94 7.77 -4.67
CA GLY A 59 -5.97 7.64 -3.22
C GLY A 59 -5.00 6.60 -2.71
N THR A 60 -4.93 6.46 -1.39
CA THR A 60 -4.03 5.49 -0.77
C THR A 60 -4.70 4.80 0.40
N VAL A 61 -4.59 3.47 0.45
CA VAL A 61 -5.19 2.69 1.53
C VAL A 61 -4.17 1.73 2.14
N THR A 62 -4.14 1.67 3.47
CA THR A 62 -3.22 0.79 4.17
C THR A 62 -3.95 -0.14 5.11
N PHE A 63 -3.88 -1.43 4.83
CA PHE A 63 -4.55 -2.43 5.66
C PHE A 63 -3.65 -2.88 6.82
N GLU A 64 -4.11 -3.85 7.58
CA GLU A 64 -3.35 -4.37 8.72
C GLU A 64 -2.45 -5.52 8.29
N GLN A 65 -3.04 -6.53 7.66
CA GLN A 65 -2.30 -7.69 7.20
C GLN A 65 -2.30 -7.78 5.68
N SER A 66 -1.21 -8.28 5.12
CA SER A 66 -1.07 -8.41 3.68
C SER A 66 -2.30 -9.10 3.07
N ILE A 67 -2.71 -10.19 3.72
CA ILE A 67 -3.88 -10.94 3.25
C ILE A 67 -5.04 -10.01 2.92
N GLU A 68 -5.45 -9.21 3.89
CA GLU A 68 -6.55 -8.28 3.69
C GLU A 68 -6.27 -7.35 2.52
N ALA A 69 -5.08 -6.77 2.50
CA ALA A 69 -4.69 -5.86 1.42
C ALA A 69 -4.91 -6.49 0.06
N VAL A 70 -4.41 -7.70 -0.12
CA VAL A 70 -4.56 -8.42 -1.38
C VAL A 70 -6.02 -8.52 -1.78
N GLN A 71 -6.85 -9.06 -0.89
CA GLN A 71 -8.27 -9.22 -1.15
C GLN A 71 -8.85 -7.95 -1.77
N ALA A 72 -8.66 -6.83 -1.10
CA ALA A 72 -9.16 -5.55 -1.58
C ALA A 72 -8.70 -5.28 -3.01
N ILE A 73 -7.38 -5.26 -3.21
CA ILE A 73 -6.81 -5.01 -4.53
C ILE A 73 -7.58 -5.76 -5.61
N SER A 74 -7.94 -7.01 -5.31
CA SER A 74 -8.67 -7.84 -6.26
C SER A 74 -10.14 -7.43 -6.30
N MET A 75 -10.84 -7.64 -5.19
CA MET A 75 -12.25 -7.29 -5.10
C MET A 75 -12.50 -5.88 -5.62
N PHE A 76 -11.45 -5.08 -5.64
CA PHE A 76 -11.56 -3.70 -6.12
C PHE A 76 -10.94 -3.56 -7.52
N ASN A 77 -10.09 -4.50 -7.88
CA ASN A 77 -9.45 -4.49 -9.19
C ASN A 77 -10.48 -4.55 -10.30
N GLY A 78 -10.62 -3.44 -11.02
CA GLY A 78 -11.57 -3.39 -12.12
C GLY A 78 -13.00 -3.14 -11.64
N GLN A 79 -13.13 -2.79 -10.37
CA GLN A 79 -14.44 -2.53 -9.79
C GLN A 79 -15.03 -1.23 -10.32
N LEU A 80 -16.27 -1.28 -10.78
CA LEU A 80 -16.94 -0.11 -11.31
C LEU A 80 -17.60 0.71 -10.20
N LEU A 81 -16.93 1.78 -9.78
CA LEU A 81 -17.44 2.64 -8.73
C LEU A 81 -17.93 3.97 -9.30
N PHE A 82 -19.20 4.28 -9.06
CA PHE A 82 -19.79 5.52 -9.54
C PHE A 82 -19.66 5.63 -11.06
N ASP A 83 -19.92 4.53 -11.74
CA ASP A 83 -19.84 4.50 -13.21
C ASP A 83 -18.41 4.78 -13.67
N ARG A 84 -17.43 4.41 -12.83
CA ARG A 84 -16.03 4.62 -13.15
C ARG A 84 -15.16 3.52 -12.56
N PRO A 85 -14.36 2.87 -13.42
CA PRO A 85 -13.48 1.79 -13.01
C PRO A 85 -12.31 2.27 -12.15
N MET A 86 -12.04 1.56 -11.06
CA MET A 86 -10.96 1.93 -10.16
C MET A 86 -9.71 1.09 -10.44
N HIS A 87 -8.55 1.65 -10.12
CA HIS A 87 -7.28 0.96 -10.33
C HIS A 87 -6.54 0.75 -9.02
N VAL A 88 -6.64 -0.47 -8.48
CA VAL A 88 -5.98 -0.79 -7.22
C VAL A 88 -4.74 -1.65 -7.44
N LYS A 89 -3.57 -1.04 -7.33
CA LYS A 89 -2.32 -1.76 -7.54
C LYS A 89 -1.45 -1.70 -6.28
N MET A 90 -0.71 -2.78 -6.01
CA MET A 90 0.16 -2.84 -4.84
C MET A 90 1.15 -1.67 -4.84
N ASP A 91 1.30 -1.03 -3.70
CA ASP A 91 2.21 0.10 -3.56
C ASP A 91 3.62 -0.29 -4.00
N GLU A 92 4.45 0.70 -4.26
CA GLU A 92 5.82 0.46 -4.70
C GLU A 92 6.77 0.42 -3.50
N ARG A 93 6.76 1.49 -2.70
CA ARG A 93 7.62 1.57 -1.53
C ARG A 93 7.23 0.51 -0.50
N ALA A 94 7.98 -0.60 -0.48
CA ALA A 94 7.72 -1.68 0.45
C ALA A 94 8.57 -1.55 1.71
N LEU A 95 8.13 -0.71 2.64
CA LEU A 95 8.85 -0.49 3.88
C LEU A 95 8.80 -1.74 4.76
N PRO A 96 9.93 -2.03 5.43
CA PRO A 96 10.05 -3.19 6.32
C PRO A 96 9.23 -3.03 7.59
N LYS A 97 9.27 -4.03 8.46
CA LYS A 97 8.54 -4.00 9.71
C LYS A 97 9.45 -4.34 10.89
N GLY A 98 10.70 -3.89 10.80
CA GLY A 98 11.65 -4.14 11.87
C GLY A 98 11.56 -5.55 12.41
N ASP A 99 11.41 -6.52 11.51
CA ASP A 99 11.30 -7.92 11.90
C ASP A 99 12.22 -8.79 11.03
N PHE A 100 13.39 -9.12 11.58
CA PHE A 100 14.35 -9.95 10.86
C PHE A 100 15.54 -10.28 11.75
N PHE A 101 15.90 -11.57 11.78
CA PHE A 101 17.02 -12.03 12.60
C PHE A 101 17.85 -13.06 11.84
N PRO A 102 19.18 -13.01 12.04
CA PRO A 102 20.11 -13.92 11.39
C PRO A 102 20.00 -15.34 11.91
N PRO A 103 20.26 -16.33 11.04
CA PRO A 103 20.20 -17.75 11.39
C PRO A 103 21.31 -18.16 12.34
N GLU A 104 21.00 -18.17 13.64
CA GLU A 104 21.98 -18.55 14.66
C GLU A 104 21.44 -19.69 15.52
N ARG A 105 22.03 -20.86 15.37
CA ARG A 105 21.62 -22.03 16.14
C ARG A 105 22.81 -22.67 16.85
N PRO A 106 22.61 -23.07 18.11
CA PRO A 106 23.65 -23.71 18.92
C PRO A 106 24.01 -25.10 18.42
N GLN A 107 25.02 -25.19 17.56
CA GLN A 107 25.45 -26.47 17.02
C GLN A 107 26.97 -26.54 16.93
N GLN A 108 27.56 -27.42 17.75
CA GLN A 108 29.01 -27.58 17.76
C GLN A 108 29.39 -29.05 17.88
N SER A 109 30.20 -29.53 16.95
CA SER A 109 30.63 -30.91 16.95
C SER A 109 31.76 -31.14 15.95
N GLY A 110 32.79 -31.85 16.39
CA GLY A 110 33.93 -32.11 15.52
C GLY A 110 35.14 -32.59 16.28
N PRO A 111 35.05 -33.79 16.87
CA PRO A 111 36.15 -34.39 17.65
C PRO A 111 37.32 -34.80 16.77
N SER A 112 38.22 -33.86 16.51
CA SER A 112 39.39 -34.12 15.68
C SER A 112 40.58 -33.30 16.13
N SER A 113 41.62 -33.97 16.61
CA SER A 113 42.82 -33.30 17.08
C SER A 113 44.00 -34.27 17.14
N GLY A 114 44.99 -34.04 16.28
CA GLY A 114 46.16 -34.90 16.25
C GLY A 114 46.83 -35.00 17.60
N GLY A 1 11.82 -26.05 -32.25
CA GLY A 1 11.70 -24.84 -31.45
C GLY A 1 10.79 -25.04 -30.25
N SER A 2 11.33 -24.81 -29.06
CA SER A 2 10.56 -24.98 -27.83
C SER A 2 11.08 -24.05 -26.73
N SER A 3 10.17 -23.25 -26.17
CA SER A 3 10.55 -22.31 -25.11
C SER A 3 9.93 -22.72 -23.78
N GLY A 4 10.34 -22.06 -22.71
CA GLY A 4 9.81 -22.36 -21.39
C GLY A 4 10.69 -21.80 -20.27
N SER A 5 11.10 -22.67 -19.36
CA SER A 5 11.92 -22.27 -18.23
C SER A 5 11.34 -21.03 -17.54
N SER A 6 10.02 -20.91 -17.59
CA SER A 6 9.33 -19.78 -16.98
C SER A 6 8.66 -20.19 -15.68
N GLY A 7 9.07 -19.57 -14.58
CA GLY A 7 8.49 -19.89 -13.29
C GLY A 7 8.07 -18.64 -12.52
N ALA A 8 6.77 -18.46 -12.34
CA ALA A 8 6.25 -17.32 -11.61
C ALA A 8 6.63 -17.37 -10.14
N LEU A 9 6.40 -16.28 -9.43
CA LEU A 9 6.72 -16.20 -8.01
C LEU A 9 6.08 -14.97 -7.37
N GLN A 10 5.90 -15.04 -6.05
CA GLN A 10 5.28 -13.93 -5.32
C GLN A 10 6.16 -13.50 -4.15
N ALA A 11 6.67 -12.27 -4.22
CA ALA A 11 7.53 -11.74 -3.16
C ALA A 11 6.90 -10.51 -2.52
N GLY A 12 6.45 -10.66 -1.28
CA GLY A 12 5.83 -9.54 -0.58
C GLY A 12 6.84 -8.75 0.23
N ARG A 13 7.18 -7.56 -0.27
CA ARG A 13 8.14 -6.69 0.40
C ARG A 13 7.50 -5.99 1.59
N LEU A 14 8.29 -5.75 2.63
CA LEU A 14 7.80 -5.09 3.83
C LEU A 14 7.00 -3.84 3.48
N GLY A 15 5.68 -3.99 3.43
CA GLY A 15 4.81 -2.87 3.10
C GLY A 15 3.51 -3.30 2.46
N SER A 16 2.40 -3.16 3.20
CA SER A 16 1.10 -3.56 2.69
C SER A 16 0.32 -2.33 2.23
N THR A 17 0.96 -1.47 1.46
CA THR A 17 0.33 -0.26 0.95
C THR A 17 -0.26 -0.50 -0.44
N VAL A 18 -1.48 0.01 -0.65
CA VAL A 18 -2.15 -0.15 -1.94
C VAL A 18 -2.35 1.21 -2.62
N PHE A 19 -2.00 1.28 -3.89
CA PHE A 19 -2.14 2.51 -4.67
C PHE A 19 -3.44 2.50 -5.47
N VAL A 20 -4.26 3.53 -5.26
CA VAL A 20 -5.53 3.65 -5.96
C VAL A 20 -5.52 4.83 -6.92
N ALA A 21 -6.09 4.64 -8.10
CA ALA A 21 -6.15 5.69 -9.11
C ALA A 21 -7.43 5.60 -9.92
N ASN A 22 -7.74 6.67 -10.65
CA ASN A 22 -8.94 6.71 -11.47
C ASN A 22 -10.20 6.72 -10.60
N LEU A 23 -10.16 7.50 -9.52
CA LEU A 23 -11.30 7.59 -8.60
C LEU A 23 -12.22 8.74 -9.00
N ASP A 24 -13.44 8.70 -8.50
CA ASP A 24 -14.43 9.74 -8.79
C ASP A 24 -14.23 10.95 -7.89
N TYR A 25 -14.25 12.14 -8.49
CA TYR A 25 -14.05 13.38 -7.74
C TYR A 25 -14.95 13.41 -6.51
N LYS A 26 -16.09 12.74 -6.60
CA LYS A 26 -17.03 12.68 -5.49
C LYS A 26 -16.50 11.79 -4.37
N VAL A 27 -15.88 10.68 -4.74
CA VAL A 27 -15.32 9.75 -3.75
C VAL A 27 -14.29 10.44 -2.88
N GLY A 28 -14.29 10.10 -1.58
CA GLY A 28 -13.35 10.70 -0.66
C GLY A 28 -12.84 9.70 0.37
N TRP A 29 -11.77 10.07 1.07
CA TRP A 29 -11.18 9.20 2.08
C TRP A 29 -12.26 8.48 2.87
N LYS A 30 -13.25 9.24 3.33
CA LYS A 30 -14.35 8.66 4.11
C LYS A 30 -14.90 7.41 3.43
N LYS A 31 -15.43 7.58 2.22
CA LYS A 31 -15.98 6.46 1.47
C LYS A 31 -14.92 5.41 1.19
N LEU A 32 -13.77 5.85 0.68
CA LEU A 32 -12.68 4.95 0.37
C LEU A 32 -12.43 3.97 1.51
N LYS A 33 -12.36 4.51 2.73
CA LYS A 33 -12.13 3.68 3.91
C LYS A 33 -13.34 2.79 4.19
N GLU A 34 -14.53 3.37 4.11
CA GLU A 34 -15.76 2.62 4.35
C GLU A 34 -15.84 1.40 3.45
N VAL A 35 -15.51 1.59 2.17
CA VAL A 35 -15.54 0.50 1.20
C VAL A 35 -14.39 -0.48 1.43
N PHE A 36 -13.18 0.05 1.48
CA PHE A 36 -11.99 -0.78 1.69
C PHE A 36 -12.12 -1.58 3.00
N SER A 37 -12.80 -0.99 3.97
CA SER A 37 -12.98 -1.65 5.27
C SER A 37 -13.46 -3.10 5.07
N MET A 38 -14.04 -3.37 3.91
CA MET A 38 -14.54 -4.70 3.61
C MET A 38 -13.42 -5.74 3.72
N ALA A 39 -12.43 -5.63 2.83
CA ALA A 39 -11.30 -6.56 2.84
C ALA A 39 -10.93 -6.96 4.25
N GLY A 40 -10.75 -5.97 5.11
CA GLY A 40 -10.38 -6.24 6.50
C GLY A 40 -10.45 -5.01 7.37
N VAL A 41 -9.28 -4.46 7.70
CA VAL A 41 -9.20 -3.26 8.53
C VAL A 41 -8.22 -2.25 7.95
N VAL A 42 -8.73 -1.07 7.62
CA VAL A 42 -7.91 -0.01 7.05
C VAL A 42 -7.08 0.69 8.14
N VAL A 43 -5.83 0.25 8.28
CA VAL A 43 -4.93 0.82 9.28
C VAL A 43 -4.83 2.33 9.12
N ARG A 44 -4.67 2.78 7.88
CA ARG A 44 -4.57 4.21 7.59
C ARG A 44 -5.09 4.52 6.19
N ALA A 45 -6.15 5.33 6.13
CA ALA A 45 -6.74 5.70 4.86
C ALA A 45 -6.61 7.20 4.61
N ASP A 46 -6.23 7.57 3.40
CA ASP A 46 -6.06 8.97 3.03
C ASP A 46 -6.00 9.15 1.52
N ILE A 47 -6.23 10.37 1.06
CA ILE A 47 -6.19 10.66 -0.37
C ILE A 47 -5.03 11.58 -0.72
N LEU A 48 -4.51 11.44 -1.93
CA LEU A 48 -3.39 12.26 -2.39
C LEU A 48 -3.89 13.52 -3.07
N GLU A 49 -3.43 14.67 -2.58
CA GLU A 49 -3.83 15.95 -3.14
C GLU A 49 -2.62 16.87 -3.30
N ASP A 50 -2.74 17.84 -4.21
CA ASP A 50 -1.65 18.79 -4.45
C ASP A 50 -1.55 19.80 -3.32
N LYS A 51 -0.60 20.72 -3.44
CA LYS A 51 -0.39 21.75 -2.42
C LYS A 51 -1.72 22.36 -2.00
N ASP A 52 -2.51 22.80 -2.97
CA ASP A 52 -3.81 23.40 -2.70
C ASP A 52 -4.72 22.41 -1.99
N GLY A 53 -4.94 21.26 -2.60
CA GLY A 53 -5.80 20.25 -2.01
C GLY A 53 -6.81 19.69 -2.99
N LYS A 54 -6.36 19.48 -4.23
CA LYS A 54 -7.24 18.94 -5.27
C LYS A 54 -6.98 17.46 -5.47
N SER A 55 -8.06 16.68 -5.50
CA SER A 55 -7.95 15.23 -5.68
C SER A 55 -8.01 14.87 -7.15
N ARG A 56 -6.96 14.22 -7.64
CA ARG A 56 -6.89 13.81 -9.04
C ARG A 56 -7.30 12.35 -9.20
N GLY A 57 -8.29 11.93 -8.42
CA GLY A 57 -8.76 10.57 -8.49
C GLY A 57 -7.72 9.56 -8.05
N ILE A 58 -6.79 10.01 -7.23
CA ILE A 58 -5.72 9.15 -6.73
C ILE A 58 -5.69 9.13 -5.21
N GLY A 59 -5.80 7.94 -4.63
CA GLY A 59 -5.79 7.81 -3.19
C GLY A 59 -4.86 6.71 -2.72
N THR A 60 -4.69 6.60 -1.40
CA THR A 60 -3.81 5.59 -0.82
C THR A 60 -4.44 4.96 0.41
N VAL A 61 -4.22 3.66 0.59
CA VAL A 61 -4.75 2.95 1.74
C VAL A 61 -3.72 2.00 2.34
N THR A 62 -3.83 1.76 3.64
CA THR A 62 -2.90 0.87 4.33
C THR A 62 -3.65 -0.15 5.19
N PHE A 63 -3.55 -1.42 4.80
CA PHE A 63 -4.22 -2.49 5.53
C PHE A 63 -3.33 -3.02 6.64
N GLU A 64 -3.88 -3.90 7.48
CA GLU A 64 -3.14 -4.49 8.59
C GLU A 64 -2.13 -5.52 8.08
N GLN A 65 -2.63 -6.54 7.39
CA GLN A 65 -1.78 -7.59 6.86
C GLN A 65 -1.98 -7.74 5.35
N SER A 66 -0.98 -8.30 4.67
CA SER A 66 -1.05 -8.51 3.23
C SER A 66 -2.36 -9.17 2.84
N ILE A 67 -2.71 -10.24 3.53
CA ILE A 67 -3.95 -10.96 3.26
C ILE A 67 -5.09 -10.01 2.92
N GLU A 68 -5.52 -9.25 3.92
CA GLU A 68 -6.61 -8.29 3.72
C GLU A 68 -6.33 -7.38 2.53
N ALA A 69 -5.11 -6.83 2.48
CA ALA A 69 -4.71 -5.95 1.39
C ALA A 69 -5.05 -6.56 0.04
N VAL A 70 -4.60 -7.79 -0.18
CA VAL A 70 -4.85 -8.49 -1.44
C VAL A 70 -6.35 -8.54 -1.75
N GLN A 71 -7.13 -8.99 -0.77
CA GLN A 71 -8.57 -9.09 -0.94
C GLN A 71 -9.14 -7.81 -1.56
N ALA A 72 -8.74 -6.67 -1.02
CA ALA A 72 -9.20 -5.38 -1.51
C ALA A 72 -8.69 -5.13 -2.94
N ILE A 73 -7.37 -5.14 -3.10
CA ILE A 73 -6.78 -4.91 -4.41
C ILE A 73 -7.54 -5.64 -5.51
N SER A 74 -7.90 -6.89 -5.24
CA SER A 74 -8.63 -7.70 -6.20
C SER A 74 -10.10 -7.30 -6.24
N MET A 75 -10.80 -7.53 -5.12
CA MET A 75 -12.22 -7.19 -5.03
C MET A 75 -12.48 -5.78 -5.55
N PHE A 76 -11.42 -4.96 -5.59
CA PHE A 76 -11.55 -3.60 -6.08
C PHE A 76 -10.97 -3.46 -7.49
N ASN A 77 -9.99 -4.30 -7.80
CA ASN A 77 -9.35 -4.28 -9.11
C ASN A 77 -10.38 -4.45 -10.22
N GLY A 78 -10.59 -3.40 -10.99
CA GLY A 78 -11.55 -3.46 -12.08
C GLY A 78 -12.98 -3.21 -11.61
N GLN A 79 -13.12 -2.77 -10.37
CA GLN A 79 -14.43 -2.49 -9.80
C GLN A 79 -15.02 -1.22 -10.38
N LEU A 80 -16.26 -1.29 -10.84
CA LEU A 80 -16.95 -0.15 -11.41
C LEU A 80 -17.68 0.65 -10.35
N LEU A 81 -17.08 1.76 -9.93
CA LEU A 81 -17.68 2.62 -8.90
C LEU A 81 -18.17 3.92 -9.51
N PHE A 82 -19.46 4.20 -9.34
CA PHE A 82 -20.05 5.42 -9.88
C PHE A 82 -19.86 5.51 -11.38
N ASP A 83 -19.96 4.36 -12.05
CA ASP A 83 -19.79 4.31 -13.50
C ASP A 83 -18.36 4.64 -13.90
N ARG A 84 -17.42 4.32 -13.01
CA ARG A 84 -16.01 4.58 -13.26
C ARG A 84 -15.14 3.50 -12.64
N PRO A 85 -14.39 2.77 -13.48
CA PRO A 85 -13.51 1.70 -13.03
C PRO A 85 -12.30 2.23 -12.27
N MET A 86 -12.11 1.75 -11.04
CA MET A 86 -10.99 2.19 -10.22
C MET A 86 -9.73 1.38 -10.54
N HIS A 87 -8.57 1.95 -10.23
CA HIS A 87 -7.30 1.29 -10.50
C HIS A 87 -6.52 1.06 -9.20
N VAL A 88 -6.57 -0.16 -8.69
CA VAL A 88 -5.87 -0.50 -7.46
C VAL A 88 -4.71 -1.45 -7.73
N LYS A 89 -3.53 -1.08 -7.27
CA LYS A 89 -2.34 -1.90 -7.46
C LYS A 89 -1.40 -1.79 -6.27
N MET A 90 -0.75 -2.90 -5.93
CA MET A 90 0.18 -2.93 -4.81
C MET A 90 1.25 -1.85 -4.95
N ASP A 91 1.39 -1.01 -3.93
CA ASP A 91 2.37 0.06 -3.95
C ASP A 91 3.72 -0.42 -3.41
N GLU A 92 4.78 0.32 -3.71
CA GLU A 92 6.12 -0.03 -3.24
C GLU A 92 6.63 0.99 -2.25
N ARG A 93 6.47 0.69 -0.96
CA ARG A 93 6.93 1.59 0.10
C ARG A 93 8.22 1.07 0.74
N ALA A 94 9.35 1.62 0.31
CA ALA A 94 10.64 1.21 0.84
C ALA A 94 11.06 2.10 2.01
N LEU A 95 10.60 1.74 3.20
CA LEU A 95 10.94 2.51 4.40
C LEU A 95 11.23 1.57 5.58
N PRO A 96 12.23 1.94 6.38
CA PRO A 96 12.63 1.16 7.56
C PRO A 96 11.58 1.20 8.68
N LYS A 97 11.00 0.05 8.97
CA LYS A 97 9.99 -0.04 10.02
C LYS A 97 10.45 -0.96 11.15
N GLY A 98 10.56 -0.40 12.35
CA GLY A 98 10.99 -1.19 13.49
C GLY A 98 12.35 -0.77 14.01
N ASP A 99 12.38 0.24 14.86
CA ASP A 99 13.63 0.74 15.42
C ASP A 99 13.92 0.09 16.77
N PHE A 100 15.19 0.08 17.15
CA PHE A 100 15.61 -0.52 18.41
C PHE A 100 16.77 0.25 19.03
N PHE A 101 16.59 0.72 20.25
CA PHE A 101 17.62 1.47 20.95
C PHE A 101 17.95 0.83 22.30
N PRO A 102 18.78 -0.22 22.27
CA PRO A 102 19.18 -0.95 23.48
C PRO A 102 20.11 -0.12 24.36
N PRO A 103 20.01 -0.33 25.68
CA PRO A 103 20.84 0.39 26.66
C PRO A 103 22.30 -0.04 26.60
N GLU A 104 23.16 0.87 26.15
CA GLU A 104 24.59 0.59 26.04
C GLU A 104 25.41 1.79 26.50
N ARG A 105 26.69 1.55 26.76
CA ARG A 105 27.59 2.60 27.20
C ARG A 105 28.84 2.67 26.33
N PRO A 106 28.71 3.31 25.16
CA PRO A 106 29.81 3.46 24.22
C PRO A 106 30.89 4.41 24.72
N GLN A 107 32.13 4.15 24.31
CA GLN A 107 33.26 4.99 24.72
C GLN A 107 34.16 5.30 23.55
N GLN A 108 34.38 6.59 23.30
CA GLN A 108 35.23 7.02 22.20
C GLN A 108 36.71 6.90 22.57
N SER A 109 37.40 5.96 21.91
CA SER A 109 38.81 5.75 22.18
C SER A 109 39.46 4.94 21.05
N GLY A 110 40.75 5.15 20.84
CA GLY A 110 41.46 4.45 19.80
C GLY A 110 42.83 5.04 19.52
N PRO A 111 43.82 4.63 20.33
CA PRO A 111 45.19 5.11 20.19
C PRO A 111 45.88 4.58 18.94
N SER A 112 46.75 5.39 18.35
CA SER A 112 47.46 5.00 17.14
C SER A 112 48.95 4.83 17.41
N SER A 113 49.57 3.88 16.72
CA SER A 113 50.99 3.61 16.89
C SER A 113 51.47 2.55 15.89
N GLY A 114 52.75 2.62 15.55
CA GLY A 114 53.31 1.67 14.60
C GLY A 114 52.92 1.98 13.17
N GLY A 1 10.35 30.37 -19.27
CA GLY A 1 11.09 29.26 -18.70
C GLY A 1 10.20 28.08 -18.39
N SER A 2 10.79 26.89 -18.38
CA SER A 2 10.05 25.67 -18.09
C SER A 2 10.87 24.72 -17.23
N SER A 3 10.24 23.63 -16.79
CA SER A 3 10.91 22.65 -15.95
C SER A 3 10.79 21.24 -16.54
N GLY A 4 11.54 20.30 -15.98
CA GLY A 4 11.50 18.94 -16.47
C GLY A 4 12.24 17.97 -15.56
N SER A 5 13.47 17.65 -15.93
CA SER A 5 14.28 16.73 -15.14
C SER A 5 13.42 15.64 -14.51
N SER A 6 12.50 15.10 -15.30
CA SER A 6 11.60 14.05 -14.81
C SER A 6 12.27 12.69 -14.88
N GLY A 7 11.89 11.80 -13.96
CA GLY A 7 12.47 10.48 -13.94
C GLY A 7 11.55 9.46 -13.29
N ALA A 8 11.50 8.25 -13.87
CA ALA A 8 10.66 7.19 -13.34
C ALA A 8 11.49 6.02 -12.85
N LEU A 9 10.83 5.05 -12.22
CA LEU A 9 11.51 3.88 -11.69
C LEU A 9 10.69 2.61 -11.92
N GLN A 10 11.31 1.46 -11.71
CA GLN A 10 10.62 0.19 -11.89
C GLN A 10 10.82 -0.72 -10.67
N ALA A 11 9.74 -0.97 -9.96
CA ALA A 11 9.79 -1.82 -8.77
C ALA A 11 8.64 -2.83 -8.76
N GLY A 12 8.63 -3.71 -7.76
CA GLY A 12 7.59 -4.70 -7.65
C GLY A 12 7.68 -5.51 -6.38
N ARG A 13 7.59 -4.83 -5.24
CA ARG A 13 7.67 -5.49 -3.95
C ARG A 13 6.27 -5.75 -3.38
N LEU A 14 6.22 -6.36 -2.20
CA LEU A 14 4.95 -6.66 -1.55
C LEU A 14 4.82 -5.91 -0.24
N GLY A 15 3.62 -5.45 0.07
CA GLY A 15 3.38 -4.72 1.30
C GLY A 15 1.92 -4.71 1.70
N SER A 16 1.50 -3.64 2.36
CA SER A 16 0.11 -3.51 2.81
C SER A 16 -0.51 -2.23 2.30
N THR A 17 0.27 -1.45 1.54
CA THR A 17 -0.21 -0.20 0.99
C THR A 17 -0.66 -0.37 -0.46
N VAL A 18 -1.93 -0.05 -0.73
CA VAL A 18 -2.49 -0.16 -2.07
C VAL A 18 -2.61 1.20 -2.73
N PHE A 19 -2.18 1.29 -3.98
CA PHE A 19 -2.25 2.54 -4.72
C PHE A 19 -3.47 2.57 -5.64
N VAL A 20 -4.46 3.36 -5.25
CA VAL A 20 -5.69 3.47 -6.03
C VAL A 20 -5.63 4.66 -6.97
N ALA A 21 -6.03 4.44 -8.23
CA ALA A 21 -6.02 5.50 -9.23
C ALA A 21 -7.32 5.52 -10.02
N ASN A 22 -7.55 6.60 -10.75
CA ASN A 22 -8.75 6.75 -11.56
C ASN A 22 -10.00 6.75 -10.67
N LEU A 23 -10.01 7.62 -9.66
CA LEU A 23 -11.14 7.72 -8.74
C LEU A 23 -12.01 8.92 -9.07
N ASP A 24 -13.26 8.89 -8.63
CA ASP A 24 -14.19 9.98 -8.87
C ASP A 24 -14.08 11.04 -7.78
N TYR A 25 -13.97 12.30 -8.20
CA TYR A 25 -13.85 13.40 -7.25
C TYR A 25 -14.88 13.26 -6.12
N LYS A 26 -15.96 12.54 -6.40
CA LYS A 26 -17.00 12.33 -5.41
C LYS A 26 -16.52 11.43 -4.28
N VAL A 27 -15.75 10.41 -4.63
CA VAL A 27 -15.21 9.48 -3.64
C VAL A 27 -14.30 10.20 -2.66
N GLY A 28 -14.67 10.16 -1.38
CA GLY A 28 -13.88 10.80 -0.35
C GLY A 28 -13.15 9.81 0.54
N TRP A 29 -12.14 10.29 1.26
CA TRP A 29 -11.37 9.44 2.14
C TRP A 29 -12.27 8.52 2.95
N LYS A 30 -13.31 9.10 3.55
CA LYS A 30 -14.25 8.32 4.34
C LYS A 30 -14.82 7.16 3.54
N LYS A 31 -15.39 7.47 2.38
CA LYS A 31 -15.96 6.44 1.51
C LYS A 31 -14.95 5.34 1.22
N LEU A 32 -13.83 5.71 0.62
CA LEU A 32 -12.79 4.75 0.30
C LEU A 32 -12.49 3.84 1.47
N LYS A 33 -12.34 4.44 2.66
CA LYS A 33 -12.06 3.67 3.86
C LYS A 33 -13.18 2.67 4.15
N GLU A 34 -14.41 3.18 4.25
CA GLU A 34 -15.57 2.35 4.52
C GLU A 34 -15.64 1.18 3.53
N VAL A 35 -15.71 1.52 2.24
CA VAL A 35 -15.77 0.51 1.19
C VAL A 35 -14.66 -0.53 1.35
N PHE A 36 -13.47 -0.06 1.68
CA PHE A 36 -12.32 -0.94 1.86
C PHE A 36 -12.48 -1.79 3.13
N SER A 37 -13.20 -1.26 4.10
CA SER A 37 -13.43 -1.96 5.36
C SER A 37 -13.74 -3.43 5.11
N MET A 38 -14.30 -3.72 3.94
CA MET A 38 -14.65 -5.09 3.57
C MET A 38 -13.47 -6.02 3.77
N ALA A 39 -12.44 -5.86 2.92
CA ALA A 39 -11.25 -6.68 3.01
C ALA A 39 -10.76 -6.81 4.45
N GLY A 40 -10.50 -5.67 5.08
CA GLY A 40 -10.03 -5.67 6.45
C GLY A 40 -10.13 -4.31 7.10
N VAL A 41 -9.33 -4.09 8.14
CA VAL A 41 -9.34 -2.82 8.85
C VAL A 41 -8.29 -1.87 8.28
N VAL A 42 -8.76 -0.84 7.58
CA VAL A 42 -7.87 0.15 6.98
C VAL A 42 -7.04 0.86 8.05
N VAL A 43 -5.79 0.44 8.20
CA VAL A 43 -4.90 1.03 9.18
C VAL A 43 -4.78 2.54 8.97
N ARG A 44 -4.58 2.95 7.72
CA ARG A 44 -4.45 4.36 7.39
C ARG A 44 -5.09 4.66 6.04
N ALA A 45 -6.06 5.58 6.03
CA ALA A 45 -6.75 5.95 4.81
C ALA A 45 -6.51 7.42 4.48
N ASP A 46 -6.06 7.69 3.25
CA ASP A 46 -5.80 9.05 2.81
C ASP A 46 -5.94 9.17 1.30
N ILE A 47 -6.26 10.37 0.84
CA ILE A 47 -6.43 10.62 -0.59
C ILE A 47 -5.43 11.66 -1.09
N LEU A 48 -4.72 11.32 -2.16
CA LEU A 48 -3.73 12.22 -2.74
C LEU A 48 -4.38 13.50 -3.23
N GLU A 49 -3.92 14.64 -2.70
CA GLU A 49 -4.46 15.93 -3.08
C GLU A 49 -3.34 16.93 -3.34
N ASP A 50 -3.70 18.10 -3.87
CA ASP A 50 -2.73 19.14 -4.17
C ASP A 50 -2.59 20.12 -3.01
N LYS A 51 -1.51 20.89 -3.02
CA LYS A 51 -1.27 21.86 -1.95
C LYS A 51 -2.55 22.58 -1.57
N ASP A 52 -3.29 23.05 -2.56
CA ASP A 52 -4.55 23.76 -2.32
C ASP A 52 -5.57 22.83 -1.66
N GLY A 53 -5.67 21.61 -2.18
CA GLY A 53 -6.61 20.65 -1.64
C GLY A 53 -7.56 20.11 -2.69
N LYS A 54 -7.15 20.17 -3.96
CA LYS A 54 -7.97 19.69 -5.06
C LYS A 54 -7.78 18.19 -5.26
N SER A 55 -8.81 17.53 -5.77
CA SER A 55 -8.76 16.10 -6.02
C SER A 55 -8.01 15.79 -7.31
N ARG A 56 -7.06 14.87 -7.22
CA ARG A 56 -6.27 14.48 -8.38
C ARG A 56 -6.83 13.22 -9.03
N GLY A 57 -7.42 12.35 -8.21
CA GLY A 57 -7.98 11.11 -8.73
C GLY A 57 -7.22 9.90 -8.28
N ILE A 58 -6.39 10.06 -7.25
CA ILE A 58 -5.60 8.96 -6.73
C ILE A 58 -5.68 8.90 -5.20
N GLY A 59 -5.84 7.71 -4.67
CA GLY A 59 -5.93 7.54 -3.23
C GLY A 59 -4.96 6.49 -2.70
N THR A 60 -4.90 6.36 -1.38
CA THR A 60 -4.01 5.40 -0.75
C THR A 60 -4.66 4.75 0.47
N VAL A 61 -4.60 3.43 0.53
CA VAL A 61 -5.18 2.69 1.65
C VAL A 61 -4.16 1.73 2.27
N THR A 62 -4.02 1.81 3.58
CA THR A 62 -3.08 0.95 4.30
C THR A 62 -3.82 -0.08 5.15
N PHE A 63 -3.71 -1.35 4.78
CA PHE A 63 -4.37 -2.42 5.51
C PHE A 63 -3.47 -2.94 6.63
N GLU A 64 -4.01 -3.83 7.45
CA GLU A 64 -3.26 -4.40 8.57
C GLU A 64 -2.23 -5.40 8.07
N GLN A 65 -2.69 -6.40 7.32
CA GLN A 65 -1.81 -7.42 6.77
C GLN A 65 -1.97 -7.55 5.26
N SER A 66 -0.98 -8.12 4.60
CA SER A 66 -1.01 -8.30 3.15
C SER A 66 -2.29 -9.00 2.73
N ILE A 67 -2.61 -10.10 3.42
CA ILE A 67 -3.81 -10.87 3.11
C ILE A 67 -5.00 -9.95 2.84
N GLU A 68 -5.37 -9.16 3.84
CA GLU A 68 -6.49 -8.23 3.71
C GLU A 68 -6.31 -7.32 2.51
N ALA A 69 -5.11 -6.75 2.38
CA ALA A 69 -4.80 -5.86 1.27
C ALA A 69 -5.14 -6.52 -0.07
N VAL A 70 -4.55 -7.69 -0.31
CA VAL A 70 -4.77 -8.41 -1.55
C VAL A 70 -6.26 -8.59 -1.82
N GLN A 71 -7.01 -8.96 -0.78
CA GLN A 71 -8.45 -9.16 -0.90
C GLN A 71 -9.12 -7.92 -1.50
N ALA A 72 -8.76 -6.75 -0.98
CA ALA A 72 -9.33 -5.50 -1.46
C ALA A 72 -8.82 -5.16 -2.85
N ILE A 73 -7.51 -5.29 -3.04
CA ILE A 73 -6.89 -5.00 -4.33
C ILE A 73 -7.62 -5.69 -5.46
N SER A 74 -7.87 -6.99 -5.29
CA SER A 74 -8.57 -7.78 -6.30
C SER A 74 -10.05 -7.41 -6.35
N MET A 75 -10.71 -7.49 -5.20
CA MET A 75 -12.13 -7.16 -5.11
C MET A 75 -12.41 -5.77 -5.64
N PHE A 76 -11.37 -4.93 -5.65
CA PHE A 76 -11.50 -3.56 -6.14
C PHE A 76 -10.86 -3.40 -7.52
N ASN A 77 -10.04 -4.38 -7.89
CA ASN A 77 -9.37 -4.36 -9.19
C ASN A 77 -10.38 -4.43 -10.33
N GLY A 78 -10.52 -3.34 -11.06
CA GLY A 78 -11.46 -3.29 -12.17
C GLY A 78 -12.89 -3.07 -11.71
N GLN A 79 -13.06 -2.75 -10.44
CA GLN A 79 -14.39 -2.52 -9.88
C GLN A 79 -14.98 -1.20 -10.41
N LEU A 80 -16.23 -1.26 -10.84
CA LEU A 80 -16.91 -0.09 -11.37
C LEU A 80 -17.54 0.72 -10.24
N LEU A 81 -16.87 1.80 -9.84
CA LEU A 81 -17.37 2.66 -8.77
C LEU A 81 -17.87 3.99 -9.33
N PHE A 82 -19.13 4.30 -9.07
CA PHE A 82 -19.72 5.54 -9.55
C PHE A 82 -19.64 5.64 -11.07
N ASP A 83 -19.84 4.52 -11.74
CA ASP A 83 -19.78 4.46 -13.19
C ASP A 83 -18.37 4.73 -13.69
N ARG A 84 -17.38 4.39 -12.87
CA ARG A 84 -15.99 4.60 -13.23
C ARG A 84 -15.11 3.47 -12.67
N PRO A 85 -14.35 2.82 -13.56
CA PRO A 85 -13.45 1.72 -13.18
C PRO A 85 -12.27 2.19 -12.35
N MET A 86 -12.14 1.65 -11.14
CA MET A 86 -11.06 2.01 -10.24
C MET A 86 -9.80 1.21 -10.57
N HIS A 87 -8.63 1.78 -10.25
CA HIS A 87 -7.37 1.12 -10.50
C HIS A 87 -6.61 0.87 -9.20
N VAL A 88 -6.67 -0.36 -8.71
CA VAL A 88 -5.98 -0.71 -7.48
C VAL A 88 -4.76 -1.59 -7.75
N LYS A 89 -3.58 -1.05 -7.46
CA LYS A 89 -2.33 -1.78 -7.68
C LYS A 89 -1.42 -1.68 -6.45
N MET A 90 -0.69 -2.74 -6.17
CA MET A 90 0.21 -2.76 -5.04
C MET A 90 1.26 -1.66 -5.16
N ASP A 91 1.57 -1.02 -4.04
CA ASP A 91 2.55 0.06 -4.01
C ASP A 91 3.96 -0.49 -4.22
N GLU A 92 4.92 0.41 -4.41
CA GLU A 92 6.31 0.02 -4.63
C GLU A 92 7.10 0.06 -3.32
N ARG A 93 6.97 1.18 -2.60
CA ARG A 93 7.67 1.35 -1.34
C ARG A 93 6.68 1.37 -0.17
N ALA A 94 6.40 0.18 0.36
CA ALA A 94 5.47 0.06 1.49
C ALA A 94 6.12 -0.66 2.66
N LEU A 95 7.41 -0.41 2.86
CA LEU A 95 8.16 -1.04 3.95
C LEU A 95 9.48 -0.30 4.20
N PRO A 96 9.83 -0.17 5.49
CA PRO A 96 11.06 0.51 5.90
C PRO A 96 12.31 -0.28 5.53
N LYS A 97 13.41 0.42 5.28
CA LYS A 97 14.67 -0.21 4.92
C LYS A 97 15.41 -0.69 6.16
N GLY A 98 15.08 -1.89 6.63
CA GLY A 98 15.73 -2.43 7.81
C GLY A 98 15.86 -3.94 7.75
N ASP A 99 17.09 -4.43 7.63
CA ASP A 99 17.34 -5.86 7.56
C ASP A 99 18.48 -6.26 8.48
N PHE A 100 18.22 -7.19 9.38
CA PHE A 100 19.23 -7.65 10.33
C PHE A 100 18.92 -9.06 10.82
N PHE A 101 19.89 -9.96 10.67
CA PHE A 101 19.72 -11.35 11.10
C PHE A 101 20.90 -11.80 11.96
N PRO A 102 20.60 -12.59 13.00
CA PRO A 102 21.61 -13.10 13.92
C PRO A 102 22.50 -14.16 13.27
N PRO A 103 23.76 -14.23 13.72
CA PRO A 103 24.73 -15.19 13.19
C PRO A 103 24.40 -16.62 13.59
N GLU A 104 25.18 -17.57 13.06
CA GLU A 104 24.97 -18.98 13.36
C GLU A 104 26.31 -19.70 13.55
N ARG A 105 26.65 -20.00 14.79
CA ARG A 105 27.89 -20.69 15.10
C ARG A 105 27.80 -22.17 14.76
N PRO A 106 28.91 -22.74 14.26
CA PRO A 106 28.98 -24.15 13.88
C PRO A 106 28.92 -25.08 15.09
N GLN A 107 28.05 -26.08 15.02
CA GLN A 107 27.90 -27.03 16.11
C GLN A 107 28.50 -28.38 15.73
N GLN A 108 29.27 -28.96 16.64
CA GLN A 108 29.89 -30.26 16.41
C GLN A 108 29.45 -31.28 17.46
N SER A 109 28.69 -32.28 17.02
CA SER A 109 28.20 -33.32 17.91
C SER A 109 28.11 -34.65 17.20
N GLY A 110 28.64 -35.70 17.83
CA GLY A 110 28.62 -37.01 17.22
C GLY A 110 29.06 -38.10 18.19
N PRO A 111 29.49 -39.24 17.65
CA PRO A 111 29.95 -40.38 18.45
C PRO A 111 31.27 -40.10 19.15
N SER A 112 31.78 -38.88 18.98
CA SER A 112 33.04 -38.50 19.59
C SER A 112 33.14 -39.03 21.01
N SER A 113 32.01 -39.09 21.70
CA SER A 113 31.98 -39.59 23.07
C SER A 113 30.63 -40.23 23.38
N GLY A 114 30.63 -41.56 23.52
CA GLY A 114 29.40 -42.28 23.82
C GLY A 114 28.43 -42.24 22.66
N GLY A 1 35.95 -4.43 -11.17
CA GLY A 1 36.57 -4.07 -9.91
C GLY A 1 35.88 -2.90 -9.23
N SER A 2 35.48 -3.11 -7.98
CA SER A 2 34.79 -2.07 -7.22
C SER A 2 34.78 -2.40 -5.73
N SER A 3 34.33 -1.46 -4.93
CA SER A 3 34.27 -1.64 -3.48
C SER A 3 33.12 -2.57 -3.09
N GLY A 4 31.96 -2.33 -3.68
CA GLY A 4 30.80 -3.15 -3.39
C GLY A 4 29.76 -2.41 -2.58
N SER A 5 28.48 -2.69 -2.84
CA SER A 5 27.39 -2.05 -2.13
C SER A 5 27.03 -2.82 -0.87
N SER A 6 26.76 -2.10 0.21
CA SER A 6 26.40 -2.71 1.48
C SER A 6 25.37 -3.81 1.27
N GLY A 7 24.35 -3.52 0.47
CA GLY A 7 23.31 -4.51 0.20
C GLY A 7 22.41 -4.73 1.39
N ALA A 8 21.85 -3.64 1.92
CA ALA A 8 20.96 -3.73 3.07
C ALA A 8 19.63 -3.04 2.79
N LEU A 9 18.65 -3.27 3.66
CA LEU A 9 17.33 -2.67 3.50
C LEU A 9 16.46 -2.93 4.73
N GLN A 10 15.33 -2.24 4.80
CA GLN A 10 14.42 -2.40 5.93
C GLN A 10 13.10 -3.04 5.48
N ALA A 11 12.52 -2.49 4.42
CA ALA A 11 11.27 -3.01 3.89
C ALA A 11 11.38 -4.50 3.58
N GLY A 12 10.27 -5.08 3.13
CA GLY A 12 10.26 -6.51 2.80
C GLY A 12 8.91 -7.14 3.04
N ARG A 13 8.58 -7.36 4.31
CA ARG A 13 7.31 -7.97 4.67
C ARG A 13 6.31 -6.92 5.16
N LEU A 14 6.81 -5.96 5.94
CA LEU A 14 5.97 -4.89 6.47
C LEU A 14 5.64 -3.87 5.39
N GLY A 15 4.55 -4.12 4.67
CA GLY A 15 4.14 -3.21 3.61
C GLY A 15 2.88 -3.66 2.90
N SER A 16 1.73 -3.30 3.45
CA SER A 16 0.46 -3.68 2.87
C SER A 16 -0.33 -2.45 2.41
N THR A 17 0.32 -1.61 1.62
CA THR A 17 -0.30 -0.39 1.12
C THR A 17 -0.76 -0.57 -0.33
N VAL A 18 -1.98 -0.13 -0.61
CA VAL A 18 -2.54 -0.24 -1.96
C VAL A 18 -2.71 1.13 -2.60
N PHE A 19 -2.30 1.24 -3.86
CA PHE A 19 -2.40 2.50 -4.60
C PHE A 19 -3.67 2.54 -5.45
N VAL A 20 -4.58 3.45 -5.10
CA VAL A 20 -5.83 3.58 -5.84
C VAL A 20 -5.76 4.73 -6.84
N ALA A 21 -6.30 4.52 -8.04
CA ALA A 21 -6.30 5.54 -9.07
C ALA A 21 -7.61 5.53 -9.85
N ASN A 22 -7.83 6.58 -10.63
CA ASN A 22 -9.05 6.71 -11.42
C ASN A 22 -10.28 6.77 -10.53
N LEU A 23 -10.18 7.53 -9.44
CA LEU A 23 -11.28 7.66 -8.49
C LEU A 23 -12.15 8.86 -8.86
N ASP A 24 -13.44 8.76 -8.55
CA ASP A 24 -14.37 9.85 -8.84
C ASP A 24 -14.26 10.96 -7.80
N TYR A 25 -14.26 12.21 -8.27
CA TYR A 25 -14.15 13.36 -7.39
C TYR A 25 -15.03 13.19 -6.16
N LYS A 26 -16.15 12.50 -6.33
CA LYS A 26 -17.08 12.26 -5.23
C LYS A 26 -16.45 11.35 -4.17
N VAL A 27 -15.72 10.34 -4.62
CA VAL A 27 -15.07 9.41 -3.72
C VAL A 27 -14.19 10.14 -2.70
N GLY A 28 -14.61 10.11 -1.45
CA GLY A 28 -13.86 10.78 -0.40
C GLY A 28 -13.11 9.80 0.49
N TRP A 29 -12.24 10.33 1.35
CA TRP A 29 -11.46 9.49 2.25
C TRP A 29 -12.36 8.64 3.14
N LYS A 30 -13.54 9.18 3.47
CA LYS A 30 -14.49 8.46 4.31
C LYS A 30 -15.07 7.26 3.56
N LYS A 31 -15.58 7.51 2.37
CA LYS A 31 -16.16 6.45 1.55
C LYS A 31 -15.12 5.40 1.18
N LEU A 32 -13.92 5.86 0.84
CA LEU A 32 -12.83 4.96 0.47
C LEU A 32 -12.50 4.02 1.61
N LYS A 33 -12.14 4.58 2.76
CA LYS A 33 -11.80 3.78 3.94
C LYS A 33 -12.91 2.79 4.26
N GLU A 34 -14.11 3.31 4.49
CA GLU A 34 -15.26 2.46 4.81
C GLU A 34 -15.39 1.32 3.81
N VAL A 35 -15.54 1.67 2.53
CA VAL A 35 -15.67 0.69 1.47
C VAL A 35 -14.55 -0.33 1.53
N PHE A 36 -13.34 0.13 1.81
CA PHE A 36 -12.18 -0.74 1.89
C PHE A 36 -12.23 -1.60 3.15
N SER A 37 -13.06 -1.18 4.10
CA SER A 37 -13.20 -1.91 5.36
C SER A 37 -13.63 -3.35 5.11
N MET A 38 -14.18 -3.61 3.93
CA MET A 38 -14.64 -4.94 3.57
C MET A 38 -13.50 -5.94 3.65
N ALA A 39 -12.51 -5.81 2.77
CA ALA A 39 -11.36 -6.70 2.76
C ALA A 39 -10.90 -7.03 4.18
N GLY A 40 -10.88 -6.01 5.03
CA GLY A 40 -10.45 -6.20 6.40
C GLY A 40 -10.53 -4.93 7.22
N VAL A 41 -9.38 -4.32 7.47
CA VAL A 41 -9.33 -3.08 8.25
C VAL A 41 -8.26 -2.14 7.72
N VAL A 42 -8.68 -0.97 7.25
CA VAL A 42 -7.75 0.02 6.72
C VAL A 42 -7.00 0.72 7.84
N VAL A 43 -5.74 0.32 8.04
CA VAL A 43 -4.91 0.92 9.08
C VAL A 43 -4.92 2.44 8.99
N ARG A 44 -4.78 2.94 7.77
CA ARG A 44 -4.77 4.39 7.55
C ARG A 44 -5.12 4.71 6.09
N ALA A 45 -6.16 5.51 5.90
CA ALA A 45 -6.59 5.90 4.56
C ALA A 45 -6.26 7.37 4.29
N ASP A 46 -5.72 7.63 3.10
CA ASP A 46 -5.36 8.99 2.71
C ASP A 46 -5.71 9.25 1.25
N ILE A 47 -6.00 10.51 0.93
CA ILE A 47 -6.35 10.88 -0.44
C ILE A 47 -5.44 11.99 -0.95
N LEU A 48 -4.82 11.75 -2.10
CA LEU A 48 -3.93 12.74 -2.70
C LEU A 48 -4.71 13.88 -3.33
N GLU A 49 -4.41 15.10 -2.92
CA GLU A 49 -5.09 16.28 -3.44
C GLU A 49 -4.10 17.25 -4.07
N ASP A 50 -4.62 18.22 -4.81
CA ASP A 50 -3.78 19.21 -5.47
C ASP A 50 -3.51 20.40 -4.55
N LYS A 51 -2.48 21.17 -4.88
CA LYS A 51 -2.11 22.33 -4.07
C LYS A 51 -3.34 23.00 -3.48
N ASP A 52 -4.26 23.42 -4.35
CA ASP A 52 -5.49 24.07 -3.91
C ASP A 52 -6.20 23.24 -2.85
N GLY A 53 -6.25 21.93 -3.07
CA GLY A 53 -6.90 21.05 -2.11
C GLY A 53 -8.07 20.30 -2.72
N LYS A 54 -8.14 20.30 -4.05
CA LYS A 54 -9.22 19.61 -4.75
C LYS A 54 -8.86 18.16 -5.04
N SER A 55 -9.85 17.37 -5.45
CA SER A 55 -9.62 15.96 -5.75
C SER A 55 -8.83 15.81 -7.04
N ARG A 56 -7.99 14.77 -7.09
CA ARG A 56 -7.18 14.51 -8.27
C ARG A 56 -7.53 13.16 -8.89
N GLY A 57 -8.11 12.28 -8.08
CA GLY A 57 -8.50 10.96 -8.58
C GLY A 57 -7.52 9.88 -8.16
N ILE A 58 -6.71 10.17 -7.15
CA ILE A 58 -5.73 9.21 -6.67
C ILE A 58 -5.77 9.11 -5.15
N GLY A 59 -5.91 7.88 -4.65
CA GLY A 59 -5.96 7.66 -3.22
C GLY A 59 -4.98 6.60 -2.75
N THR A 60 -4.77 6.52 -1.45
CA THR A 60 -3.86 5.54 -0.88
C THR A 60 -4.41 4.94 0.41
N VAL A 61 -4.43 3.62 0.47
CA VAL A 61 -4.94 2.92 1.65
C VAL A 61 -3.90 1.95 2.22
N THR A 62 -3.81 1.90 3.53
CA THR A 62 -2.86 1.01 4.20
C THR A 62 -3.57 0.02 5.12
N PHE A 63 -3.42 -1.27 4.81
CA PHE A 63 -4.05 -2.32 5.60
C PHE A 63 -3.10 -2.83 6.67
N GLU A 64 -3.54 -3.85 7.41
CA GLU A 64 -2.72 -4.44 8.46
C GLU A 64 -1.75 -5.47 7.89
N GLN A 65 -2.30 -6.46 7.19
CA GLN A 65 -1.49 -7.51 6.58
C GLN A 65 -1.83 -7.68 5.10
N SER A 66 -0.93 -8.33 4.37
CA SER A 66 -1.13 -8.55 2.94
C SER A 66 -2.49 -9.20 2.69
N ILE A 67 -2.78 -10.26 3.44
CA ILE A 67 -4.04 -10.97 3.28
C ILE A 67 -5.19 -10.01 2.99
N GLU A 68 -5.46 -9.12 3.95
CA GLU A 68 -6.54 -8.15 3.79
C GLU A 68 -6.30 -7.26 2.57
N ALA A 69 -5.05 -6.86 2.38
CA ALA A 69 -4.68 -6.01 1.24
C ALA A 69 -5.14 -6.63 -0.07
N VAL A 70 -4.63 -7.83 -0.36
CA VAL A 70 -4.99 -8.53 -1.59
C VAL A 70 -6.50 -8.61 -1.75
N GLN A 71 -7.18 -9.05 -0.70
CA GLN A 71 -8.63 -9.17 -0.73
C GLN A 71 -9.28 -7.90 -1.29
N ALA A 72 -8.77 -6.75 -0.86
CA ALA A 72 -9.29 -5.48 -1.32
C ALA A 72 -8.83 -5.15 -2.73
N ILE A 73 -7.52 -5.28 -2.96
CA ILE A 73 -6.95 -5.01 -4.27
C ILE A 73 -7.69 -5.79 -5.37
N SER A 74 -8.02 -7.03 -5.07
CA SER A 74 -8.73 -7.87 -6.03
C SER A 74 -10.21 -7.50 -6.10
N MET A 75 -10.85 -7.43 -4.93
CA MET A 75 -12.26 -7.09 -4.85
C MET A 75 -12.51 -5.71 -5.45
N PHE A 76 -11.46 -4.90 -5.50
CA PHE A 76 -11.57 -3.54 -6.04
C PHE A 76 -10.96 -3.46 -7.44
N ASN A 77 -10.07 -4.40 -7.74
CA ASN A 77 -9.42 -4.44 -9.04
C ASN A 77 -10.44 -4.55 -10.17
N GLY A 78 -10.58 -3.49 -10.95
CA GLY A 78 -11.52 -3.48 -12.04
C GLY A 78 -12.93 -3.20 -11.59
N GLN A 79 -13.09 -2.77 -10.34
CA GLN A 79 -14.39 -2.46 -9.78
C GLN A 79 -14.95 -1.16 -10.38
N LEU A 80 -16.13 -1.25 -10.97
CA LEU A 80 -16.76 -0.08 -11.57
C LEU A 80 -17.50 0.74 -10.52
N LEU A 81 -16.92 1.89 -10.16
CA LEU A 81 -17.52 2.77 -9.17
C LEU A 81 -17.95 4.08 -9.79
N PHE A 82 -19.23 4.41 -9.68
CA PHE A 82 -19.76 5.65 -10.24
C PHE A 82 -19.53 5.71 -11.74
N ASP A 83 -19.60 4.56 -12.40
CA ASP A 83 -19.39 4.48 -13.84
C ASP A 83 -17.93 4.73 -14.20
N ARG A 84 -17.03 4.40 -13.26
CA ARG A 84 -15.61 4.59 -13.47
C ARG A 84 -14.81 3.45 -12.85
N PRO A 85 -14.05 2.73 -13.69
CA PRO A 85 -13.23 1.60 -13.24
C PRO A 85 -12.04 2.05 -12.40
N MET A 86 -12.05 1.70 -11.12
CA MET A 86 -10.97 2.07 -10.21
C MET A 86 -9.71 1.25 -10.51
N HIS A 87 -8.57 1.77 -10.07
CA HIS A 87 -7.30 1.09 -10.29
C HIS A 87 -6.55 0.88 -8.98
N VAL A 88 -6.58 -0.35 -8.48
CA VAL A 88 -5.91 -0.68 -7.22
C VAL A 88 -4.72 -1.60 -7.46
N LYS A 89 -3.53 -1.07 -7.26
CA LYS A 89 -2.30 -1.85 -7.45
C LYS A 89 -1.44 -1.82 -6.20
N MET A 90 -0.81 -2.95 -5.90
CA MET A 90 0.04 -3.06 -4.72
C MET A 90 1.14 -2.02 -4.75
N ASP A 91 1.41 -1.41 -3.60
CA ASP A 91 2.44 -0.39 -3.49
C ASP A 91 3.83 -0.99 -3.68
N GLU A 92 4.74 -0.22 -4.27
CA GLU A 92 6.09 -0.68 -4.51
C GLU A 92 7.00 -0.36 -3.32
N ARG A 93 7.03 0.92 -2.95
CA ARG A 93 7.86 1.37 -1.83
C ARG A 93 7.06 2.25 -0.87
N ALA A 94 7.09 1.91 0.41
CA ALA A 94 6.36 2.67 1.42
C ALA A 94 7.27 3.04 2.59
N LEU A 95 8.48 3.48 2.28
CA LEU A 95 9.44 3.86 3.31
C LEU A 95 9.96 5.28 3.08
N PRO A 96 9.98 6.08 4.16
CA PRO A 96 10.46 7.46 4.10
C PRO A 96 11.96 7.56 3.86
N LYS A 97 12.35 8.28 2.83
CA LYS A 97 13.76 8.46 2.50
C LYS A 97 14.60 8.63 3.76
N GLY A 98 14.07 9.38 4.72
CA GLY A 98 14.79 9.62 5.96
C GLY A 98 16.02 10.47 5.77
N ASP A 99 16.38 11.23 6.80
CA ASP A 99 17.55 12.09 6.74
C ASP A 99 18.73 11.46 7.50
N PHE A 100 18.82 10.15 7.43
CA PHE A 100 19.90 9.42 8.11
C PHE A 100 21.05 9.12 7.14
N PHE A 101 21.35 10.07 6.27
CA PHE A 101 22.41 9.89 5.30
C PHE A 101 23.55 10.88 5.54
N PRO A 102 24.42 10.54 6.50
CA PRO A 102 25.57 11.38 6.86
C PRO A 102 26.63 11.42 5.76
N PRO A 103 27.46 12.47 5.78
CA PRO A 103 28.53 12.65 4.79
C PRO A 103 29.66 11.64 4.97
N GLU A 104 29.64 10.60 4.15
CA GLU A 104 30.67 9.56 4.23
C GLU A 104 31.41 9.44 2.90
N ARG A 105 32.68 9.03 2.96
CA ARG A 105 33.49 8.87 1.76
C ARG A 105 33.60 7.40 1.37
N PRO A 106 33.74 7.16 0.06
CA PRO A 106 33.85 5.79 -0.47
C PRO A 106 35.18 5.14 -0.11
N GLN A 107 36.19 5.97 0.15
CA GLN A 107 37.52 5.46 0.50
C GLN A 107 37.54 4.98 1.96
N GLN A 108 38.33 3.95 2.22
CA GLN A 108 38.44 3.39 3.56
C GLN A 108 39.36 4.25 4.43
N SER A 109 39.11 4.24 5.73
CA SER A 109 39.91 5.01 6.67
C SER A 109 41.37 4.61 6.61
N GLY A 110 41.62 3.31 6.53
CA GLY A 110 42.97 2.80 6.46
C GLY A 110 43.31 2.21 5.11
N PRO A 111 44.61 2.20 4.77
CA PRO A 111 45.09 1.67 3.49
C PRO A 111 44.96 0.15 3.41
N SER A 112 44.72 -0.47 4.57
CA SER A 112 44.57 -1.92 4.63
C SER A 112 43.60 -2.42 3.56
N SER A 113 42.35 -1.98 3.66
CA SER A 113 41.33 -2.39 2.70
C SER A 113 41.48 -1.64 1.38
N GLY A 114 42.13 -2.29 0.42
CA GLY A 114 42.33 -1.67 -0.88
C GLY A 114 43.22 -2.51 -1.78
N GLY A 1 40.23 11.38 -6.16
CA GLY A 1 38.99 10.69 -5.87
C GLY A 1 37.81 11.28 -6.63
N SER A 2 36.88 10.42 -7.04
CA SER A 2 35.70 10.86 -7.78
C SER A 2 34.57 9.84 -7.64
N SER A 3 33.35 10.29 -7.94
CA SER A 3 32.18 9.42 -7.86
C SER A 3 31.30 9.56 -9.10
N GLY A 4 30.57 8.50 -9.43
CA GLY A 4 29.70 8.53 -10.58
C GLY A 4 28.47 7.66 -10.41
N SER A 5 27.30 8.28 -10.53
CA SER A 5 26.03 7.55 -10.37
C SER A 5 25.22 7.60 -11.67
N SER A 6 24.17 6.80 -11.73
CA SER A 6 23.31 6.75 -12.90
C SER A 6 21.85 7.03 -12.52
N GLY A 7 21.34 6.25 -11.59
CA GLY A 7 19.96 6.43 -11.15
C GLY A 7 19.03 5.38 -11.71
N ALA A 8 18.79 4.32 -10.94
CA ALA A 8 17.91 3.25 -11.36
C ALA A 8 17.25 2.57 -10.16
N LEU A 9 15.98 2.19 -10.32
CA LEU A 9 15.24 1.54 -9.25
C LEU A 9 14.32 0.46 -9.81
N GLN A 10 14.08 -0.57 -9.01
CA GLN A 10 13.21 -1.66 -9.43
C GLN A 10 11.89 -1.64 -8.67
N ALA A 11 10.86 -2.26 -9.24
CA ALA A 11 9.54 -2.31 -8.61
C ALA A 11 9.55 -3.25 -7.42
N GLY A 12 8.52 -3.13 -6.57
CA GLY A 12 8.42 -3.98 -5.40
C GLY A 12 7.09 -4.70 -5.31
N ARG A 13 7.05 -5.82 -4.61
CA ARG A 13 5.83 -6.60 -4.45
C ARG A 13 5.44 -6.70 -2.98
N LEU A 14 6.44 -6.91 -2.12
CA LEU A 14 6.19 -7.03 -0.69
C LEU A 14 5.70 -5.72 -0.10
N GLY A 15 4.55 -5.77 0.58
CA GLY A 15 3.99 -4.57 1.18
C GLY A 15 2.47 -4.58 1.18
N SER A 16 1.88 -3.70 1.96
CA SER A 16 0.43 -3.61 2.06
C SER A 16 -0.09 -2.37 1.34
N THR A 17 0.54 -1.23 1.61
CA THR A 17 0.14 0.03 1.00
C THR A 17 -0.35 -0.18 -0.43
N VAL A 18 -1.63 0.08 -0.66
CA VAL A 18 -2.21 -0.08 -1.98
C VAL A 18 -2.44 1.26 -2.65
N PHE A 19 -2.11 1.34 -3.95
CA PHE A 19 -2.28 2.58 -4.70
C PHE A 19 -3.57 2.54 -5.52
N VAL A 20 -4.47 3.48 -5.23
CA VAL A 20 -5.74 3.56 -5.93
C VAL A 20 -5.76 4.73 -6.91
N ALA A 21 -6.23 4.49 -8.12
CA ALA A 21 -6.30 5.53 -9.14
C ALA A 21 -7.62 5.45 -9.90
N ASN A 22 -7.87 6.46 -10.75
CA ASN A 22 -9.10 6.51 -11.53
C ASN A 22 -10.33 6.54 -10.62
N LEU A 23 -10.24 7.31 -9.55
CA LEU A 23 -11.34 7.43 -8.60
C LEU A 23 -12.28 8.57 -9.00
N ASP A 24 -13.53 8.48 -8.56
CA ASP A 24 -14.52 9.50 -8.87
C ASP A 24 -14.18 10.81 -8.17
N TYR A 25 -14.76 11.90 -8.66
CA TYR A 25 -14.52 13.22 -8.08
C TYR A 25 -15.32 13.41 -6.80
N LYS A 26 -16.51 12.81 -6.76
CA LYS A 26 -17.37 12.92 -5.60
C LYS A 26 -17.02 11.85 -4.56
N VAL A 27 -15.73 11.61 -4.38
CA VAL A 27 -15.26 10.61 -3.42
C VAL A 27 -14.60 11.28 -2.22
N GLY A 28 -14.43 10.52 -1.14
CA GLY A 28 -13.82 11.05 0.06
C GLY A 28 -13.10 9.98 0.85
N TRP A 29 -12.03 10.38 1.54
CA TRP A 29 -11.25 9.45 2.35
C TRP A 29 -12.15 8.47 3.09
N LYS A 30 -13.31 8.96 3.52
CA LYS A 30 -14.27 8.14 4.25
C LYS A 30 -14.85 7.05 3.34
N LYS A 31 -15.43 7.46 2.21
CA LYS A 31 -16.01 6.53 1.26
C LYS A 31 -15.01 5.44 0.90
N LEU A 32 -13.77 5.83 0.65
CA LEU A 32 -12.72 4.88 0.30
C LEU A 32 -12.46 3.90 1.43
N LYS A 33 -12.44 4.43 2.66
CA LYS A 33 -12.21 3.60 3.84
C LYS A 33 -13.38 2.66 4.10
N GLU A 34 -14.54 3.24 4.37
CA GLU A 34 -15.75 2.46 4.63
C GLU A 34 -15.88 1.31 3.63
N VAL A 35 -15.60 1.61 2.36
CA VAL A 35 -15.69 0.61 1.30
C VAL A 35 -14.58 -0.42 1.43
N PHE A 36 -13.37 0.05 1.71
CA PHE A 36 -12.21 -0.83 1.87
C PHE A 36 -12.34 -1.67 3.13
N SER A 37 -13.24 -1.26 4.03
CA SER A 37 -13.44 -1.98 5.28
C SER A 37 -13.87 -3.42 5.02
N MET A 38 -14.23 -3.70 3.78
CA MET A 38 -14.65 -5.05 3.40
C MET A 38 -13.49 -6.03 3.48
N ALA A 39 -12.48 -5.82 2.63
CA ALA A 39 -11.31 -6.68 2.61
C ALA A 39 -10.79 -6.95 4.02
N GLY A 40 -10.67 -5.89 4.81
CA GLY A 40 -10.19 -6.03 6.17
C GLY A 40 -10.23 -4.73 6.95
N VAL A 41 -9.22 -4.50 7.77
CA VAL A 41 -9.15 -3.27 8.56
C VAL A 41 -8.11 -2.31 8.00
N VAL A 42 -8.58 -1.17 7.52
CA VAL A 42 -7.69 -0.16 6.96
C VAL A 42 -6.87 0.53 8.04
N VAL A 43 -5.62 0.12 8.18
CA VAL A 43 -4.73 0.71 9.18
C VAL A 43 -4.73 2.22 9.10
N ARG A 44 -4.66 2.74 7.88
CA ARG A 44 -4.64 4.19 7.66
C ARG A 44 -5.05 4.53 6.24
N ALA A 45 -6.12 5.28 6.10
CA ALA A 45 -6.61 5.68 4.77
C ALA A 45 -6.36 7.17 4.52
N ASP A 46 -5.88 7.49 3.33
CA ASP A 46 -5.59 8.86 2.96
C ASP A 46 -5.70 9.06 1.45
N ILE A 47 -5.88 10.31 1.03
CA ILE A 47 -6.00 10.62 -0.38
C ILE A 47 -4.89 11.58 -0.82
N LEU A 48 -4.40 11.39 -2.05
CA LEU A 48 -3.35 12.24 -2.59
C LEU A 48 -3.92 13.56 -3.11
N GLU A 49 -3.66 14.64 -2.38
CA GLU A 49 -4.15 15.96 -2.77
C GLU A 49 -3.12 17.04 -2.46
N ASP A 50 -3.05 18.04 -3.32
CA ASP A 50 -2.10 19.14 -3.13
C ASP A 50 -2.39 19.89 -1.83
N LYS A 51 -1.39 20.63 -1.36
CA LYS A 51 -1.53 21.39 -0.13
C LYS A 51 -2.95 21.95 0.02
N ASP A 52 -3.57 22.24 -1.13
CA ASP A 52 -4.93 22.78 -1.12
C ASP A 52 -5.93 21.74 -0.62
N GLY A 53 -5.96 20.59 -1.28
CA GLY A 53 -6.87 19.53 -0.88
C GLY A 53 -7.72 19.04 -2.04
N LYS A 54 -7.17 19.08 -3.24
CA LYS A 54 -7.88 18.64 -4.43
C LYS A 54 -7.51 17.21 -4.78
N SER A 55 -8.51 16.36 -4.95
CA SER A 55 -8.30 14.95 -5.29
C SER A 55 -8.28 14.75 -6.80
N ARG A 56 -7.15 14.29 -7.32
CA ARG A 56 -7.00 14.06 -8.75
C ARG A 56 -7.35 12.61 -9.10
N GLY A 57 -8.33 12.05 -8.41
CA GLY A 57 -8.73 10.68 -8.66
C GLY A 57 -7.67 9.68 -8.24
N ILE A 58 -6.83 10.07 -7.29
CA ILE A 58 -5.76 9.21 -6.81
C ILE A 58 -5.73 9.16 -5.29
N GLY A 59 -5.78 7.95 -4.74
CA GLY A 59 -5.77 7.79 -3.29
C GLY A 59 -4.83 6.70 -2.85
N THR A 60 -4.67 6.55 -1.53
CA THR A 60 -3.80 5.53 -0.97
C THR A 60 -4.38 4.94 0.31
N VAL A 61 -4.27 3.62 0.45
CA VAL A 61 -4.78 2.94 1.63
C VAL A 61 -3.78 1.93 2.16
N THR A 62 -3.72 1.79 3.49
CA THR A 62 -2.79 0.86 4.12
C THR A 62 -3.54 -0.10 5.05
N PHE A 63 -3.36 -1.39 4.80
CA PHE A 63 -4.02 -2.42 5.60
C PHE A 63 -3.07 -2.95 6.68
N GLU A 64 -3.59 -3.83 7.54
CA GLU A 64 -2.79 -4.41 8.60
C GLU A 64 -1.98 -5.59 8.08
N GLN A 65 -2.68 -6.61 7.59
CA GLN A 65 -2.01 -7.79 7.05
C GLN A 65 -2.13 -7.86 5.54
N SER A 66 -1.07 -8.33 4.88
CA SER A 66 -1.05 -8.43 3.43
C SER A 66 -2.33 -9.10 2.92
N ILE A 67 -2.74 -10.17 3.60
CA ILE A 67 -3.95 -10.90 3.22
C ILE A 67 -5.11 -9.94 2.95
N GLU A 68 -5.44 -9.13 3.95
CA GLU A 68 -6.53 -8.17 3.82
C GLU A 68 -6.28 -7.23 2.64
N ALA A 69 -5.09 -6.66 2.60
CA ALA A 69 -4.73 -5.73 1.53
C ALA A 69 -5.01 -6.33 0.16
N VAL A 70 -4.57 -7.57 -0.04
CA VAL A 70 -4.78 -8.27 -1.30
C VAL A 70 -6.26 -8.36 -1.64
N GLN A 71 -7.05 -8.87 -0.72
CA GLN A 71 -8.49 -9.01 -0.91
C GLN A 71 -9.08 -7.74 -1.49
N ALA A 72 -8.72 -6.60 -0.91
CA ALA A 72 -9.21 -5.31 -1.37
C ALA A 72 -8.73 -5.01 -2.79
N ILE A 73 -7.43 -5.15 -3.00
CA ILE A 73 -6.85 -4.89 -4.31
C ILE A 73 -7.64 -5.58 -5.42
N SER A 74 -7.90 -6.87 -5.24
CA SER A 74 -8.65 -7.65 -6.21
C SER A 74 -10.13 -7.25 -6.19
N MET A 75 -10.78 -7.46 -5.05
CA MET A 75 -12.19 -7.14 -4.89
C MET A 75 -12.49 -5.77 -5.48
N PHE A 76 -11.47 -4.91 -5.54
CA PHE A 76 -11.64 -3.56 -6.08
C PHE A 76 -11.04 -3.46 -7.47
N ASN A 77 -10.16 -4.40 -7.80
CA ASN A 77 -9.51 -4.41 -9.11
C ASN A 77 -10.54 -4.54 -10.22
N GLY A 78 -10.67 -3.48 -11.03
CA GLY A 78 -11.63 -3.50 -12.12
C GLY A 78 -13.04 -3.19 -11.66
N GLN A 79 -13.19 -2.82 -10.39
CA GLN A 79 -14.49 -2.49 -9.84
C GLN A 79 -15.01 -1.17 -10.40
N LEU A 80 -16.22 -1.19 -10.95
CA LEU A 80 -16.82 0.00 -11.52
C LEU A 80 -17.50 0.84 -10.44
N LEU A 81 -16.82 1.89 -10.00
CA LEU A 81 -17.36 2.77 -8.97
C LEU A 81 -17.81 4.10 -9.58
N PHE A 82 -19.08 4.41 -9.41
CA PHE A 82 -19.64 5.66 -9.93
C PHE A 82 -19.48 5.73 -11.45
N ASP A 83 -19.64 4.59 -12.10
CA ASP A 83 -19.51 4.52 -13.55
C ASP A 83 -18.06 4.75 -13.98
N ARG A 84 -17.13 4.43 -13.09
CA ARG A 84 -15.71 4.61 -13.38
C ARG A 84 -14.89 3.48 -12.76
N PRO A 85 -14.10 2.79 -13.59
CA PRO A 85 -13.26 1.68 -13.14
C PRO A 85 -12.09 2.14 -12.28
N MET A 86 -12.01 1.62 -11.07
CA MET A 86 -10.94 1.98 -10.14
C MET A 86 -9.69 1.16 -10.40
N HIS A 87 -8.53 1.77 -10.22
CA HIS A 87 -7.25 1.08 -10.43
C HIS A 87 -6.54 0.84 -9.10
N VAL A 88 -6.67 -0.39 -8.60
CA VAL A 88 -6.03 -0.76 -7.33
C VAL A 88 -4.87 -1.72 -7.56
N LYS A 89 -3.70 -1.35 -7.06
CA LYS A 89 -2.50 -2.18 -7.21
C LYS A 89 -1.56 -1.99 -6.03
N MET A 90 -0.67 -2.95 -5.83
CA MET A 90 0.29 -2.89 -4.74
C MET A 90 1.27 -1.74 -4.93
N ASP A 91 1.58 -1.05 -3.84
CA ASP A 91 2.51 0.07 -3.89
C ASP A 91 3.95 -0.41 -3.95
N GLU A 92 4.76 0.23 -4.79
CA GLU A 92 6.16 -0.14 -4.93
C GLU A 92 6.89 -0.08 -3.59
N ARG A 93 6.57 0.94 -2.80
CA ARG A 93 7.19 1.11 -1.49
C ARG A 93 6.91 -0.09 -0.60
N ALA A 94 7.94 -0.55 0.11
CA ALA A 94 7.80 -1.69 1.00
C ALA A 94 8.04 -1.28 2.46
N LEU A 95 6.96 -0.96 3.15
CA LEU A 95 7.05 -0.54 4.54
C LEU A 95 7.64 -1.65 5.40
N PRO A 96 8.50 -1.27 6.37
CA PRO A 96 9.15 -2.22 7.27
C PRO A 96 8.16 -2.84 8.27
N LYS A 97 8.37 -4.11 8.58
CA LYS A 97 7.50 -4.82 9.51
C LYS A 97 8.32 -5.48 10.62
N GLY A 98 9.34 -4.77 11.10
CA GLY A 98 10.18 -5.30 12.16
C GLY A 98 10.76 -6.66 11.82
N ASP A 99 11.55 -7.21 12.72
CA ASP A 99 12.16 -8.51 12.51
C ASP A 99 11.88 -9.44 13.70
N PHE A 100 11.47 -10.67 13.37
CA PHE A 100 11.15 -11.66 14.41
C PHE A 100 12.42 -12.38 14.87
N PHE A 101 12.30 -13.13 15.96
CA PHE A 101 13.44 -13.87 16.50
C PHE A 101 13.18 -15.37 16.47
N PRO A 102 14.22 -16.15 16.15
CA PRO A 102 14.12 -17.61 16.09
C PRO A 102 13.93 -18.25 17.46
N PRO A 103 13.20 -19.38 17.48
CA PRO A 103 12.93 -20.12 18.72
C PRO A 103 14.17 -20.78 19.29
N GLU A 104 14.01 -21.42 20.44
CA GLU A 104 15.12 -22.10 21.09
C GLU A 104 14.67 -23.44 21.69
N ARG A 105 15.51 -24.45 21.52
CA ARG A 105 15.20 -25.79 22.04
C ARG A 105 16.42 -26.41 22.70
N PRO A 106 16.19 -27.23 23.73
CA PRO A 106 17.25 -27.90 24.48
C PRO A 106 17.94 -28.98 23.66
N GLN A 107 18.86 -29.70 24.28
CA GLN A 107 19.59 -30.77 23.61
C GLN A 107 19.79 -31.96 24.53
N GLN A 108 20.21 -33.09 23.96
CA GLN A 108 20.43 -34.30 24.72
C GLN A 108 21.68 -35.03 24.25
N SER A 109 22.10 -36.05 24.99
CA SER A 109 23.29 -36.82 24.66
C SER A 109 23.10 -38.29 25.03
N GLY A 110 24.03 -39.12 24.58
CA GLY A 110 23.96 -40.55 24.88
C GLY A 110 24.97 -41.35 24.10
N PRO A 111 26.22 -41.40 24.60
CA PRO A 111 27.30 -42.14 23.95
C PRO A 111 27.11 -43.65 24.05
N SER A 112 27.58 -44.37 23.03
CA SER A 112 27.46 -45.82 22.99
C SER A 112 28.78 -46.49 23.38
N SER A 113 28.67 -47.64 24.04
CA SER A 113 29.85 -48.39 24.46
C SER A 113 30.37 -49.29 23.34
N GLY A 114 29.66 -49.28 22.21
CA GLY A 114 30.07 -50.10 21.08
C GLY A 114 30.08 -49.33 19.78
N GLY A 1 5.65 -12.99 -38.23
CA GLY A 1 6.61 -12.83 -37.15
C GLY A 1 6.56 -11.47 -36.50
N SER A 2 7.16 -11.35 -35.33
CA SER A 2 7.18 -10.09 -34.60
C SER A 2 8.11 -10.17 -33.39
N SER A 3 8.85 -9.08 -33.15
CA SER A 3 9.78 -9.02 -32.03
C SER A 3 9.43 -7.88 -31.10
N GLY A 4 9.51 -8.15 -29.79
CA GLY A 4 9.20 -7.13 -28.80
C GLY A 4 9.37 -7.64 -27.39
N SER A 5 10.01 -6.82 -26.54
CA SER A 5 10.24 -7.20 -25.15
C SER A 5 9.59 -6.19 -24.21
N SER A 6 9.33 -6.63 -22.97
CA SER A 6 8.70 -5.77 -21.98
C SER A 6 8.83 -6.38 -20.59
N GLY A 7 9.03 -5.52 -19.58
CA GLY A 7 9.16 -5.99 -18.22
C GLY A 7 8.03 -6.91 -17.81
N ALA A 8 8.39 -8.05 -17.21
CA ALA A 8 7.39 -9.02 -16.76
C ALA A 8 6.45 -8.41 -15.74
N LEU A 9 6.96 -8.20 -14.52
CA LEU A 9 6.16 -7.63 -13.45
C LEU A 9 7.05 -7.17 -12.29
N GLN A 10 6.49 -6.38 -11.40
CA GLN A 10 7.23 -5.88 -10.25
C GLN A 10 7.16 -6.87 -9.08
N ALA A 11 8.32 -7.26 -8.58
CA ALA A 11 8.39 -8.21 -7.47
C ALA A 11 8.04 -7.52 -6.14
N GLY A 12 7.09 -8.10 -5.42
CA GLY A 12 6.69 -7.54 -4.15
C GLY A 12 5.50 -8.26 -3.54
N ARG A 13 5.70 -9.52 -3.17
CA ARG A 13 4.64 -10.32 -2.58
C ARG A 13 3.98 -9.59 -1.43
N LEU A 14 4.80 -8.95 -0.60
CA LEU A 14 4.30 -8.20 0.56
C LEU A 14 4.14 -6.72 0.22
N GLY A 15 3.09 -6.10 0.75
CA GLY A 15 2.85 -4.70 0.50
C GLY A 15 1.45 -4.27 0.88
N SER A 16 1.19 -4.19 2.18
CA SER A 16 -0.13 -3.80 2.68
C SER A 16 -0.64 -2.57 1.93
N THR A 17 0.17 -1.52 1.89
CA THR A 17 -0.21 -0.29 1.21
C THR A 17 -0.71 -0.57 -0.20
N VAL A 18 -1.82 0.07 -0.55
CA VAL A 18 -2.42 -0.11 -1.87
C VAL A 18 -2.60 1.22 -2.58
N PHE A 19 -2.32 1.25 -3.88
CA PHE A 19 -2.45 2.46 -4.66
C PHE A 19 -3.75 2.45 -5.46
N VAL A 20 -4.54 3.52 -5.33
CA VAL A 20 -5.82 3.63 -6.03
C VAL A 20 -5.80 4.80 -7.00
N ALA A 21 -6.20 4.54 -8.24
CA ALA A 21 -6.24 5.59 -9.26
C ALA A 21 -7.57 5.59 -10.00
N ASN A 22 -7.79 6.60 -10.82
CA ASN A 22 -9.03 6.72 -11.59
C ASN A 22 -10.24 6.73 -10.65
N LEU A 23 -10.20 7.60 -9.64
CA LEU A 23 -11.29 7.71 -8.69
C LEU A 23 -12.18 8.90 -9.01
N ASP A 24 -13.41 8.88 -8.50
CA ASP A 24 -14.35 9.97 -8.73
C ASP A 24 -14.16 11.09 -7.71
N TYR A 25 -14.09 12.31 -8.21
CA TYR A 25 -13.92 13.48 -7.34
C TYR A 25 -14.83 13.39 -6.12
N LYS A 26 -15.91 12.64 -6.25
CA LYS A 26 -16.86 12.47 -5.17
C LYS A 26 -16.32 11.53 -4.10
N VAL A 27 -15.65 10.47 -4.53
CA VAL A 27 -15.06 9.50 -3.62
C VAL A 27 -14.05 10.15 -2.69
N GLY A 28 -14.39 10.21 -1.40
CA GLY A 28 -13.51 10.81 -0.43
C GLY A 28 -12.89 9.79 0.51
N TRP A 29 -11.95 10.23 1.34
CA TRP A 29 -11.29 9.35 2.29
C TRP A 29 -12.31 8.55 3.11
N LYS A 30 -13.48 9.15 3.30
CA LYS A 30 -14.55 8.50 4.06
C LYS A 30 -15.08 7.28 3.31
N LYS A 31 -15.47 7.48 2.06
CA LYS A 31 -16.00 6.41 1.24
C LYS A 31 -14.93 5.35 0.97
N LEU A 32 -13.76 5.80 0.51
CA LEU A 32 -12.67 4.89 0.22
C LEU A 32 -12.40 3.95 1.39
N LYS A 33 -12.23 4.51 2.57
CA LYS A 33 -11.97 3.73 3.77
C LYS A 33 -13.15 2.81 4.07
N GLU A 34 -14.31 3.41 4.33
CA GLU A 34 -15.52 2.66 4.64
C GLU A 34 -15.66 1.45 3.70
N VAL A 35 -15.67 1.73 2.40
CA VAL A 35 -15.79 0.68 1.40
C VAL A 35 -14.71 -0.38 1.57
N PHE A 36 -13.47 0.08 1.73
CA PHE A 36 -12.34 -0.82 1.90
C PHE A 36 -12.48 -1.64 3.17
N SER A 37 -13.39 -1.21 4.05
CA SER A 37 -13.61 -1.90 5.32
C SER A 37 -14.05 -3.35 5.08
N MET A 38 -14.41 -3.65 3.83
CA MET A 38 -14.83 -5.00 3.47
C MET A 38 -13.66 -5.97 3.53
N ALA A 39 -12.63 -5.72 2.71
CA ALA A 39 -11.46 -6.57 2.67
C ALA A 39 -10.98 -6.92 4.08
N GLY A 40 -10.79 -5.89 4.91
CA GLY A 40 -10.35 -6.12 6.28
C GLY A 40 -10.37 -4.85 7.11
N VAL A 41 -9.24 -4.55 7.74
CA VAL A 41 -9.13 -3.35 8.58
C VAL A 41 -8.13 -2.37 7.99
N VAL A 42 -8.61 -1.17 7.68
CA VAL A 42 -7.76 -0.13 7.11
C VAL A 42 -6.98 0.59 8.20
N VAL A 43 -5.72 0.19 8.38
CA VAL A 43 -4.86 0.80 9.39
C VAL A 43 -4.85 2.32 9.26
N ARG A 44 -4.75 2.80 8.02
CA ARG A 44 -4.73 4.23 7.77
C ARG A 44 -5.07 4.53 6.31
N ALA A 45 -6.16 5.25 6.09
CA ALA A 45 -6.60 5.59 4.75
C ALA A 45 -6.38 7.08 4.47
N ASP A 46 -6.21 7.42 3.20
CA ASP A 46 -5.99 8.81 2.79
C ASP A 46 -6.13 8.96 1.28
N ILE A 47 -6.21 10.20 0.83
CA ILE A 47 -6.34 10.49 -0.59
C ILE A 47 -5.26 11.47 -1.06
N LEU A 48 -4.63 11.15 -2.19
CA LEU A 48 -3.58 12.01 -2.73
C LEU A 48 -4.18 13.19 -3.49
N GLU A 49 -3.73 14.40 -3.14
CA GLU A 49 -4.23 15.61 -3.78
C GLU A 49 -3.07 16.46 -4.31
N ASP A 50 -3.41 17.56 -4.94
CA ASP A 50 -2.40 18.47 -5.49
C ASP A 50 -1.72 19.27 -4.38
N LYS A 51 -0.68 20.01 -4.74
CA LYS A 51 0.06 20.82 -3.77
C LYS A 51 -0.90 21.60 -2.89
N ASP A 52 -1.91 22.21 -3.50
CA ASP A 52 -2.89 22.99 -2.76
C ASP A 52 -3.83 22.07 -1.96
N GLY A 53 -4.50 21.17 -2.67
CA GLY A 53 -5.41 20.25 -2.02
C GLY A 53 -6.56 19.84 -2.93
N LYS A 54 -6.24 19.41 -4.14
CA LYS A 54 -7.24 18.98 -5.11
C LYS A 54 -6.99 17.55 -5.56
N SER A 55 -7.87 16.64 -5.15
CA SER A 55 -7.74 15.24 -5.51
C SER A 55 -7.79 15.07 -7.03
N ARG A 56 -6.85 14.27 -7.55
CA ARG A 56 -6.79 14.02 -8.98
C ARG A 56 -7.27 12.61 -9.32
N GLY A 57 -8.20 12.11 -8.52
CA GLY A 57 -8.74 10.78 -8.74
C GLY A 57 -7.77 9.69 -8.34
N ILE A 58 -6.93 10.00 -7.35
CA ILE A 58 -5.94 9.03 -6.87
C ILE A 58 -5.91 9.01 -5.34
N GLY A 59 -6.00 7.80 -4.78
CA GLY A 59 -5.98 7.65 -3.33
C GLY A 59 -5.09 6.51 -2.88
N THR A 60 -4.79 6.48 -1.58
CA THR A 60 -3.94 5.43 -1.02
C THR A 60 -4.52 4.89 0.29
N VAL A 61 -4.42 3.58 0.48
CA VAL A 61 -4.93 2.95 1.68
C VAL A 61 -3.93 1.95 2.25
N THR A 62 -3.87 1.87 3.58
CA THR A 62 -2.95 0.96 4.24
C THR A 62 -3.70 -0.02 5.13
N PHE A 63 -3.53 -1.31 4.86
CA PHE A 63 -4.19 -2.35 5.64
C PHE A 63 -3.27 -2.87 6.75
N GLU A 64 -3.75 -3.88 7.48
CA GLU A 64 -2.98 -4.47 8.56
C GLU A 64 -1.91 -5.42 8.03
N GLN A 65 -2.34 -6.37 7.21
CA GLN A 65 -1.43 -7.35 6.62
C GLN A 65 -1.71 -7.53 5.14
N SER A 66 -0.72 -8.05 4.41
CA SER A 66 -0.85 -8.27 2.97
C SER A 66 -2.16 -9.00 2.66
N ILE A 67 -2.53 -9.94 3.53
CA ILE A 67 -3.75 -10.71 3.36
C ILE A 67 -4.92 -9.80 3.00
N GLU A 68 -5.28 -8.92 3.93
CA GLU A 68 -6.40 -8.00 3.72
C GLU A 68 -6.16 -7.13 2.50
N ALA A 69 -4.93 -6.62 2.38
CA ALA A 69 -4.57 -5.76 1.25
C ALA A 69 -4.95 -6.42 -0.08
N VAL A 70 -4.47 -7.64 -0.29
CA VAL A 70 -4.76 -8.38 -1.51
C VAL A 70 -6.27 -8.49 -1.74
N GLN A 71 -6.99 -8.91 -0.70
CA GLN A 71 -8.43 -9.07 -0.79
C GLN A 71 -9.07 -7.83 -1.41
N ALA A 72 -8.69 -6.66 -0.91
CA ALA A 72 -9.22 -5.40 -1.41
C ALA A 72 -8.74 -5.12 -2.84
N ILE A 73 -7.42 -5.13 -3.02
CA ILE A 73 -6.84 -4.88 -4.33
C ILE A 73 -7.56 -5.67 -5.42
N SER A 74 -7.86 -6.94 -5.13
CA SER A 74 -8.55 -7.81 -6.07
C SER A 74 -10.03 -7.50 -6.11
N MET A 75 -10.69 -7.64 -4.96
CA MET A 75 -12.13 -7.38 -4.86
C MET A 75 -12.46 -6.00 -5.44
N PHE A 76 -11.47 -5.13 -5.48
CA PHE A 76 -11.66 -3.78 -6.00
C PHE A 76 -11.09 -3.66 -7.41
N ASN A 77 -10.17 -4.56 -7.76
CA ASN A 77 -9.54 -4.55 -9.07
C ASN A 77 -10.59 -4.61 -10.17
N GLY A 78 -10.69 -3.53 -10.94
CA GLY A 78 -11.66 -3.47 -12.02
C GLY A 78 -13.05 -3.12 -11.55
N GLN A 79 -13.15 -2.68 -10.29
CA GLN A 79 -14.44 -2.32 -9.71
C GLN A 79 -14.96 -1.03 -10.34
N LEU A 80 -16.20 -1.07 -10.82
CA LEU A 80 -16.82 0.08 -11.45
C LEU A 80 -17.59 0.91 -10.42
N LEU A 81 -16.98 2.01 -9.98
CA LEU A 81 -17.60 2.89 -8.99
C LEU A 81 -18.01 4.22 -9.63
N PHE A 82 -19.29 4.56 -9.50
CA PHE A 82 -19.81 5.80 -10.05
C PHE A 82 -19.56 5.87 -11.56
N ASP A 83 -19.58 4.71 -12.20
CA ASP A 83 -19.36 4.64 -13.64
C ASP A 83 -17.90 4.89 -13.99
N ARG A 84 -17.01 4.50 -13.07
CA ARG A 84 -15.58 4.67 -13.28
C ARG A 84 -14.79 3.51 -12.68
N PRO A 85 -14.03 2.82 -13.53
CA PRO A 85 -13.21 1.67 -13.10
C PRO A 85 -12.04 2.09 -12.23
N MET A 86 -12.02 1.60 -11.00
CA MET A 86 -10.95 1.92 -10.06
C MET A 86 -9.70 1.08 -10.34
N HIS A 87 -8.54 1.64 -10.10
CA HIS A 87 -7.28 0.95 -10.32
C HIS A 87 -6.56 0.69 -9.01
N VAL A 88 -6.70 -0.52 -8.48
CA VAL A 88 -6.06 -0.89 -7.22
C VAL A 88 -4.89 -1.84 -7.46
N LYS A 89 -3.72 -1.49 -6.93
CA LYS A 89 -2.53 -2.32 -7.08
C LYS A 89 -1.61 -2.16 -5.87
N MET A 90 -0.73 -3.15 -5.68
CA MET A 90 0.20 -3.12 -4.57
C MET A 90 1.19 -1.97 -4.71
N ASP A 91 1.50 -1.32 -3.59
CA ASP A 91 2.43 -0.19 -3.60
C ASP A 91 3.83 -0.66 -3.97
N GLU A 92 4.61 0.25 -4.58
CA GLU A 92 5.97 -0.08 -4.98
C GLU A 92 6.84 -0.38 -3.78
N ARG A 93 7.13 0.65 -2.98
CA ARG A 93 7.95 0.50 -1.79
C ARG A 93 7.16 0.83 -0.54
N ALA A 94 6.77 -0.21 0.21
CA ALA A 94 6.01 -0.04 1.43
C ALA A 94 6.82 -0.46 2.65
N LEU A 95 8.11 -0.17 2.64
CA LEU A 95 9.00 -0.53 3.74
C LEU A 95 10.21 0.39 3.79
N PRO A 96 10.62 0.76 5.01
CA PRO A 96 11.78 1.64 5.22
C PRO A 96 13.10 0.96 4.87
N LYS A 97 14.20 1.68 5.08
CA LYS A 97 15.52 1.15 4.79
C LYS A 97 16.18 0.59 6.04
N GLY A 98 16.31 1.43 7.06
CA GLY A 98 16.92 1.01 8.31
C GLY A 98 17.08 2.14 9.29
N ASP A 99 16.05 2.38 10.09
CA ASP A 99 16.09 3.44 11.09
C ASP A 99 17.24 3.24 12.07
N PHE A 100 18.32 3.98 11.88
CA PHE A 100 19.49 3.88 12.75
C PHE A 100 20.00 2.44 12.79
N PHE A 101 20.12 1.82 11.62
CA PHE A 101 20.59 0.45 11.52
C PHE A 101 21.76 0.22 12.47
N PRO A 102 21.89 -1.03 12.95
CA PRO A 102 22.96 -1.41 13.88
C PRO A 102 24.33 -1.44 13.20
N PRO A 103 25.38 -1.13 13.97
CA PRO A 103 26.75 -1.11 13.46
C PRO A 103 27.27 -2.51 13.15
N GLU A 104 28.06 -2.62 12.09
CA GLU A 104 28.63 -3.90 11.68
C GLU A 104 30.08 -3.75 11.28
N ARG A 105 30.97 -4.27 12.12
CA ARG A 105 32.41 -4.19 11.85
C ARG A 105 32.88 -5.39 11.02
N PRO A 106 33.70 -5.12 10.01
CA PRO A 106 34.24 -6.18 9.12
C PRO A 106 35.24 -7.07 9.84
N GLN A 107 35.77 -8.05 9.11
CA GLN A 107 36.74 -8.98 9.68
C GLN A 107 38.02 -8.99 8.85
N GLN A 108 39.16 -9.05 9.54
CA GLN A 108 40.45 -9.07 8.86
C GLN A 108 41.35 -10.17 9.42
N SER A 109 42.48 -10.41 8.75
CA SER A 109 43.40 -11.45 9.19
C SER A 109 44.68 -11.42 8.34
N GLY A 110 45.81 -11.65 8.98
CA GLY A 110 47.08 -11.65 8.27
C GLY A 110 48.27 -11.59 9.21
N PRO A 111 48.66 -12.75 9.74
CA PRO A 111 49.80 -12.86 10.66
C PRO A 111 51.14 -12.61 9.98
N SER A 112 51.87 -11.60 10.45
CA SER A 112 53.17 -11.26 9.88
C SER A 112 54.18 -12.39 10.11
N SER A 113 55.21 -12.42 9.27
CA SER A 113 56.24 -13.44 9.38
C SER A 113 57.45 -13.08 8.52
N GLY A 114 58.59 -12.86 9.16
CA GLY A 114 59.80 -12.52 8.44
C GLY A 114 60.76 -13.69 8.32
N GLY A 1 4.35 -27.63 -24.25
CA GLY A 1 3.67 -26.71 -23.35
C GLY A 1 4.58 -26.19 -22.26
N SER A 2 4.06 -26.11 -21.04
CA SER A 2 4.83 -25.61 -19.91
C SER A 2 5.71 -24.43 -20.33
N SER A 3 5.13 -23.54 -21.12
CA SER A 3 5.86 -22.36 -21.60
C SER A 3 5.36 -21.10 -20.89
N GLY A 4 6.30 -20.38 -20.26
CA GLY A 4 5.93 -19.16 -19.56
C GLY A 4 6.76 -17.97 -20.00
N SER A 5 6.58 -16.84 -19.33
CA SER A 5 7.31 -15.62 -19.66
C SER A 5 7.19 -14.59 -18.55
N SER A 6 8.33 -14.12 -18.06
CA SER A 6 8.35 -13.13 -16.99
C SER A 6 7.62 -11.86 -17.40
N GLY A 7 6.77 -11.35 -16.50
CA GLY A 7 6.02 -10.15 -16.80
C GLY A 7 5.71 -9.34 -15.55
N ALA A 8 4.91 -9.92 -14.66
CA ALA A 8 4.53 -9.24 -13.42
C ALA A 8 5.77 -8.77 -12.67
N LEU A 9 5.55 -8.14 -11.52
CA LEU A 9 6.64 -7.64 -10.70
C LEU A 9 7.00 -8.64 -9.59
N GLN A 10 8.25 -8.59 -9.15
CA GLN A 10 8.71 -9.49 -8.09
C GLN A 10 8.12 -9.11 -6.74
N ALA A 11 8.20 -10.01 -5.78
CA ALA A 11 7.66 -9.77 -4.45
C ALA A 11 8.77 -9.82 -3.41
N GLY A 12 8.55 -9.13 -2.29
CA GLY A 12 9.54 -9.11 -1.22
C GLY A 12 8.97 -8.60 0.08
N ARG A 13 9.77 -7.82 0.81
CA ARG A 13 9.35 -7.26 2.09
C ARG A 13 8.49 -6.01 1.88
N LEU A 14 7.26 -6.22 1.44
CA LEU A 14 6.33 -5.12 1.21
C LEU A 14 5.26 -5.06 2.28
N GLY A 15 4.82 -3.85 2.61
CA GLY A 15 3.79 -3.67 3.63
C GLY A 15 2.40 -3.99 3.11
N SER A 16 1.41 -3.25 3.58
CA SER A 16 0.02 -3.45 3.16
C SER A 16 -0.54 -2.17 2.55
N THR A 17 0.24 -1.54 1.68
CA THR A 17 -0.19 -0.31 1.03
C THR A 17 -0.63 -0.59 -0.41
N VAL A 18 -1.76 0.02 -0.80
CA VAL A 18 -2.29 -0.16 -2.14
C VAL A 18 -2.47 1.18 -2.85
N PHE A 19 -2.26 1.19 -4.16
CA PHE A 19 -2.39 2.42 -4.95
C PHE A 19 -3.71 2.41 -5.72
N VAL A 20 -4.56 3.39 -5.43
CA VAL A 20 -5.86 3.50 -6.09
C VAL A 20 -5.87 4.68 -7.05
N ALA A 21 -6.14 4.41 -8.32
CA ALA A 21 -6.19 5.46 -9.34
C ALA A 21 -7.55 5.48 -10.04
N ASN A 22 -7.81 6.53 -10.80
CA ASN A 22 -9.06 6.67 -11.53
C ASN A 22 -10.24 6.63 -10.57
N LEU A 23 -10.20 7.46 -9.54
CA LEU A 23 -11.27 7.52 -8.55
C LEU A 23 -12.24 8.65 -8.86
N ASP A 24 -13.42 8.59 -8.25
CA ASP A 24 -14.43 9.62 -8.47
C ASP A 24 -14.15 10.86 -7.61
N TYR A 25 -13.93 11.99 -8.27
CA TYR A 25 -13.63 13.23 -7.56
C TYR A 25 -14.53 13.39 -6.34
N LYS A 26 -15.81 13.04 -6.50
CA LYS A 26 -16.77 13.13 -5.41
C LYS A 26 -16.37 12.24 -4.25
N VAL A 27 -15.82 11.07 -4.56
CA VAL A 27 -15.40 10.13 -3.54
C VAL A 27 -14.41 10.78 -2.58
N GLY A 28 -14.38 10.28 -1.34
CA GLY A 28 -13.47 10.83 -0.35
C GLY A 28 -12.77 9.74 0.44
N TRP A 29 -11.81 10.14 1.27
CA TRP A 29 -11.05 9.19 2.08
C TRP A 29 -11.99 8.38 2.97
N LYS A 30 -13.01 9.03 3.51
CA LYS A 30 -13.97 8.37 4.37
C LYS A 30 -14.73 7.28 3.62
N LYS A 31 -15.24 7.64 2.43
CA LYS A 31 -15.97 6.69 1.61
C LYS A 31 -15.08 5.54 1.16
N LEU A 32 -13.90 5.88 0.65
CA LEU A 32 -12.95 4.86 0.19
C LEU A 32 -12.63 3.88 1.30
N LYS A 33 -12.23 4.40 2.45
CA LYS A 33 -11.90 3.56 3.60
C LYS A 33 -13.10 2.69 4.01
N GLU A 34 -14.20 3.35 4.37
CA GLU A 34 -15.40 2.64 4.78
C GLU A 34 -15.66 1.43 3.88
N VAL A 35 -15.52 1.63 2.58
CA VAL A 35 -15.74 0.55 1.62
C VAL A 35 -14.63 -0.50 1.72
N PHE A 36 -13.39 -0.04 1.65
CA PHE A 36 -12.24 -0.95 1.73
C PHE A 36 -12.28 -1.77 3.01
N SER A 37 -13.15 -1.36 3.94
CA SER A 37 -13.29 -2.06 5.21
C SER A 37 -13.64 -3.53 5.00
N MET A 38 -14.01 -3.87 3.76
CA MET A 38 -14.37 -5.24 3.42
C MET A 38 -13.16 -6.17 3.56
N ALA A 39 -12.16 -5.97 2.70
CA ALA A 39 -10.95 -6.78 2.73
C ALA A 39 -10.40 -6.89 4.15
N GLY A 40 -10.44 -5.78 4.88
CA GLY A 40 -9.94 -5.77 6.24
C GLY A 40 -10.00 -4.39 6.88
N VAL A 41 -9.40 -4.27 8.05
CA VAL A 41 -9.40 -2.99 8.77
C VAL A 41 -8.34 -2.05 8.20
N VAL A 42 -8.78 -0.88 7.75
CA VAL A 42 -7.87 0.11 7.19
C VAL A 42 -7.14 0.87 8.28
N VAL A 43 -5.87 0.53 8.49
CA VAL A 43 -5.05 1.18 9.50
C VAL A 43 -4.88 2.66 9.21
N ARG A 44 -4.70 2.99 7.94
CA ARG A 44 -4.53 4.37 7.52
C ARG A 44 -5.11 4.59 6.12
N ALA A 45 -6.07 5.50 6.02
CA ALA A 45 -6.71 5.81 4.75
C ALA A 45 -6.63 7.31 4.45
N ASP A 46 -6.28 7.63 3.21
CA ASP A 46 -6.17 9.03 2.79
C ASP A 46 -6.21 9.14 1.27
N ILE A 47 -6.38 10.37 0.77
CA ILE A 47 -6.42 10.61 -0.66
C ILE A 47 -5.31 11.55 -1.10
N LEU A 48 -4.62 11.18 -2.17
CA LEU A 48 -3.53 11.99 -2.70
C LEU A 48 -4.07 13.18 -3.50
N GLU A 49 -3.55 14.37 -3.20
CA GLU A 49 -3.97 15.57 -3.90
C GLU A 49 -2.76 16.41 -4.32
N ASP A 50 -3.01 17.41 -5.18
CA ASP A 50 -1.95 18.28 -5.66
C ASP A 50 -1.34 19.09 -4.50
N LYS A 51 -0.20 19.69 -4.75
CA LYS A 51 0.49 20.50 -3.74
C LYS A 51 -0.53 21.26 -2.89
N ASP A 52 -1.49 21.89 -3.54
CA ASP A 52 -2.52 22.66 -2.85
C ASP A 52 -3.53 21.73 -2.19
N GLY A 53 -4.17 20.89 -3.00
CA GLY A 53 -5.16 19.97 -2.47
C GLY A 53 -6.24 19.63 -3.49
N LYS A 54 -5.82 19.41 -4.73
CA LYS A 54 -6.75 19.08 -5.80
C LYS A 54 -6.76 17.58 -6.06
N SER A 55 -7.90 16.94 -5.82
CA SER A 55 -8.04 15.50 -6.03
C SER A 55 -7.95 15.16 -7.51
N ARG A 56 -6.99 14.29 -7.84
CA ARG A 56 -6.79 13.87 -9.22
C ARG A 56 -7.29 12.45 -9.44
N GLY A 57 -8.19 12.00 -8.56
CA GLY A 57 -8.72 10.65 -8.68
C GLY A 57 -7.74 9.59 -8.23
N ILE A 58 -6.85 9.96 -7.32
CA ILE A 58 -5.85 9.03 -6.82
C ILE A 58 -5.86 8.98 -5.29
N GLY A 59 -6.03 7.78 -4.75
CA GLY A 59 -6.06 7.63 -3.30
C GLY A 59 -5.13 6.53 -2.82
N THR A 60 -5.02 6.37 -1.50
CA THR A 60 -4.16 5.35 -0.92
C THR A 60 -4.81 4.73 0.32
N VAL A 61 -4.72 3.41 0.43
CA VAL A 61 -5.28 2.70 1.57
C VAL A 61 -4.24 1.80 2.23
N THR A 62 -4.26 1.75 3.56
CA THR A 62 -3.32 0.94 4.31
C THR A 62 -4.05 -0.04 5.22
N PHE A 63 -3.97 -1.32 4.89
CA PHE A 63 -4.62 -2.36 5.69
C PHE A 63 -3.73 -2.81 6.84
N GLU A 64 -4.18 -3.82 7.57
CA GLU A 64 -3.42 -4.35 8.70
C GLU A 64 -2.38 -5.37 8.24
N GLN A 65 -2.82 -6.32 7.43
CA GLN A 65 -1.93 -7.35 6.92
C GLN A 65 -2.11 -7.53 5.41
N SER A 66 -1.07 -8.05 4.75
CA SER A 66 -1.11 -8.26 3.31
C SER A 66 -2.40 -8.97 2.90
N ILE A 67 -2.68 -10.09 3.54
CA ILE A 67 -3.88 -10.86 3.24
C ILE A 67 -5.06 -9.95 2.94
N GLU A 68 -5.45 -9.15 3.94
CA GLU A 68 -6.56 -8.23 3.78
C GLU A 68 -6.36 -7.34 2.55
N ALA A 69 -5.17 -6.75 2.44
CA ALA A 69 -4.86 -5.88 1.32
C ALA A 69 -5.13 -6.58 0.00
N VAL A 70 -4.44 -7.69 -0.24
CA VAL A 70 -4.60 -8.44 -1.48
C VAL A 70 -6.08 -8.56 -1.86
N GLN A 71 -6.87 -9.11 -0.94
CA GLN A 71 -8.30 -9.28 -1.17
C GLN A 71 -8.92 -8.00 -1.72
N ALA A 72 -8.69 -6.89 -1.03
CA ALA A 72 -9.22 -5.60 -1.45
C ALA A 72 -8.73 -5.23 -2.85
N ILE A 73 -7.45 -5.47 -3.11
CA ILE A 73 -6.87 -5.16 -4.41
C ILE A 73 -7.52 -5.99 -5.52
N SER A 74 -7.42 -7.31 -5.39
CA SER A 74 -8.01 -8.22 -6.38
C SER A 74 -9.48 -7.92 -6.59
N MET A 75 -10.20 -7.66 -5.49
CA MET A 75 -11.63 -7.36 -5.55
C MET A 75 -11.85 -5.99 -6.18
N PHE A 76 -11.43 -4.95 -5.47
CA PHE A 76 -11.60 -3.58 -5.95
C PHE A 76 -10.93 -3.39 -7.31
N ASN A 77 -10.09 -4.35 -7.68
CA ASN A 77 -9.37 -4.30 -8.95
C ASN A 77 -10.35 -4.39 -10.12
N GLY A 78 -10.50 -3.28 -10.85
CA GLY A 78 -11.40 -3.26 -11.98
C GLY A 78 -12.84 -3.03 -11.57
N GLN A 79 -13.04 -2.65 -10.32
CA GLN A 79 -14.39 -2.39 -9.80
C GLN A 79 -14.97 -1.13 -10.42
N LEU A 80 -16.29 -1.12 -10.63
CA LEU A 80 -16.98 0.02 -11.21
C LEU A 80 -17.60 0.89 -10.13
N LEU A 81 -16.96 2.01 -9.82
CA LEU A 81 -17.46 2.92 -8.80
C LEU A 81 -17.89 4.24 -9.43
N PHE A 82 -19.15 4.62 -9.20
CA PHE A 82 -19.69 5.86 -9.74
C PHE A 82 -19.54 5.91 -11.26
N ASP A 83 -19.78 4.77 -11.91
CA ASP A 83 -19.68 4.68 -13.36
C ASP A 83 -18.24 4.91 -13.81
N ARG A 84 -17.28 4.53 -12.97
CA ARG A 84 -15.87 4.69 -13.28
C ARG A 84 -15.04 3.56 -12.67
N PRO A 85 -14.29 2.84 -13.53
CA PRO A 85 -13.45 1.73 -13.10
C PRO A 85 -12.25 2.20 -12.30
N MET A 86 -12.10 1.65 -11.10
CA MET A 86 -11.00 2.02 -10.21
C MET A 86 -9.76 1.16 -10.52
N HIS A 87 -8.58 1.72 -10.23
CA HIS A 87 -7.33 1.01 -10.48
C HIS A 87 -6.59 0.76 -9.18
N VAL A 88 -6.70 -0.46 -8.66
CA VAL A 88 -6.03 -0.82 -7.42
C VAL A 88 -4.89 -1.81 -7.67
N LYS A 89 -3.70 -1.44 -7.23
CA LYS A 89 -2.52 -2.29 -7.40
C LYS A 89 -1.61 -2.23 -6.18
N MET A 90 -0.79 -3.25 -6.01
CA MET A 90 0.13 -3.30 -4.87
C MET A 90 1.20 -2.23 -5.00
N ASP A 91 1.40 -1.48 -3.91
CA ASP A 91 2.40 -0.41 -3.90
C ASP A 91 3.69 -0.87 -4.56
N GLU A 92 4.42 0.09 -5.13
CA GLU A 92 5.69 -0.21 -5.81
C GLU A 92 6.87 0.03 -4.88
N ARG A 93 6.86 1.18 -4.21
CA ARG A 93 7.93 1.54 -3.30
C ARG A 93 7.38 1.90 -1.92
N ALA A 94 7.67 1.05 -0.94
CA ALA A 94 7.19 1.27 0.42
C ALA A 94 8.30 1.83 1.30
N LEU A 95 8.45 3.15 1.29
CA LEU A 95 9.48 3.82 2.09
C LEU A 95 9.63 3.15 3.45
N PRO A 96 10.88 3.00 3.90
CA PRO A 96 11.19 2.39 5.20
C PRO A 96 10.75 3.25 6.37
N LYS A 97 10.76 2.67 7.57
CA LYS A 97 10.37 3.39 8.78
C LYS A 97 11.48 3.35 9.82
N GLY A 98 11.62 4.44 10.57
CA GLY A 98 12.65 4.51 11.59
C GLY A 98 12.14 4.12 12.96
N ASP A 99 12.36 2.87 13.34
CA ASP A 99 11.92 2.36 14.64
C ASP A 99 13.01 2.52 15.69
N PHE A 100 12.69 2.17 16.93
CA PHE A 100 13.64 2.28 18.02
C PHE A 100 13.16 1.49 19.25
N PHE A 101 14.07 0.73 19.85
CA PHE A 101 13.74 -0.07 21.02
C PHE A 101 14.55 0.37 22.23
N PRO A 102 13.94 0.31 23.42
CA PRO A 102 14.59 0.69 24.67
C PRO A 102 15.69 -0.28 25.08
N PRO A 103 16.74 0.24 25.73
CA PRO A 103 17.87 -0.57 26.18
C PRO A 103 17.49 -1.49 27.34
N GLU A 104 17.98 -2.72 27.30
CA GLU A 104 17.69 -3.69 28.35
C GLU A 104 18.93 -4.52 28.68
N ARG A 105 19.47 -4.32 29.88
CA ARG A 105 20.66 -5.06 30.32
C ARG A 105 20.44 -5.67 31.70
N PRO A 106 20.92 -6.90 31.88
CA PRO A 106 20.79 -7.63 33.15
C PRO A 106 21.66 -7.02 34.25
N GLN A 107 21.09 -6.91 35.44
CA GLN A 107 21.82 -6.34 36.58
C GLN A 107 21.52 -7.13 37.86
N GLN A 108 22.48 -7.13 38.78
CA GLN A 108 22.31 -7.84 40.04
C GLN A 108 22.49 -6.89 41.23
N SER A 109 21.85 -7.22 42.34
CA SER A 109 21.92 -6.40 43.55
C SER A 109 22.40 -7.22 44.74
N GLY A 110 22.70 -6.54 45.84
CA GLY A 110 23.16 -7.22 47.03
C GLY A 110 24.18 -6.42 47.80
N PRO A 111 23.73 -5.30 48.39
CA PRO A 111 24.60 -4.41 49.17
C PRO A 111 25.03 -5.03 50.49
N SER A 112 25.76 -4.26 51.29
CA SER A 112 26.25 -4.75 52.58
C SER A 112 26.73 -3.59 53.45
N SER A 113 26.88 -3.85 54.74
CA SER A 113 27.33 -2.84 55.68
C SER A 113 28.65 -3.24 56.34
N GLY A 114 29.24 -2.31 57.08
CA GLY A 114 30.50 -2.60 57.76
C GLY A 114 30.35 -3.67 58.82
N GLY A 1 15.51 -23.68 -32.91
CA GLY A 1 16.40 -23.12 -31.91
C GLY A 1 15.69 -22.15 -30.99
N SER A 2 15.73 -22.43 -29.69
CA SER A 2 15.09 -21.57 -28.70
C SER A 2 16.12 -20.69 -27.99
N SER A 3 15.64 -19.60 -27.41
CA SER A 3 16.52 -18.67 -26.70
C SER A 3 16.39 -18.85 -25.19
N GLY A 4 15.15 -18.86 -24.72
CA GLY A 4 14.90 -19.02 -23.30
C GLY A 4 14.08 -17.88 -22.72
N SER A 5 12.76 -17.94 -22.91
CA SER A 5 11.87 -16.91 -22.41
C SER A 5 10.88 -17.48 -21.40
N SER A 6 11.16 -17.29 -20.13
CA SER A 6 10.29 -17.80 -19.07
C SER A 6 10.79 -17.33 -17.70
N GLY A 7 9.92 -17.47 -16.69
CA GLY A 7 10.29 -17.05 -15.35
C GLY A 7 9.19 -17.33 -14.34
N ALA A 8 8.55 -16.26 -13.86
CA ALA A 8 7.47 -16.39 -12.88
C ALA A 8 6.65 -15.11 -12.81
N LEU A 9 5.41 -15.24 -12.32
CA LEU A 9 4.52 -14.10 -12.21
C LEU A 9 4.65 -13.44 -10.84
N GLN A 10 4.38 -14.20 -9.79
CA GLN A 10 4.48 -13.70 -8.43
C GLN A 10 5.73 -14.23 -7.73
N ALA A 11 6.15 -13.53 -6.68
CA ALA A 11 7.34 -13.94 -5.93
C ALA A 11 7.05 -13.99 -4.44
N GLY A 12 6.49 -12.91 -3.91
CA GLY A 12 6.18 -12.85 -2.50
C GLY A 12 6.68 -11.58 -1.83
N ARG A 13 6.19 -10.43 -2.31
CA ARG A 13 6.60 -9.15 -1.76
C ARG A 13 5.82 -8.83 -0.49
N LEU A 14 6.42 -8.01 0.37
CA LEU A 14 5.78 -7.63 1.63
C LEU A 14 5.31 -6.18 1.58
N GLY A 15 4.11 -5.97 1.03
CA GLY A 15 3.56 -4.64 0.93
C GLY A 15 2.04 -4.63 1.03
N SER A 16 1.52 -4.16 2.15
CA SER A 16 0.08 -4.11 2.36
C SER A 16 -0.53 -2.90 1.64
N THR A 17 0.06 -1.73 1.86
CA THR A 17 -0.42 -0.50 1.24
C THR A 17 -0.77 -0.73 -0.22
N VAL A 18 -1.83 -0.07 -0.68
CA VAL A 18 -2.27 -0.20 -2.07
C VAL A 18 -2.39 1.17 -2.73
N PHE A 19 -2.14 1.20 -4.03
CA PHE A 19 -2.21 2.45 -4.79
C PHE A 19 -3.50 2.50 -5.62
N VAL A 20 -4.40 3.40 -5.25
CA VAL A 20 -5.67 3.55 -5.96
C VAL A 20 -5.63 4.76 -6.89
N ALA A 21 -6.17 4.59 -8.10
CA ALA A 21 -6.22 5.66 -9.07
C ALA A 21 -7.51 5.65 -9.87
N ASN A 22 -7.74 6.70 -10.65
CA ASN A 22 -8.95 6.80 -11.45
C ASN A 22 -10.20 6.80 -10.57
N LEU A 23 -10.24 7.71 -9.60
CA LEU A 23 -11.37 7.81 -8.69
C LEU A 23 -12.18 9.08 -8.97
N ASP A 24 -13.48 9.02 -8.72
CA ASP A 24 -14.36 10.16 -8.93
C ASP A 24 -14.17 11.20 -7.83
N TYR A 25 -14.20 12.47 -8.21
CA TYR A 25 -14.04 13.56 -7.25
C TYR A 25 -14.98 13.40 -6.06
N LYS A 26 -16.02 12.58 -6.24
CA LYS A 26 -16.99 12.34 -5.19
C LYS A 26 -16.42 11.40 -4.13
N VAL A 27 -15.72 10.36 -4.58
CA VAL A 27 -15.13 9.38 -3.67
C VAL A 27 -14.10 10.04 -2.76
N GLY A 28 -14.46 10.16 -1.48
CA GLY A 28 -13.55 10.78 -0.52
C GLY A 28 -12.94 9.77 0.43
N TRP A 29 -11.94 10.20 1.19
CA TRP A 29 -11.26 9.32 2.14
C TRP A 29 -12.28 8.57 2.99
N LYS A 30 -13.39 9.24 3.31
CA LYS A 30 -14.44 8.64 4.12
C LYS A 30 -14.99 7.39 3.45
N LYS A 31 -15.49 7.54 2.24
CA LYS A 31 -16.04 6.42 1.48
C LYS A 31 -14.97 5.39 1.17
N LEU A 32 -13.92 5.81 0.49
CA LEU A 32 -12.82 4.92 0.14
C LEU A 32 -12.52 3.94 1.27
N LYS A 33 -12.38 4.48 2.48
CA LYS A 33 -12.09 3.66 3.65
C LYS A 33 -13.28 2.76 3.99
N GLU A 34 -14.47 3.35 4.02
CA GLU A 34 -15.69 2.60 4.33
C GLU A 34 -15.85 1.41 3.39
N VAL A 35 -15.38 1.57 2.16
CA VAL A 35 -15.47 0.52 1.15
C VAL A 35 -14.40 -0.55 1.38
N PHE A 36 -13.18 -0.10 1.67
CA PHE A 36 -12.07 -1.02 1.91
C PHE A 36 -12.29 -1.82 3.18
N SER A 37 -13.15 -1.31 4.06
CA SER A 37 -13.45 -1.97 5.32
C SER A 37 -13.85 -3.43 5.09
N MET A 38 -14.24 -3.73 3.86
CA MET A 38 -14.65 -5.09 3.50
C MET A 38 -13.47 -6.05 3.59
N ALA A 39 -12.43 -5.78 2.81
CA ALA A 39 -11.24 -6.61 2.80
C ALA A 39 -10.68 -6.80 4.20
N GLY A 40 -10.61 -5.71 4.96
CA GLY A 40 -10.10 -5.78 6.31
C GLY A 40 -10.06 -4.43 6.99
N VAL A 41 -9.31 -4.34 8.08
CA VAL A 41 -9.19 -3.08 8.82
C VAL A 41 -8.17 -2.15 8.17
N VAL A 42 -8.62 -0.95 7.81
CA VAL A 42 -7.75 0.03 7.18
C VAL A 42 -6.87 0.73 8.21
N VAL A 43 -5.61 0.30 8.29
CA VAL A 43 -4.66 0.87 9.24
C VAL A 43 -4.61 2.39 9.10
N ARG A 44 -4.61 2.87 7.86
CA ARG A 44 -4.56 4.30 7.60
C ARG A 44 -4.97 4.60 6.16
N ALA A 45 -6.05 5.35 6.00
CA ALA A 45 -6.54 5.72 4.69
C ALA A 45 -6.29 7.19 4.38
N ASP A 46 -6.14 7.51 3.10
CA ASP A 46 -5.89 8.89 2.68
C ASP A 46 -6.08 9.04 1.18
N ILE A 47 -6.02 10.28 0.71
CA ILE A 47 -6.19 10.56 -0.72
C ILE A 47 -5.07 11.44 -1.24
N LEU A 48 -4.32 10.93 -2.21
CA LEU A 48 -3.21 11.67 -2.80
C LEU A 48 -3.71 12.92 -3.53
N GLU A 49 -2.95 14.00 -3.41
CA GLU A 49 -3.33 15.25 -4.06
C GLU A 49 -2.09 15.94 -4.65
N ASP A 50 -2.32 17.08 -5.31
CA ASP A 50 -1.22 17.84 -5.91
C ASP A 50 -0.60 18.79 -4.90
N LYS A 51 0.54 19.37 -5.27
CA LYS A 51 1.24 20.29 -4.39
C LYS A 51 0.27 21.25 -3.71
N ASP A 52 -0.48 22.00 -4.52
CA ASP A 52 -1.45 22.95 -4.00
C ASP A 52 -2.44 22.26 -3.08
N GLY A 53 -3.03 21.18 -3.55
CA GLY A 53 -3.99 20.44 -2.76
C GLY A 53 -5.20 20.02 -3.56
N LYS A 54 -4.98 19.61 -4.81
CA LYS A 54 -6.05 19.17 -5.68
C LYS A 54 -6.10 17.64 -5.76
N SER A 55 -7.30 17.10 -5.99
CA SER A 55 -7.48 15.66 -6.08
C SER A 55 -7.52 15.21 -7.54
N ARG A 56 -6.57 14.37 -7.92
CA ARG A 56 -6.50 13.87 -9.29
C ARG A 56 -7.20 12.51 -9.41
N GLY A 57 -7.89 12.11 -8.34
CA GLY A 57 -8.60 10.84 -8.35
C GLY A 57 -7.72 9.68 -7.91
N ILE A 58 -6.63 10.01 -7.23
CA ILE A 58 -5.71 8.98 -6.74
C ILE A 58 -5.72 8.91 -5.22
N GLY A 59 -5.89 7.70 -4.70
CA GLY A 59 -5.93 7.52 -3.25
C GLY A 59 -5.02 6.40 -2.79
N THR A 60 -4.81 6.31 -1.49
CA THR A 60 -3.94 5.28 -0.92
C THR A 60 -4.54 4.72 0.37
N VAL A 61 -4.51 3.39 0.50
CA VAL A 61 -5.04 2.73 1.68
C VAL A 61 -4.05 1.73 2.25
N THR A 62 -3.95 1.70 3.58
CA THR A 62 -3.03 0.78 4.25
C THR A 62 -3.77 -0.16 5.19
N PHE A 63 -3.73 -1.45 4.89
CA PHE A 63 -4.40 -2.45 5.71
C PHE A 63 -3.48 -2.94 6.82
N GLU A 64 -4.00 -3.84 7.65
CA GLU A 64 -3.22 -4.39 8.76
C GLU A 64 -2.30 -5.52 8.28
N GLN A 65 -2.89 -6.51 7.62
CA GLN A 65 -2.12 -7.64 7.10
C GLN A 65 -2.22 -7.71 5.59
N SER A 66 -1.13 -8.14 4.95
CA SER A 66 -1.09 -8.25 3.50
C SER A 66 -2.34 -8.96 2.98
N ILE A 67 -2.70 -10.06 3.62
CA ILE A 67 -3.87 -10.83 3.23
C ILE A 67 -5.04 -9.93 2.89
N GLU A 68 -5.49 -9.16 3.88
CA GLU A 68 -6.61 -8.26 3.68
C GLU A 68 -6.33 -7.28 2.53
N ALA A 69 -5.16 -6.67 2.56
CA ALA A 69 -4.76 -5.72 1.52
C ALA A 69 -5.01 -6.30 0.14
N VAL A 70 -4.55 -7.52 -0.09
CA VAL A 70 -4.72 -8.18 -1.38
C VAL A 70 -6.20 -8.28 -1.75
N GLN A 71 -6.99 -8.84 -0.84
CA GLN A 71 -8.43 -8.99 -1.07
C GLN A 71 -9.03 -7.71 -1.64
N ALA A 72 -8.62 -6.57 -1.07
CA ALA A 72 -9.12 -5.28 -1.52
C ALA A 72 -8.65 -4.97 -2.93
N ILE A 73 -7.34 -5.07 -3.15
CA ILE A 73 -6.77 -4.80 -4.46
C ILE A 73 -7.53 -5.54 -5.56
N SER A 74 -7.78 -6.83 -5.34
CA SER A 74 -8.49 -7.64 -6.31
C SER A 74 -9.97 -7.28 -6.34
N MET A 75 -10.63 -7.40 -5.20
CA MET A 75 -12.05 -7.08 -5.10
C MET A 75 -12.33 -5.69 -5.65
N PHE A 76 -11.31 -4.83 -5.65
CA PHE A 76 -11.46 -3.47 -6.14
C PHE A 76 -10.86 -3.34 -7.53
N ASN A 77 -10.06 -4.33 -7.93
CA ASN A 77 -9.43 -4.32 -9.24
C ASN A 77 -10.46 -4.47 -10.35
N GLY A 78 -10.65 -3.42 -11.13
CA GLY A 78 -11.61 -3.45 -12.21
C GLY A 78 -13.02 -3.18 -11.74
N GLN A 79 -13.17 -2.87 -10.46
CA GLN A 79 -14.49 -2.61 -9.88
C GLN A 79 -15.03 -1.27 -10.38
N LEU A 80 -16.24 -1.30 -10.93
CA LEU A 80 -16.88 -0.10 -11.45
C LEU A 80 -17.55 0.69 -10.33
N LEU A 81 -16.88 1.76 -9.90
CA LEU A 81 -17.41 2.61 -8.83
C LEU A 81 -17.87 3.95 -9.38
N PHE A 82 -19.13 4.29 -9.13
CA PHE A 82 -19.69 5.55 -9.60
C PHE A 82 -19.60 5.65 -11.11
N ASP A 83 -19.84 4.54 -11.80
CA ASP A 83 -19.77 4.51 -13.25
C ASP A 83 -18.35 4.74 -13.74
N ARG A 84 -17.38 4.39 -12.92
CA ARG A 84 -15.97 4.57 -13.26
C ARG A 84 -15.12 3.44 -12.67
N PRO A 85 -14.37 2.75 -13.54
CA PRO A 85 -13.50 1.64 -13.13
C PRO A 85 -12.30 2.11 -12.32
N MET A 86 -12.21 1.63 -11.08
CA MET A 86 -11.10 2.00 -10.21
C MET A 86 -9.84 1.20 -10.53
N HIS A 87 -8.69 1.75 -10.21
CA HIS A 87 -7.42 1.08 -10.46
C HIS A 87 -6.65 0.85 -9.16
N VAL A 88 -6.58 -0.41 -8.74
CA VAL A 88 -5.88 -0.76 -7.51
C VAL A 88 -4.70 -1.68 -7.80
N LYS A 89 -3.51 -1.24 -7.39
CA LYS A 89 -2.29 -2.01 -7.61
C LYS A 89 -1.47 -2.11 -6.32
N MET A 90 -0.77 -3.22 -6.16
CA MET A 90 0.06 -3.43 -4.97
C MET A 90 1.10 -2.33 -4.83
N ASP A 91 1.21 -1.77 -3.63
CA ASP A 91 2.17 -0.70 -3.38
C ASP A 91 3.57 -1.27 -3.15
N GLU A 92 4.57 -0.41 -3.21
CA GLU A 92 5.96 -0.82 -3.02
C GLU A 92 6.58 -0.12 -1.82
N ARG A 93 6.44 -0.72 -0.65
CA ARG A 93 6.98 -0.14 0.58
C ARG A 93 8.24 -0.89 1.01
N ALA A 94 9.38 -0.21 0.95
CA ALA A 94 10.64 -0.82 1.35
C ALA A 94 11.28 -0.06 2.50
N LEU A 95 10.92 -0.44 3.73
CA LEU A 95 11.45 0.21 4.92
C LEU A 95 11.60 -0.79 6.06
N PRO A 96 12.70 -0.66 6.82
CA PRO A 96 12.98 -1.55 7.96
C PRO A 96 12.03 -1.32 9.12
N LYS A 97 11.76 -2.38 9.87
CA LYS A 97 10.86 -2.31 11.02
C LYS A 97 11.53 -1.59 12.19
N GLY A 98 12.78 -1.97 12.47
CA GLY A 98 13.51 -1.36 13.56
C GLY A 98 12.86 -1.59 14.91
N ASP A 99 13.09 -2.78 15.48
CA ASP A 99 12.52 -3.12 16.77
C ASP A 99 13.58 -3.75 17.68
N PHE A 100 14.80 -3.23 17.60
CA PHE A 100 15.90 -3.74 18.41
C PHE A 100 17.11 -2.81 18.32
N PHE A 101 17.93 -2.81 19.37
CA PHE A 101 19.12 -1.97 19.41
C PHE A 101 20.38 -2.82 19.44
N PRO A 102 21.44 -2.33 18.78
CA PRO A 102 22.72 -3.03 18.71
C PRO A 102 23.45 -3.05 20.06
N PRO A 103 23.88 -4.25 20.48
CA PRO A 103 24.60 -4.43 21.75
C PRO A 103 26.00 -3.82 21.72
N GLU A 104 26.18 -2.72 22.44
CA GLU A 104 27.47 -2.05 22.50
C GLU A 104 28.54 -2.96 23.10
N ARG A 105 29.43 -3.45 22.26
CA ARG A 105 30.51 -4.33 22.70
C ARG A 105 31.85 -3.87 22.16
N PRO A 106 32.46 -2.89 22.84
CA PRO A 106 33.76 -2.35 22.45
C PRO A 106 34.90 -3.34 22.66
N GLN A 107 35.84 -3.36 21.72
CA GLN A 107 36.99 -4.26 21.80
C GLN A 107 38.28 -3.54 21.46
N GLN A 108 39.40 -4.14 21.83
CA GLN A 108 40.72 -3.55 21.56
C GLN A 108 41.57 -4.50 20.71
N SER A 109 42.58 -3.94 20.05
CA SER A 109 43.48 -4.73 19.21
C SER A 109 44.62 -3.88 18.69
N GLY A 110 45.55 -4.52 17.97
CA GLY A 110 46.68 -3.80 17.43
C GLY A 110 47.56 -4.68 16.54
N PRO A 111 48.11 -4.09 15.48
CA PRO A 111 48.98 -4.81 14.54
C PRO A 111 50.32 -5.19 15.16
N SER A 112 51.08 -6.02 14.46
CA SER A 112 52.38 -6.47 14.94
C SER A 112 53.41 -6.50 13.81
N SER A 113 54.64 -6.16 14.14
CA SER A 113 55.71 -6.13 13.14
C SER A 113 56.88 -7.01 13.58
N GLY A 114 57.33 -7.89 12.70
CA GLY A 114 58.43 -8.77 13.01
C GLY A 114 58.05 -9.86 13.99
N GLY A 1 19.84 -18.90 -29.19
CA GLY A 1 19.94 -18.12 -27.97
C GLY A 1 19.09 -16.87 -28.01
N SER A 2 18.25 -16.69 -26.99
CA SER A 2 17.38 -15.52 -26.91
C SER A 2 16.71 -15.43 -25.54
N SER A 3 16.62 -14.22 -25.01
CA SER A 3 16.01 -14.00 -23.71
C SER A 3 15.53 -12.55 -23.56
N GLY A 4 14.46 -12.37 -22.81
CA GLY A 4 13.91 -11.04 -22.60
C GLY A 4 13.11 -10.93 -21.33
N SER A 5 13.81 -10.93 -20.19
CA SER A 5 13.14 -10.84 -18.89
C SER A 5 13.70 -9.67 -18.08
N SER A 6 12.88 -9.14 -17.18
CA SER A 6 13.30 -8.02 -16.34
C SER A 6 13.97 -8.51 -15.07
N GLY A 7 13.33 -9.48 -14.41
CA GLY A 7 13.88 -10.02 -13.17
C GLY A 7 13.99 -8.98 -12.08
N ALA A 8 13.38 -9.26 -10.94
CA ALA A 8 13.41 -8.33 -9.80
C ALA A 8 12.99 -9.03 -8.51
N LEU A 9 13.90 -9.09 -7.55
CA LEU A 9 13.63 -9.73 -6.27
C LEU A 9 12.61 -8.93 -5.47
N GLN A 10 11.55 -9.60 -5.03
CA GLN A 10 10.51 -8.93 -4.25
C GLN A 10 10.21 -9.71 -2.97
N ALA A 11 11.28 -10.16 -2.30
CA ALA A 11 11.13 -10.92 -1.06
C ALA A 11 11.46 -10.04 0.15
N GLY A 12 10.44 -9.38 0.68
CA GLY A 12 10.63 -8.51 1.83
C GLY A 12 9.37 -7.78 2.23
N ARG A 13 9.32 -7.32 3.47
CA ARG A 13 8.15 -6.60 3.97
C ARG A 13 8.35 -5.08 3.84
N LEU A 14 8.00 -4.54 2.68
CA LEU A 14 8.14 -3.11 2.42
C LEU A 14 6.78 -2.42 2.48
N GLY A 15 5.96 -2.81 3.45
CA GLY A 15 4.65 -2.20 3.59
C GLY A 15 3.65 -2.73 2.57
N SER A 16 2.46 -3.09 3.03
CA SER A 16 1.43 -3.61 2.14
C SER A 16 0.48 -2.50 1.70
N THR A 17 1.05 -1.35 1.33
CA THR A 17 0.25 -0.22 0.90
C THR A 17 -0.29 -0.42 -0.51
N VAL A 18 -1.55 -0.07 -0.71
CA VAL A 18 -2.19 -0.23 -2.02
C VAL A 18 -2.42 1.13 -2.67
N PHE A 19 -2.13 1.21 -3.97
CA PHE A 19 -2.30 2.44 -4.72
C PHE A 19 -3.61 2.42 -5.51
N VAL A 20 -4.45 3.42 -5.27
CA VAL A 20 -5.74 3.52 -5.96
C VAL A 20 -5.77 4.73 -6.90
N ALA A 21 -6.14 4.49 -8.15
CA ALA A 21 -6.22 5.56 -9.14
C ALA A 21 -7.54 5.51 -9.90
N ASN A 22 -7.83 6.56 -10.64
CA ASN A 22 -9.06 6.65 -11.42
C ASN A 22 -10.28 6.75 -10.51
N LEU A 23 -10.18 7.61 -9.49
CA LEU A 23 -11.27 7.81 -8.55
C LEU A 23 -12.01 9.11 -8.83
N ASP A 24 -13.33 9.05 -8.84
CA ASP A 24 -14.15 10.24 -9.08
C ASP A 24 -14.03 11.23 -7.94
N TYR A 25 -14.09 12.52 -8.28
CA TYR A 25 -13.98 13.57 -7.28
C TYR A 25 -14.88 13.30 -6.09
N LYS A 26 -16.03 12.68 -6.36
CA LYS A 26 -16.99 12.35 -5.31
C LYS A 26 -16.35 11.46 -4.24
N VAL A 27 -15.46 10.59 -4.68
CA VAL A 27 -14.77 9.68 -3.76
C VAL A 27 -14.05 10.45 -2.66
N GLY A 28 -14.46 10.23 -1.42
CA GLY A 28 -13.85 10.91 -0.30
C GLY A 28 -13.19 9.96 0.67
N TRP A 29 -12.11 10.39 1.29
CA TRP A 29 -11.37 9.56 2.25
C TRP A 29 -12.34 8.70 3.06
N LYS A 30 -13.42 9.31 3.53
CA LYS A 30 -14.42 8.59 4.32
C LYS A 30 -14.95 7.39 3.56
N LYS A 31 -15.54 7.63 2.39
CA LYS A 31 -16.09 6.57 1.57
C LYS A 31 -15.03 5.50 1.29
N LEU A 32 -13.99 5.89 0.56
CA LEU A 32 -12.91 4.95 0.22
C LEU A 32 -12.65 3.98 1.36
N LYS A 33 -12.34 4.52 2.53
CA LYS A 33 -12.06 3.71 3.71
C LYS A 33 -13.27 2.85 4.06
N GLU A 34 -14.44 3.47 4.14
CA GLU A 34 -15.67 2.76 4.46
C GLU A 34 -15.89 1.60 3.51
N VAL A 35 -15.26 1.66 2.34
CA VAL A 35 -15.38 0.61 1.34
C VAL A 35 -14.31 -0.45 1.51
N PHE A 36 -13.06 0.00 1.71
CA PHE A 36 -11.94 -0.91 1.89
C PHE A 36 -12.11 -1.73 3.17
N SER A 37 -13.00 -1.28 4.04
CA SER A 37 -13.25 -1.97 5.30
C SER A 37 -13.70 -3.41 5.05
N MET A 38 -14.08 -3.70 3.82
CA MET A 38 -14.52 -5.04 3.46
C MET A 38 -13.38 -6.04 3.54
N ALA A 39 -12.28 -5.75 2.84
CA ALA A 39 -11.12 -6.62 2.84
C ALA A 39 -10.59 -6.82 4.25
N GLY A 40 -10.58 -5.74 5.04
CA GLY A 40 -10.09 -5.83 6.41
C GLY A 40 -10.04 -4.47 7.08
N VAL A 41 -9.28 -4.38 8.17
CA VAL A 41 -9.15 -3.13 8.91
C VAL A 41 -8.10 -2.22 8.28
N VAL A 42 -8.56 -1.14 7.65
CA VAL A 42 -7.66 -0.19 7.02
C VAL A 42 -6.86 0.59 8.04
N VAL A 43 -5.58 0.23 8.18
CA VAL A 43 -4.70 0.90 9.14
C VAL A 43 -4.77 2.41 8.97
N ARG A 44 -4.69 2.87 7.73
CA ARG A 44 -4.74 4.30 7.44
C ARG A 44 -5.27 4.56 6.04
N ALA A 45 -6.35 5.34 5.95
CA ALA A 45 -6.96 5.66 4.67
C ALA A 45 -6.91 7.16 4.39
N ASP A 46 -6.49 7.52 3.18
CA ASP A 46 -6.40 8.91 2.79
C ASP A 46 -6.36 9.05 1.28
N ILE A 47 -6.54 10.28 0.80
CA ILE A 47 -6.54 10.56 -0.64
C ILE A 47 -5.50 11.63 -0.99
N LEU A 48 -4.79 11.41 -2.09
CA LEU A 48 -3.78 12.35 -2.54
C LEU A 48 -4.42 13.57 -3.20
N GLU A 49 -4.11 14.76 -2.69
CA GLU A 49 -4.65 16.00 -3.23
C GLU A 49 -3.55 17.00 -3.51
N ASP A 50 -3.90 18.11 -4.15
CA ASP A 50 -2.94 19.16 -4.47
C ASP A 50 -2.68 20.05 -3.25
N LYS A 51 -1.67 20.91 -3.36
CA LYS A 51 -1.32 21.81 -2.27
C LYS A 51 -2.56 22.28 -1.53
N ASP A 52 -3.43 23.01 -2.22
CA ASP A 52 -4.66 23.51 -1.62
C ASP A 52 -5.50 22.37 -1.07
N GLY A 53 -5.75 21.37 -1.90
CA GLY A 53 -6.54 20.23 -1.49
C GLY A 53 -7.42 19.69 -2.60
N LYS A 54 -6.87 19.61 -3.81
CA LYS A 54 -7.61 19.12 -4.96
C LYS A 54 -7.18 17.68 -5.30
N SER A 55 -8.10 16.75 -5.12
CA SER A 55 -7.82 15.34 -5.41
C SER A 55 -7.64 15.13 -6.91
N ARG A 56 -6.56 14.44 -7.27
CA ARG A 56 -6.26 14.17 -8.67
C ARG A 56 -6.77 12.78 -9.07
N GLY A 57 -7.90 12.38 -8.50
CA GLY A 57 -8.47 11.08 -8.81
C GLY A 57 -7.57 9.95 -8.39
N ILE A 58 -6.75 10.17 -7.37
CA ILE A 58 -5.83 9.16 -6.87
C ILE A 58 -5.82 9.12 -5.34
N GLY A 59 -6.01 7.93 -4.79
CA GLY A 59 -6.01 7.78 -3.35
C GLY A 59 -5.03 6.72 -2.86
N THR A 60 -4.84 6.67 -1.56
CA THR A 60 -3.92 5.70 -0.97
C THR A 60 -4.49 5.09 0.31
N VAL A 61 -4.33 3.77 0.46
CA VAL A 61 -4.84 3.07 1.63
C VAL A 61 -3.82 2.06 2.14
N THR A 62 -3.86 1.80 3.44
CA THR A 62 -2.95 0.85 4.07
C THR A 62 -3.69 -0.10 5.00
N PHE A 63 -3.62 -1.39 4.69
CA PHE A 63 -4.28 -2.41 5.49
C PHE A 63 -3.37 -2.90 6.61
N GLU A 64 -3.90 -3.77 7.46
CA GLU A 64 -3.13 -4.32 8.58
C GLU A 64 -2.19 -5.41 8.10
N GLN A 65 -2.75 -6.43 7.45
CA GLN A 65 -1.96 -7.54 6.95
C GLN A 65 -2.15 -7.70 5.44
N SER A 66 -1.16 -8.32 4.78
CA SER A 66 -1.22 -8.53 3.35
C SER A 66 -2.53 -9.21 2.95
N ILE A 67 -2.85 -10.31 3.64
CA ILE A 67 -4.08 -11.04 3.35
C ILE A 67 -5.22 -10.11 2.99
N GLU A 68 -5.59 -9.24 3.94
CA GLU A 68 -6.68 -8.29 3.72
C GLU A 68 -6.37 -7.41 2.51
N ALA A 69 -5.15 -6.89 2.45
CA ALA A 69 -4.73 -6.04 1.35
C ALA A 69 -5.07 -6.67 0.00
N VAL A 70 -4.65 -7.91 -0.18
CA VAL A 70 -4.89 -8.63 -1.42
C VAL A 70 -6.39 -8.69 -1.73
N GLN A 71 -7.17 -9.18 -0.77
CA GLN A 71 -8.62 -9.30 -0.94
C GLN A 71 -9.19 -8.02 -1.55
N ALA A 72 -8.73 -6.88 -1.06
CA ALA A 72 -9.20 -5.59 -1.56
C ALA A 72 -8.65 -5.31 -2.95
N ILE A 73 -7.33 -5.40 -3.10
CA ILE A 73 -6.68 -5.15 -4.38
C ILE A 73 -7.45 -5.80 -5.52
N SER A 74 -7.84 -7.06 -5.33
CA SER A 74 -8.59 -7.80 -6.34
C SER A 74 -10.05 -7.36 -6.36
N MET A 75 -10.75 -7.60 -5.25
CA MET A 75 -12.16 -7.23 -5.13
C MET A 75 -12.39 -5.82 -5.66
N PHE A 76 -11.34 -4.99 -5.63
CA PHE A 76 -11.44 -3.62 -6.09
C PHE A 76 -10.87 -3.48 -7.50
N ASN A 77 -9.88 -4.32 -7.82
CA ASN A 77 -9.24 -4.29 -9.14
C ASN A 77 -10.28 -4.44 -10.24
N GLY A 78 -10.50 -3.37 -11.00
CA GLY A 78 -11.46 -3.41 -12.08
C GLY A 78 -12.89 -3.19 -11.60
N GLN A 79 -13.03 -2.72 -10.37
CA GLN A 79 -14.33 -2.47 -9.78
C GLN A 79 -14.93 -1.17 -10.33
N LEU A 80 -16.16 -1.26 -10.83
CA LEU A 80 -16.84 -0.09 -11.38
C LEU A 80 -17.56 0.69 -10.28
N LEU A 81 -16.94 1.77 -9.84
CA LEU A 81 -17.51 2.61 -8.79
C LEU A 81 -17.96 3.96 -9.36
N PHE A 82 -19.22 4.30 -9.13
CA PHE A 82 -19.78 5.55 -9.63
C PHE A 82 -19.66 5.64 -11.14
N ASP A 83 -19.78 4.51 -11.81
CA ASP A 83 -19.69 4.46 -13.26
C ASP A 83 -18.26 4.73 -13.73
N ARG A 84 -17.29 4.36 -12.89
CA ARG A 84 -15.88 4.56 -13.21
C ARG A 84 -15.04 3.44 -12.61
N PRO A 85 -14.25 2.77 -13.47
CA PRO A 85 -13.38 1.67 -13.06
C PRO A 85 -12.19 2.16 -12.22
N MET A 86 -12.03 1.57 -11.04
CA MET A 86 -10.95 1.95 -10.14
C MET A 86 -9.67 1.17 -10.47
N HIS A 87 -8.52 1.77 -10.19
CA HIS A 87 -7.24 1.12 -10.45
C HIS A 87 -6.48 0.87 -9.16
N VAL A 88 -6.51 -0.37 -8.70
CA VAL A 88 -5.82 -0.75 -7.47
C VAL A 88 -4.69 -1.75 -7.75
N LYS A 89 -3.48 -1.39 -7.31
CA LYS A 89 -2.32 -2.25 -7.51
C LYS A 89 -1.39 -2.19 -6.30
N MET A 90 -0.56 -3.22 -6.16
CA MET A 90 0.37 -3.29 -5.04
C MET A 90 1.44 -2.19 -5.17
N ASP A 91 1.66 -1.47 -4.06
CA ASP A 91 2.64 -0.40 -4.05
C ASP A 91 4.06 -0.97 -3.95
N GLU A 92 4.98 -0.38 -4.71
CA GLU A 92 6.37 -0.84 -4.71
C GLU A 92 7.33 0.35 -4.55
N ARG A 93 7.96 0.45 -3.39
CA ARG A 93 8.89 1.53 -3.11
C ARG A 93 10.25 0.99 -2.70
N ALA A 94 11.30 1.70 -3.07
CA ALA A 94 12.67 1.29 -2.74
C ALA A 94 13.15 1.96 -1.46
N LEU A 95 12.76 1.39 -0.32
CA LEU A 95 13.16 1.93 0.98
C LEU A 95 14.29 1.12 1.59
N PRO A 96 15.30 1.81 2.13
CA PRO A 96 16.46 1.17 2.76
C PRO A 96 16.10 0.49 4.07
N LYS A 97 15.84 -0.82 4.00
CA LYS A 97 15.49 -1.60 5.19
C LYS A 97 16.69 -2.38 5.70
N GLY A 98 16.82 -2.44 7.03
CA GLY A 98 17.92 -3.16 7.63
C GLY A 98 18.77 -2.28 8.53
N ASP A 99 18.28 -1.99 9.72
CA ASP A 99 19.00 -1.15 10.67
C ASP A 99 19.38 -1.93 11.91
N PHE A 100 20.65 -1.86 12.30
CA PHE A 100 21.15 -2.56 13.46
C PHE A 100 22.50 -2.01 13.90
N PHE A 101 22.55 -1.48 15.12
CA PHE A 101 23.78 -0.92 15.67
C PHE A 101 24.13 -1.55 17.02
N PRO A 102 25.42 -1.81 17.23
CA PRO A 102 25.91 -2.42 18.47
C PRO A 102 25.80 -1.47 19.66
N PRO A 103 25.59 -2.04 20.85
CA PRO A 103 25.46 -1.26 22.09
C PRO A 103 26.79 -0.63 22.52
N GLU A 104 27.80 -0.76 21.67
CA GLU A 104 29.12 -0.21 21.96
C GLU A 104 29.05 1.31 22.08
N ARG A 105 30.01 1.89 22.80
CA ARG A 105 30.05 3.33 22.99
C ARG A 105 31.44 3.87 22.68
N PRO A 106 31.49 5.09 22.13
CA PRO A 106 32.75 5.75 21.77
C PRO A 106 33.55 6.18 23.00
N GLN A 107 34.87 6.26 22.84
CA GLN A 107 35.74 6.64 23.94
C GLN A 107 36.58 7.87 23.56
N GLN A 108 36.69 8.81 24.48
CA GLN A 108 37.46 10.03 24.24
C GLN A 108 38.66 10.12 25.19
N SER A 109 38.40 9.85 26.47
CA SER A 109 39.45 9.91 27.48
C SER A 109 39.16 8.93 28.61
N GLY A 110 40.20 8.19 29.03
CA GLY A 110 40.03 7.23 30.10
C GLY A 110 40.47 7.78 31.45
N PRO A 111 40.69 6.87 32.41
CA PRO A 111 41.11 7.25 33.76
C PRO A 111 42.54 7.81 33.79
N SER A 112 42.66 9.13 33.77
CA SER A 112 43.96 9.78 33.79
C SER A 112 43.97 10.95 34.78
N SER A 113 45.16 11.33 35.21
CA SER A 113 45.30 12.44 36.16
C SER A 113 46.77 12.80 36.35
N GLY A 114 47.07 14.09 36.26
CA GLY A 114 48.44 14.55 36.42
C GLY A 114 49.23 14.45 35.14
N GLY A 1 -8.45 -0.01 -30.29
CA GLY A 1 -8.52 -0.79 -29.06
C GLY A 1 -7.17 -0.91 -28.38
N SER A 2 -6.55 -2.07 -28.52
CA SER A 2 -5.24 -2.32 -27.91
C SER A 2 -4.42 -3.29 -28.76
N SER A 3 -3.17 -2.93 -29.02
CA SER A 3 -2.29 -3.77 -29.82
C SER A 3 -1.82 -4.98 -29.02
N GLY A 4 -1.87 -4.87 -27.70
CA GLY A 4 -1.45 -5.97 -26.84
C GLY A 4 -0.89 -5.48 -25.52
N SER A 5 -1.59 -5.79 -24.44
CA SER A 5 -1.15 -5.38 -23.10
C SER A 5 -0.12 -6.36 -22.55
N SER A 6 1.14 -5.95 -22.59
CA SER A 6 2.24 -6.79 -22.09
C SER A 6 3.51 -5.97 -21.92
N GLY A 7 4.48 -6.54 -21.21
CA GLY A 7 5.73 -5.86 -20.98
C GLY A 7 5.71 -5.02 -19.71
N ALA A 8 6.15 -5.61 -18.61
CA ALA A 8 6.19 -4.92 -17.32
C ALA A 8 7.38 -5.36 -16.49
N LEU A 9 7.84 -4.48 -15.61
CA LEU A 9 8.98 -4.77 -14.75
C LEU A 9 8.57 -4.74 -13.28
N GLN A 10 8.49 -5.92 -12.67
CA GLN A 10 8.11 -6.02 -11.26
C GLN A 10 9.19 -6.74 -10.47
N ALA A 11 10.09 -5.98 -9.86
CA ALA A 11 11.18 -6.54 -9.07
C ALA A 11 10.64 -7.50 -8.01
N GLY A 12 9.60 -7.07 -7.30
CA GLY A 12 9.00 -7.91 -6.27
C GLY A 12 7.78 -7.28 -5.65
N ARG A 13 6.75 -8.09 -5.41
CA ARG A 13 5.52 -7.60 -4.82
C ARG A 13 5.53 -7.79 -3.31
N LEU A 14 5.74 -6.70 -2.58
CA LEU A 14 5.78 -6.73 -1.13
C LEU A 14 4.93 -5.63 -0.53
N GLY A 15 4.83 -5.61 0.81
CA GLY A 15 4.04 -4.59 1.47
C GLY A 15 2.56 -4.81 1.33
N SER A 16 1.77 -3.92 1.91
CA SER A 16 0.31 -4.02 1.85
C SER A 16 -0.29 -2.79 1.18
N THR A 17 0.30 -1.63 1.47
CA THR A 17 -0.19 -0.38 0.89
C THR A 17 -0.71 -0.58 -0.52
N VAL A 18 -1.91 -0.09 -0.78
CA VAL A 18 -2.52 -0.21 -2.10
C VAL A 18 -2.64 1.15 -2.79
N PHE A 19 -2.26 1.20 -4.06
CA PHE A 19 -2.32 2.43 -4.82
C PHE A 19 -3.62 2.52 -5.62
N VAL A 20 -4.48 3.46 -5.24
CA VAL A 20 -5.76 3.64 -5.92
C VAL A 20 -5.71 4.82 -6.88
N ALA A 21 -6.14 4.59 -8.11
CA ALA A 21 -6.14 5.63 -9.13
C ALA A 21 -7.45 5.63 -9.91
N ASN A 22 -7.73 6.74 -10.60
CA ASN A 22 -8.95 6.86 -11.39
C ASN A 22 -10.18 6.89 -10.49
N LEU A 23 -10.13 7.71 -9.45
CA LEU A 23 -11.24 7.83 -8.51
C LEU A 23 -12.08 9.07 -8.83
N ASP A 24 -13.38 8.97 -8.58
CA ASP A 24 -14.29 10.07 -8.82
C ASP A 24 -14.13 11.15 -7.76
N TYR A 25 -14.14 12.42 -8.19
CA TYR A 25 -14.00 13.53 -7.28
C TYR A 25 -14.87 13.36 -6.05
N LYS A 26 -16.06 12.79 -6.26
CA LYS A 26 -17.00 12.56 -5.16
C LYS A 26 -16.38 11.65 -4.10
N VAL A 27 -15.71 10.59 -4.55
CA VAL A 27 -15.07 9.64 -3.65
C VAL A 27 -14.06 10.35 -2.75
N GLY A 28 -14.25 10.24 -1.44
CA GLY A 28 -13.34 10.86 -0.50
C GLY A 28 -12.73 9.87 0.46
N TRP A 29 -11.62 10.26 1.09
CA TRP A 29 -10.94 9.39 2.05
C TRP A 29 -11.93 8.55 2.83
N LYS A 30 -12.97 9.20 3.36
CA LYS A 30 -13.99 8.51 4.13
C LYS A 30 -14.53 7.30 3.37
N LYS A 31 -15.14 7.56 2.22
CA LYS A 31 -15.70 6.50 1.40
C LYS A 31 -14.67 5.39 1.16
N LEU A 32 -13.61 5.73 0.42
CA LEU A 32 -12.55 4.78 0.13
C LEU A 32 -12.32 3.83 1.30
N LYS A 33 -12.31 4.38 2.51
CA LYS A 33 -12.10 3.59 3.71
C LYS A 33 -13.31 2.70 3.99
N GLU A 34 -14.45 3.32 4.27
CA GLU A 34 -15.67 2.59 4.55
C GLU A 34 -15.85 1.42 3.58
N VAL A 35 -15.49 1.66 2.31
CA VAL A 35 -15.60 0.62 1.29
C VAL A 35 -14.50 -0.43 1.43
N PHE A 36 -13.30 0.03 1.77
CA PHE A 36 -12.16 -0.86 1.94
C PHE A 36 -12.28 -1.65 3.24
N SER A 37 -13.23 -1.24 4.08
CA SER A 37 -13.45 -1.90 5.37
C SER A 37 -13.84 -3.36 5.17
N MET A 38 -14.38 -3.67 4.00
CA MET A 38 -14.81 -5.02 3.68
C MET A 38 -13.63 -5.99 3.75
N ALA A 39 -12.63 -5.76 2.90
CA ALA A 39 -11.45 -6.61 2.86
C ALA A 39 -10.93 -6.89 4.27
N GLY A 40 -10.69 -5.83 5.03
CA GLY A 40 -10.19 -5.98 6.39
C GLY A 40 -10.16 -4.67 7.15
N VAL A 41 -9.16 -4.51 8.00
CA VAL A 41 -9.02 -3.29 8.80
C VAL A 41 -8.00 -2.35 8.18
N VAL A 42 -8.47 -1.19 7.73
CA VAL A 42 -7.60 -0.20 7.11
C VAL A 42 -6.83 0.59 8.17
N VAL A 43 -5.55 0.25 8.33
CA VAL A 43 -4.70 0.93 9.31
C VAL A 43 -4.78 2.45 9.16
N ARG A 44 -4.87 2.90 7.91
CA ARG A 44 -4.95 4.32 7.63
C ARG A 44 -5.33 4.57 6.17
N ALA A 45 -6.47 5.22 5.96
CA ALA A 45 -6.95 5.52 4.62
C ALA A 45 -6.96 7.03 4.36
N ASP A 46 -6.62 7.41 3.13
CA ASP A 46 -6.59 8.82 2.76
C ASP A 46 -6.42 8.98 1.26
N ILE A 47 -6.61 10.20 0.76
CA ILE A 47 -6.47 10.48 -0.66
C ILE A 47 -5.33 11.46 -0.92
N LEU A 48 -4.59 11.23 -2.00
CA LEU A 48 -3.48 12.09 -2.37
C LEU A 48 -3.97 13.33 -3.12
N GLU A 49 -3.24 14.44 -2.97
CA GLU A 49 -3.60 15.68 -3.64
C GLU A 49 -2.35 16.43 -4.10
N ASP A 50 -2.56 17.55 -4.78
CA ASP A 50 -1.45 18.36 -5.28
C ASP A 50 -0.97 19.32 -4.19
N LYS A 51 0.15 19.99 -4.46
CA LYS A 51 0.72 20.94 -3.51
C LYS A 51 -0.37 21.77 -2.84
N ASP A 52 -1.48 21.95 -3.55
CA ASP A 52 -2.61 22.72 -3.02
C ASP A 52 -3.54 21.82 -2.22
N GLY A 53 -4.00 20.74 -2.85
CA GLY A 53 -4.90 19.82 -2.18
C GLY A 53 -6.07 19.41 -3.06
N LYS A 54 -5.82 19.25 -4.35
CA LYS A 54 -6.86 18.87 -5.30
C LYS A 54 -6.78 17.38 -5.61
N SER A 55 -7.89 16.67 -5.42
CA SER A 55 -7.95 15.25 -5.68
C SER A 55 -7.78 14.96 -7.17
N ARG A 56 -6.65 14.36 -7.52
CA ARG A 56 -6.36 14.03 -8.91
C ARG A 56 -6.86 12.63 -9.26
N GLY A 57 -7.85 12.17 -8.51
CA GLY A 57 -8.41 10.85 -8.76
C GLY A 57 -7.48 9.74 -8.32
N ILE A 58 -6.60 10.05 -7.36
CA ILE A 58 -5.65 9.07 -6.85
C ILE A 58 -5.63 9.05 -5.33
N GLY A 59 -5.84 7.87 -4.75
CA GLY A 59 -5.84 7.75 -3.31
C GLY A 59 -4.96 6.61 -2.83
N THR A 60 -4.71 6.57 -1.52
CA THR A 60 -3.87 5.54 -0.93
C THR A 60 -4.52 4.93 0.30
N VAL A 61 -4.38 3.62 0.47
CA VAL A 61 -4.96 2.91 1.60
C VAL A 61 -3.95 1.95 2.22
N THR A 62 -3.92 1.91 3.55
CA THR A 62 -3.01 1.03 4.26
C THR A 62 -3.77 0.03 5.13
N PHE A 63 -3.61 -1.26 4.83
CA PHE A 63 -4.29 -2.30 5.59
C PHE A 63 -3.40 -2.81 6.73
N GLU A 64 -3.91 -3.79 7.47
CA GLU A 64 -3.16 -4.35 8.60
C GLU A 64 -2.18 -5.41 8.12
N GLN A 65 -2.69 -6.38 7.36
CA GLN A 65 -1.85 -7.46 6.83
C GLN A 65 -2.06 -7.62 5.32
N SER A 66 -1.06 -8.19 4.66
CA SER A 66 -1.13 -8.40 3.22
C SER A 66 -2.45 -9.06 2.83
N ILE A 67 -2.81 -10.14 3.52
CA ILE A 67 -4.05 -10.85 3.25
C ILE A 67 -5.18 -9.88 2.94
N GLU A 68 -5.55 -9.08 3.93
CA GLU A 68 -6.63 -8.10 3.75
C GLU A 68 -6.37 -7.21 2.54
N ALA A 69 -5.13 -6.73 2.42
CA ALA A 69 -4.75 -5.88 1.31
C ALA A 69 -5.13 -6.51 -0.03
N VAL A 70 -4.63 -7.72 -0.26
CA VAL A 70 -4.91 -8.43 -1.50
C VAL A 70 -6.41 -8.46 -1.79
N GLN A 71 -7.18 -8.96 -0.84
CA GLN A 71 -8.63 -9.04 -0.99
C GLN A 71 -9.19 -7.76 -1.59
N ALA A 72 -8.84 -6.63 -0.99
CA ALA A 72 -9.29 -5.32 -1.46
C ALA A 72 -8.74 -5.03 -2.85
N ILE A 73 -7.43 -5.17 -3.00
CA ILE A 73 -6.78 -4.90 -4.28
C ILE A 73 -7.53 -5.57 -5.42
N SER A 74 -7.79 -6.87 -5.28
CA SER A 74 -8.50 -7.62 -6.31
C SER A 74 -9.97 -7.24 -6.33
N MET A 75 -10.65 -7.45 -5.21
CA MET A 75 -12.07 -7.14 -5.10
C MET A 75 -12.36 -5.75 -5.67
N PHE A 76 -11.35 -4.89 -5.67
CA PHE A 76 -11.50 -3.53 -6.18
C PHE A 76 -10.87 -3.40 -7.57
N ASN A 77 -9.93 -4.29 -7.87
CA ASN A 77 -9.26 -4.27 -9.16
C ASN A 77 -10.26 -4.42 -10.30
N GLY A 78 -10.44 -3.34 -11.07
CA GLY A 78 -11.37 -3.36 -12.18
C GLY A 78 -12.80 -3.17 -11.74
N GLN A 79 -12.99 -2.87 -10.45
CA GLN A 79 -14.33 -2.66 -9.90
C GLN A 79 -14.94 -1.36 -10.43
N LEU A 80 -16.16 -1.45 -10.92
CA LEU A 80 -16.86 -0.28 -11.45
C LEU A 80 -17.57 0.49 -10.34
N LEU A 81 -16.96 1.58 -9.90
CA LEU A 81 -17.54 2.41 -8.84
C LEU A 81 -18.02 3.73 -9.39
N PHE A 82 -19.30 4.01 -9.21
CA PHE A 82 -19.89 5.26 -9.69
C PHE A 82 -19.74 5.39 -11.20
N ASP A 83 -19.96 4.29 -11.90
CA ASP A 83 -19.85 4.28 -13.36
C ASP A 83 -18.42 4.58 -13.80
N ARG A 84 -17.46 4.30 -12.91
CA ARG A 84 -16.06 4.54 -13.21
C ARG A 84 -15.18 3.46 -12.59
N PRO A 85 -14.35 2.82 -13.43
CA PRO A 85 -13.44 1.76 -12.99
C PRO A 85 -12.31 2.28 -12.12
N MET A 86 -11.99 1.56 -11.05
CA MET A 86 -10.93 1.95 -10.15
C MET A 86 -9.63 1.22 -10.48
N HIS A 87 -8.51 1.85 -10.14
CA HIS A 87 -7.19 1.25 -10.41
C HIS A 87 -6.46 0.96 -9.10
N VAL A 88 -6.51 -0.30 -8.67
CA VAL A 88 -5.85 -0.71 -7.45
C VAL A 88 -4.69 -1.65 -7.73
N LYS A 89 -3.48 -1.24 -7.37
CA LYS A 89 -2.29 -2.05 -7.59
C LYS A 89 -1.36 -1.98 -6.38
N MET A 90 -0.67 -3.10 -6.10
CA MET A 90 0.25 -3.16 -4.98
C MET A 90 1.30 -2.06 -5.07
N ASP A 91 1.57 -1.38 -3.96
CA ASP A 91 2.55 -0.31 -3.91
C ASP A 91 3.93 -0.82 -4.27
N GLU A 92 4.46 -0.36 -5.40
CA GLU A 92 5.78 -0.78 -5.85
C GLU A 92 6.88 -0.02 -5.09
N ARG A 93 6.58 1.21 -4.69
CA ARG A 93 7.55 2.02 -3.96
C ARG A 93 7.24 2.02 -2.47
N ALA A 94 7.95 1.18 -1.73
CA ALA A 94 7.76 1.08 -0.29
C ALA A 94 9.02 1.50 0.47
N LEU A 95 9.15 2.79 0.73
CA LEU A 95 10.30 3.32 1.45
C LEU A 95 10.33 2.82 2.89
N PRO A 96 11.52 2.48 3.37
CA PRO A 96 11.72 1.98 4.73
C PRO A 96 11.50 3.07 5.78
N LYS A 97 11.25 2.65 7.02
CA LYS A 97 11.02 3.59 8.11
C LYS A 97 12.22 3.60 9.07
N GLY A 98 12.61 2.43 9.54
CA GLY A 98 13.74 2.34 10.46
C GLY A 98 13.38 2.79 11.86
N ASP A 99 13.63 1.92 12.83
CA ASP A 99 13.33 2.22 14.23
C ASP A 99 14.54 2.85 14.92
N PHE A 100 14.32 3.39 16.11
CA PHE A 100 15.39 4.03 16.87
C PHE A 100 15.17 3.85 18.37
N PHE A 101 16.25 3.76 19.13
CA PHE A 101 16.18 3.61 20.57
C PHE A 101 17.05 4.63 21.28
N PRO A 102 16.50 5.85 21.47
CA PRO A 102 17.21 6.94 22.13
C PRO A 102 17.40 6.69 23.63
N PRO A 103 18.50 7.21 24.18
CA PRO A 103 18.82 7.05 25.60
C PRO A 103 17.87 7.84 26.50
N GLU A 104 18.01 7.65 27.81
CA GLU A 104 17.17 8.35 28.77
C GLU A 104 18.01 9.18 29.73
N ARG A 105 17.91 10.50 29.60
CA ARG A 105 18.68 11.41 30.46
C ARG A 105 17.76 12.09 31.47
N PRO A 106 17.43 11.39 32.55
CA PRO A 106 16.57 11.91 33.62
C PRO A 106 17.24 13.02 34.42
N GLN A 107 16.95 14.26 34.04
CA GLN A 107 17.52 15.42 34.72
C GLN A 107 16.49 16.08 35.64
N GLN A 108 16.94 16.47 36.83
CA GLN A 108 16.06 17.11 37.80
C GLN A 108 16.54 18.52 38.13
N SER A 109 15.60 19.45 38.25
CA SER A 109 15.93 20.85 38.56
C SER A 109 15.08 21.36 39.72
N GLY A 110 15.72 22.05 40.65
CA GLY A 110 15.00 22.60 41.79
C GLY A 110 15.57 23.91 42.26
N PRO A 111 15.17 25.01 41.59
CA PRO A 111 15.63 26.36 41.94
C PRO A 111 15.08 26.84 43.27
N SER A 112 15.88 27.64 43.97
CA SER A 112 15.47 28.17 45.27
C SER A 112 16.48 29.19 45.78
N SER A 113 15.98 30.37 46.16
CA SER A 113 16.83 31.43 46.67
C SER A 113 16.00 32.57 47.24
N GLY A 114 16.43 33.11 48.38
CA GLY A 114 15.71 34.20 49.01
C GLY A 114 14.43 33.75 49.68
N GLY A 1 -15.09 -8.17 -20.75
CA GLY A 1 -14.08 -7.22 -21.15
C GLY A 1 -12.72 -7.86 -21.31
N SER A 2 -12.05 -7.56 -22.42
CA SER A 2 -10.73 -8.12 -22.69
C SER A 2 -9.67 -7.44 -21.84
N SER A 3 -9.48 -7.94 -20.62
CA SER A 3 -8.51 -7.37 -19.70
C SER A 3 -7.33 -8.33 -19.50
N GLY A 4 -6.19 -7.78 -19.10
CA GLY A 4 -5.01 -8.59 -18.87
C GLY A 4 -3.89 -8.25 -19.83
N SER A 5 -3.65 -9.11 -20.81
CA SER A 5 -2.60 -8.90 -21.79
C SER A 5 -1.36 -8.32 -21.12
N SER A 6 -1.01 -8.84 -19.95
CA SER A 6 0.15 -8.37 -19.21
C SER A 6 0.78 -9.51 -18.41
N GLY A 7 2.11 -9.52 -18.35
CA GLY A 7 2.81 -10.56 -17.62
C GLY A 7 3.73 -10.00 -16.56
N ALA A 8 3.19 -9.83 -15.35
CA ALA A 8 3.98 -9.29 -14.24
C ALA A 8 4.79 -10.39 -13.56
N LEU A 9 5.75 -9.99 -12.74
CA LEU A 9 6.59 -10.93 -12.03
C LEU A 9 6.79 -10.50 -10.58
N GLN A 10 6.45 -11.38 -9.65
CA GLN A 10 6.59 -11.09 -8.23
C GLN A 10 7.84 -11.77 -7.65
N ALA A 11 8.19 -11.41 -6.42
CA ALA A 11 9.35 -12.00 -5.76
C ALA A 11 8.98 -12.51 -4.37
N GLY A 12 8.24 -11.71 -3.62
CA GLY A 12 7.84 -12.09 -2.27
C GLY A 12 8.28 -11.09 -1.22
N ARG A 13 7.90 -9.83 -1.42
CA ARG A 13 8.27 -8.78 -0.48
C ARG A 13 7.06 -8.32 0.33
N LEU A 14 7.29 -7.46 1.30
CA LEU A 14 6.22 -6.95 2.16
C LEU A 14 5.73 -5.60 1.67
N GLY A 15 4.43 -5.36 1.79
CA GLY A 15 3.87 -4.09 1.36
C GLY A 15 2.36 -4.14 1.28
N SER A 16 1.69 -3.95 2.41
CA SER A 16 0.24 -3.98 2.47
C SER A 16 -0.35 -2.78 1.73
N THR A 17 0.14 -1.59 2.05
CA THR A 17 -0.34 -0.36 1.42
C THR A 17 -0.69 -0.60 -0.04
N VAL A 18 -1.82 -0.03 -0.47
CA VAL A 18 -2.28 -0.18 -1.84
C VAL A 18 -2.48 1.17 -2.50
N PHE A 19 -2.31 1.22 -3.82
CA PHE A 19 -2.48 2.47 -4.57
C PHE A 19 -3.76 2.44 -5.38
N VAL A 20 -4.64 3.40 -5.14
CA VAL A 20 -5.91 3.49 -5.85
C VAL A 20 -5.91 4.65 -6.83
N ALA A 21 -6.18 4.35 -8.10
CA ALA A 21 -6.22 5.37 -9.14
C ALA A 21 -7.56 5.36 -9.87
N ASN A 22 -7.79 6.41 -10.66
CA ASN A 22 -9.04 6.52 -11.40
C ASN A 22 -10.24 6.61 -10.47
N LEU A 23 -10.16 7.51 -9.49
CA LEU A 23 -11.24 7.69 -8.52
C LEU A 23 -12.04 8.96 -8.84
N ASP A 24 -13.34 8.91 -8.55
CA ASP A 24 -14.21 10.04 -8.80
C ASP A 24 -14.00 11.13 -7.75
N TYR A 25 -14.12 12.39 -8.16
CA TYR A 25 -13.94 13.51 -7.27
C TYR A 25 -14.85 13.40 -6.04
N LYS A 26 -15.97 12.70 -6.21
CA LYS A 26 -16.93 12.51 -5.14
C LYS A 26 -16.36 11.55 -4.08
N VAL A 27 -15.64 10.53 -4.53
CA VAL A 27 -15.05 9.56 -3.63
C VAL A 27 -14.10 10.22 -2.65
N GLY A 28 -14.51 10.25 -1.37
CA GLY A 28 -13.67 10.85 -0.35
C GLY A 28 -12.96 9.83 0.51
N TRP A 29 -12.10 10.30 1.40
CA TRP A 29 -11.36 9.42 2.29
C TRP A 29 -12.31 8.54 3.11
N LYS A 30 -13.47 9.07 3.44
CA LYS A 30 -14.47 8.34 4.21
C LYS A 30 -15.01 7.17 3.41
N LYS A 31 -15.55 7.44 2.24
CA LYS A 31 -16.11 6.40 1.38
C LYS A 31 -15.03 5.37 1.02
N LEU A 32 -13.93 5.83 0.44
CA LEU A 32 -12.84 4.94 0.06
C LEU A 32 -12.51 3.97 1.19
N LYS A 33 -12.30 4.51 2.38
CA LYS A 33 -11.97 3.69 3.54
C LYS A 33 -13.11 2.75 3.88
N GLU A 34 -14.24 3.31 4.32
CA GLU A 34 -15.41 2.49 4.66
C GLU A 34 -15.57 1.33 3.70
N VAL A 35 -15.52 1.63 2.40
CA VAL A 35 -15.67 0.62 1.37
C VAL A 35 -14.58 -0.46 1.49
N PHE A 36 -13.34 -0.02 1.69
CA PHE A 36 -12.22 -0.93 1.82
C PHE A 36 -12.34 -1.76 3.10
N SER A 37 -13.23 -1.32 3.99
CA SER A 37 -13.44 -2.02 5.26
C SER A 37 -13.79 -3.48 5.03
N MET A 38 -14.31 -3.77 3.83
CA MET A 38 -14.69 -5.14 3.48
C MET A 38 -13.49 -6.08 3.62
N ALA A 39 -12.47 -5.86 2.81
CA ALA A 39 -11.28 -6.68 2.84
C ALA A 39 -10.87 -7.02 4.27
N GLY A 40 -10.79 -5.99 5.12
CA GLY A 40 -10.42 -6.20 6.49
C GLY A 40 -10.51 -4.92 7.32
N VAL A 41 -9.35 -4.35 7.64
CA VAL A 41 -9.29 -3.12 8.43
C VAL A 41 -8.21 -2.19 7.91
N VAL A 42 -8.62 -1.05 7.35
CA VAL A 42 -7.69 -0.07 6.82
C VAL A 42 -6.92 0.61 7.94
N VAL A 43 -5.66 0.21 8.12
CA VAL A 43 -4.82 0.79 9.16
C VAL A 43 -4.80 2.32 9.07
N ARG A 44 -4.82 2.84 7.85
CA ARG A 44 -4.82 4.28 7.64
C ARG A 44 -5.12 4.61 6.18
N ALA A 45 -6.18 5.38 5.97
CA ALA A 45 -6.59 5.77 4.62
C ALA A 45 -6.28 7.24 4.36
N ASP A 46 -6.04 7.58 3.10
CA ASP A 46 -5.73 8.95 2.72
C ASP A 46 -5.94 9.16 1.22
N ILE A 47 -6.07 10.42 0.82
CA ILE A 47 -6.27 10.75 -0.59
C ILE A 47 -5.27 11.80 -1.05
N LEU A 48 -4.55 11.49 -2.13
CA LEU A 48 -3.56 12.42 -2.67
C LEU A 48 -4.24 13.65 -3.27
N GLU A 49 -3.83 14.82 -2.79
CA GLU A 49 -4.40 16.08 -3.27
C GLU A 49 -3.29 17.07 -3.65
N ASP A 50 -3.69 18.17 -4.28
CA ASP A 50 -2.73 19.18 -4.69
C ASP A 50 -2.46 20.18 -3.56
N LYS A 51 -1.53 21.10 -3.80
CA LYS A 51 -1.18 22.11 -2.81
C LYS A 51 -2.43 22.73 -2.19
N ASP A 52 -3.41 23.03 -3.04
CA ASP A 52 -4.67 23.62 -2.58
C ASP A 52 -5.42 22.66 -1.67
N GLY A 53 -5.70 21.47 -2.20
CA GLY A 53 -6.43 20.47 -1.42
C GLY A 53 -7.49 19.76 -2.23
N LYS A 54 -7.24 19.63 -3.53
CA LYS A 54 -8.19 18.96 -4.43
C LYS A 54 -7.72 17.55 -4.76
N SER A 55 -8.67 16.63 -4.90
CA SER A 55 -8.36 15.25 -5.22
C SER A 55 -8.12 15.06 -6.72
N ARG A 56 -6.95 14.54 -7.06
CA ARG A 56 -6.60 14.32 -8.46
C ARG A 56 -7.01 12.93 -8.91
N GLY A 57 -8.13 12.44 -8.38
CA GLY A 57 -8.61 11.12 -8.75
C GLY A 57 -7.65 10.02 -8.34
N ILE A 58 -6.85 10.29 -7.31
CA ILE A 58 -5.88 9.31 -6.84
C ILE A 58 -5.88 9.23 -5.31
N GLY A 59 -5.78 8.02 -4.78
CA GLY A 59 -5.78 7.83 -3.34
C GLY A 59 -4.95 6.64 -2.92
N THR A 60 -4.83 6.43 -1.61
CA THR A 60 -4.06 5.31 -1.08
C THR A 60 -4.70 4.76 0.19
N VAL A 61 -4.61 3.45 0.37
CA VAL A 61 -5.17 2.80 1.55
C VAL A 61 -4.19 1.82 2.17
N THR A 62 -3.99 1.92 3.48
CA THR A 62 -3.07 1.05 4.19
C THR A 62 -3.83 0.03 5.03
N PHE A 63 -3.58 -1.25 4.76
CA PHE A 63 -4.24 -2.33 5.49
C PHE A 63 -3.35 -2.83 6.63
N GLU A 64 -3.87 -3.79 7.39
CA GLU A 64 -3.13 -4.35 8.51
C GLU A 64 -2.07 -5.34 8.02
N GLN A 65 -2.50 -6.33 7.25
CA GLN A 65 -1.58 -7.34 6.72
C GLN A 65 -1.81 -7.54 5.23
N SER A 66 -0.78 -8.00 4.53
CA SER A 66 -0.86 -8.24 3.10
C SER A 66 -2.12 -9.01 2.75
N ILE A 67 -2.54 -9.88 3.66
CA ILE A 67 -3.75 -10.68 3.44
C ILE A 67 -4.93 -9.80 3.06
N GLU A 68 -5.38 -8.98 4.01
CA GLU A 68 -6.52 -8.09 3.77
C GLU A 68 -6.26 -7.20 2.56
N ALA A 69 -5.05 -6.67 2.46
CA ALA A 69 -4.68 -5.81 1.35
C ALA A 69 -4.97 -6.48 0.01
N VAL A 70 -4.51 -7.72 -0.14
CA VAL A 70 -4.72 -8.48 -1.36
C VAL A 70 -6.21 -8.60 -1.69
N GLN A 71 -6.98 -9.07 -0.72
CA GLN A 71 -8.42 -9.25 -0.90
C GLN A 71 -9.04 -7.98 -1.50
N ALA A 72 -8.65 -6.83 -0.96
CA ALA A 72 -9.17 -5.56 -1.43
C ALA A 72 -8.70 -5.27 -2.86
N ILE A 73 -7.40 -5.16 -3.05
CA ILE A 73 -6.82 -4.88 -4.36
C ILE A 73 -7.54 -5.68 -5.44
N SER A 74 -7.87 -6.93 -5.12
CA SER A 74 -8.56 -7.80 -6.08
C SER A 74 -10.05 -7.47 -6.12
N MET A 75 -10.73 -7.65 -5.00
CA MET A 75 -12.15 -7.38 -4.91
C MET A 75 -12.48 -6.00 -5.49
N PHE A 76 -11.47 -5.13 -5.52
CA PHE A 76 -11.64 -3.77 -6.05
C PHE A 76 -11.06 -3.65 -7.45
N ASN A 77 -10.14 -4.55 -7.78
CA ASN A 77 -9.50 -4.53 -9.09
C ASN A 77 -10.54 -4.60 -10.21
N GLY A 78 -10.66 -3.51 -10.95
CA GLY A 78 -11.63 -3.46 -12.04
C GLY A 78 -13.04 -3.18 -11.56
N GLN A 79 -13.15 -2.65 -10.34
CA GLN A 79 -14.45 -2.33 -9.76
C GLN A 79 -15.00 -1.03 -10.33
N LEU A 80 -16.21 -1.09 -10.87
CA LEU A 80 -16.84 0.09 -11.45
C LEU A 80 -17.53 0.92 -10.38
N LEU A 81 -16.88 2.01 -9.98
CA LEU A 81 -17.43 2.90 -8.96
C LEU A 81 -17.83 4.24 -9.56
N PHE A 82 -19.08 4.62 -9.35
CA PHE A 82 -19.60 5.89 -9.87
C PHE A 82 -19.47 5.94 -11.40
N ASP A 83 -19.58 4.77 -12.03
CA ASP A 83 -19.48 4.69 -13.49
C ASP A 83 -18.04 4.87 -13.95
N ARG A 84 -17.10 4.49 -13.08
CA ARG A 84 -15.68 4.61 -13.40
C ARG A 84 -14.89 3.45 -12.79
N PRO A 85 -14.11 2.76 -13.64
CA PRO A 85 -13.29 1.63 -13.21
C PRO A 85 -12.12 2.05 -12.32
N MET A 86 -12.13 1.58 -11.09
CA MET A 86 -11.07 1.91 -10.14
C MET A 86 -9.81 1.08 -10.41
N HIS A 87 -8.65 1.65 -10.09
CA HIS A 87 -7.38 0.96 -10.30
C HIS A 87 -6.67 0.71 -8.97
N VAL A 88 -6.71 -0.52 -8.51
CA VAL A 88 -6.06 -0.89 -7.25
C VAL A 88 -4.90 -1.85 -7.49
N LYS A 89 -3.70 -1.43 -7.10
CA LYS A 89 -2.51 -2.26 -7.26
C LYS A 89 -1.64 -2.23 -6.00
N MET A 90 -0.82 -3.24 -5.83
CA MET A 90 0.06 -3.33 -4.68
C MET A 90 1.09 -2.20 -4.69
N ASP A 91 1.24 -1.53 -3.54
CA ASP A 91 2.19 -0.43 -3.43
C ASP A 91 3.58 -0.94 -3.04
N GLU A 92 4.58 -0.09 -3.19
CA GLU A 92 5.95 -0.45 -2.86
C GLU A 92 6.61 0.62 -2.00
N ARG A 93 6.20 0.68 -0.74
CA ARG A 93 6.75 1.66 0.19
C ARG A 93 7.88 1.06 1.01
N ALA A 94 8.96 1.83 1.17
CA ALA A 94 10.12 1.37 1.93
C ALA A 94 10.21 2.07 3.27
N LEU A 95 9.41 1.61 4.23
CA LEU A 95 9.40 2.19 5.56
C LEU A 95 10.78 2.12 6.21
N PRO A 96 11.16 3.20 6.91
CA PRO A 96 12.46 3.29 7.59
C PRO A 96 12.56 2.34 8.78
N LYS A 97 12.99 1.12 8.52
CA LYS A 97 13.14 0.12 9.58
C LYS A 97 14.55 0.16 10.17
N GLY A 98 14.70 0.89 11.27
CA GLY A 98 15.99 0.99 11.92
C GLY A 98 15.89 0.92 13.43
N ASP A 99 15.79 -0.29 13.96
CA ASP A 99 15.67 -0.48 15.40
C ASP A 99 16.97 -1.08 15.96
N PHE A 100 17.45 -0.49 17.06
CA PHE A 100 18.67 -0.96 17.70
C PHE A 100 18.87 -0.28 19.04
N PHE A 101 18.96 -1.08 20.10
CA PHE A 101 19.15 -0.57 21.45
C PHE A 101 20.51 -0.96 22.01
N PRO A 102 21.12 -0.06 22.77
CA PRO A 102 22.44 -0.29 23.37
C PRO A 102 22.39 -1.34 24.48
N PRO A 103 23.50 -2.09 24.63
CA PRO A 103 23.60 -3.14 25.65
C PRO A 103 23.67 -2.58 27.06
N GLU A 104 23.52 -1.26 27.18
CA GLU A 104 23.58 -0.59 28.47
C GLU A 104 22.17 -0.36 29.02
N ARG A 105 22.07 -0.19 30.34
CA ARG A 105 20.79 0.03 30.99
C ARG A 105 20.81 1.31 31.81
N PRO A 106 20.63 2.45 31.14
CA PRO A 106 20.63 3.77 31.79
C PRO A 106 19.40 3.98 32.67
N GLN A 107 19.64 4.33 33.93
CA GLN A 107 18.54 4.56 34.87
C GLN A 107 18.68 5.92 35.54
N GLN A 108 17.75 6.83 35.24
CA GLN A 108 17.78 8.17 35.82
C GLN A 108 16.45 8.48 36.51
N SER A 109 16.53 9.26 37.58
CA SER A 109 15.34 9.64 38.34
C SER A 109 15.64 10.80 39.28
N GLY A 110 14.80 11.83 39.21
CA GLY A 110 14.99 13.00 40.06
C GLY A 110 14.01 14.11 39.74
N PRO A 111 12.80 14.02 40.31
CA PRO A 111 11.75 15.02 40.10
C PRO A 111 12.07 16.35 40.77
N SER A 112 11.26 17.36 40.48
CA SER A 112 11.46 18.69 41.05
C SER A 112 10.14 19.43 41.20
N SER A 113 10.19 20.62 41.79
CA SER A 113 9.00 21.42 42.01
C SER A 113 9.23 22.87 41.60
N GLY A 114 8.17 23.53 41.14
CA GLY A 114 8.29 24.92 40.73
C GLY A 114 7.65 25.87 41.72
N GLY A 1 -8.77 8.88 -19.33
CA GLY A 1 -8.02 9.88 -20.08
C GLY A 1 -7.86 11.18 -19.31
N SER A 2 -6.64 11.45 -18.86
CA SER A 2 -6.36 12.67 -18.10
C SER A 2 -4.86 12.86 -17.93
N SER A 3 -4.47 14.08 -17.58
CA SER A 3 -3.06 14.40 -17.38
C SER A 3 -2.43 13.50 -16.33
N GLY A 4 -1.89 12.36 -16.78
CA GLY A 4 -1.27 11.42 -15.86
C GLY A 4 0.24 11.52 -15.85
N SER A 5 0.75 12.73 -15.62
CA SER A 5 2.18 12.96 -15.60
C SER A 5 2.65 13.37 -14.20
N SER A 6 2.12 14.49 -13.71
CA SER A 6 2.49 14.99 -12.40
C SER A 6 2.03 14.04 -11.30
N GLY A 7 2.97 13.24 -10.79
CA GLY A 7 2.65 12.29 -9.75
C GLY A 7 3.83 11.96 -8.87
N ALA A 8 3.57 11.60 -7.62
CA ALA A 8 4.63 11.25 -6.69
C ALA A 8 4.06 10.66 -5.40
N LEU A 9 4.94 10.22 -4.52
CA LEU A 9 4.53 9.64 -3.24
C LEU A 9 5.04 10.48 -2.07
N GLN A 10 4.58 10.14 -0.87
CA GLN A 10 4.98 10.86 0.33
C GLN A 10 6.14 10.14 1.03
N ALA A 11 5.97 8.85 1.27
CA ALA A 11 6.99 8.05 1.93
C ALA A 11 7.31 6.80 1.12
N GLY A 12 8.60 6.59 0.83
CA GLY A 12 9.01 5.43 0.06
C GLY A 12 9.24 4.22 0.94
N ARG A 13 8.35 4.02 1.92
CA ARG A 13 8.46 2.89 2.83
C ARG A 13 8.02 1.60 2.15
N LEU A 14 8.13 0.49 2.87
CA LEU A 14 7.74 -0.82 2.33
C LEU A 14 6.76 -1.52 3.26
N GLY A 15 5.52 -1.65 2.81
CA GLY A 15 4.50 -2.31 3.62
C GLY A 15 3.32 -2.77 2.79
N SER A 16 2.21 -3.04 3.46
CA SER A 16 0.99 -3.49 2.79
C SER A 16 0.16 -2.30 2.30
N THR A 17 0.85 -1.27 1.83
CA THR A 17 0.18 -0.07 1.34
C THR A 17 -0.34 -0.27 -0.07
N VAL A 18 -1.61 0.09 -0.29
CA VAL A 18 -2.22 -0.06 -1.61
C VAL A 18 -2.42 1.30 -2.27
N PHE A 19 -2.13 1.36 -3.57
CA PHE A 19 -2.28 2.60 -4.32
C PHE A 19 -3.51 2.55 -5.22
N VAL A 20 -4.41 3.52 -5.05
CA VAL A 20 -5.62 3.59 -5.84
C VAL A 20 -5.59 4.76 -6.80
N ALA A 21 -6.11 4.56 -8.01
CA ALA A 21 -6.14 5.61 -9.02
C ALA A 21 -7.43 5.56 -9.83
N ASN A 22 -7.69 6.62 -10.60
CA ASN A 22 -8.90 6.69 -11.41
C ASN A 22 -10.15 6.69 -10.54
N LEU A 23 -10.17 7.56 -9.54
CA LEU A 23 -11.30 7.66 -8.63
C LEU A 23 -12.14 8.89 -8.95
N ASP A 24 -13.40 8.87 -8.52
CA ASP A 24 -14.32 9.98 -8.75
C ASP A 24 -14.03 11.13 -7.80
N TYR A 25 -13.97 12.34 -8.33
CA TYR A 25 -13.70 13.53 -7.53
C TYR A 25 -14.62 13.58 -6.31
N LYS A 26 -15.85 13.11 -6.49
CA LYS A 26 -16.83 13.10 -5.41
C LYS A 26 -16.38 12.16 -4.28
N VAL A 27 -15.75 11.07 -4.65
CA VAL A 27 -15.27 10.09 -3.67
C VAL A 27 -14.24 10.72 -2.74
N GLY A 28 -14.33 10.38 -1.45
CA GLY A 28 -13.40 10.92 -0.47
C GLY A 28 -12.77 9.83 0.39
N TRP A 29 -11.71 10.19 1.10
CA TRP A 29 -11.01 9.25 1.96
C TRP A 29 -12.01 8.42 2.77
N LYS A 30 -13.07 9.07 3.24
CA LYS A 30 -14.09 8.38 4.03
C LYS A 30 -14.74 7.26 3.21
N LYS A 31 -15.27 7.60 2.05
CA LYS A 31 -15.91 6.63 1.18
C LYS A 31 -14.96 5.49 0.85
N LEU A 32 -13.82 5.83 0.26
CA LEU A 32 -12.82 4.84 -0.12
C LEU A 32 -12.54 3.89 1.04
N LYS A 33 -12.22 4.45 2.20
CA LYS A 33 -11.94 3.65 3.39
C LYS A 33 -13.12 2.74 3.72
N GLU A 34 -14.27 3.34 3.99
CA GLU A 34 -15.47 2.59 4.33
C GLU A 34 -15.62 1.37 3.41
N VAL A 35 -15.41 1.58 2.12
CA VAL A 35 -15.53 0.51 1.14
C VAL A 35 -14.46 -0.56 1.38
N PHE A 36 -13.21 -0.13 1.45
CA PHE A 36 -12.10 -1.06 1.68
C PHE A 36 -12.31 -1.87 2.95
N SER A 37 -13.20 -1.38 3.81
CA SER A 37 -13.50 -2.06 5.07
C SER A 37 -13.85 -3.53 4.82
N MET A 38 -14.25 -3.84 3.59
CA MET A 38 -14.60 -5.20 3.23
C MET A 38 -13.43 -6.15 3.40
N ALA A 39 -12.36 -5.90 2.65
CA ALA A 39 -11.16 -6.73 2.72
C ALA A 39 -10.70 -6.89 4.16
N GLY A 40 -10.86 -5.83 4.96
CA GLY A 40 -10.45 -5.89 6.34
C GLY A 40 -10.51 -4.53 7.02
N VAL A 41 -9.57 -4.27 7.92
CA VAL A 41 -9.52 -3.01 8.64
C VAL A 41 -8.50 -2.06 8.02
N VAL A 42 -8.92 -0.83 7.75
CA VAL A 42 -8.05 0.16 7.15
C VAL A 42 -7.22 0.88 8.21
N VAL A 43 -5.99 0.42 8.40
CA VAL A 43 -5.09 1.01 9.39
C VAL A 43 -4.94 2.51 9.16
N ARG A 44 -4.79 2.90 7.90
CA ARG A 44 -4.64 4.31 7.55
C ARG A 44 -5.14 4.58 6.14
N ALA A 45 -6.18 5.40 6.02
CA ALA A 45 -6.74 5.73 4.71
C ALA A 45 -6.63 7.23 4.43
N ASP A 46 -6.33 7.58 3.19
CA ASP A 46 -6.20 8.98 2.80
C ASP A 46 -6.23 9.12 1.27
N ILE A 47 -6.28 10.36 0.80
CA ILE A 47 -6.32 10.63 -0.63
C ILE A 47 -5.24 11.62 -1.03
N LEU A 48 -4.55 11.32 -2.13
CA LEU A 48 -3.49 12.19 -2.62
C LEU A 48 -4.05 13.43 -3.31
N GLU A 49 -3.62 14.60 -2.85
CA GLU A 49 -4.10 15.86 -3.43
C GLU A 49 -2.93 16.81 -3.68
N ASP A 50 -3.20 17.89 -4.42
CA ASP A 50 -2.17 18.87 -4.72
C ASP A 50 -1.85 19.72 -3.51
N LYS A 51 -0.86 20.60 -3.65
CA LYS A 51 -0.45 21.48 -2.55
C LYS A 51 -1.66 21.96 -1.76
N ASP A 52 -2.71 22.35 -2.48
CA ASP A 52 -3.92 22.84 -1.85
C ASP A 52 -4.69 21.69 -1.18
N GLY A 53 -5.10 20.71 -1.98
CA GLY A 53 -5.83 19.58 -1.46
C GLY A 53 -6.97 19.16 -2.35
N LYS A 54 -6.74 19.17 -3.66
CA LYS A 54 -7.77 18.80 -4.62
C LYS A 54 -7.54 17.37 -5.12
N SER A 55 -8.51 16.50 -4.84
CA SER A 55 -8.41 15.10 -5.26
C SER A 55 -8.16 15.01 -6.77
N ARG A 56 -7.04 14.39 -7.13
CA ARG A 56 -6.67 14.23 -8.53
C ARG A 56 -7.02 12.83 -9.02
N GLY A 57 -8.05 12.24 -8.43
CA GLY A 57 -8.46 10.90 -8.83
C GLY A 57 -7.47 9.83 -8.40
N ILE A 58 -6.68 10.15 -7.39
CA ILE A 58 -5.68 9.21 -6.89
C ILE A 58 -5.69 9.16 -5.36
N GLY A 59 -5.83 7.95 -4.82
CA GLY A 59 -5.86 7.79 -3.37
C GLY A 59 -4.94 6.68 -2.90
N THR A 60 -4.83 6.52 -1.58
CA THR A 60 -3.99 5.48 -1.01
C THR A 60 -4.56 4.96 0.31
N VAL A 61 -4.43 3.66 0.52
CA VAL A 61 -4.94 3.05 1.75
C VAL A 61 -3.90 2.12 2.38
N THR A 62 -4.02 1.90 3.68
CA THR A 62 -3.08 1.05 4.39
C THR A 62 -3.81 -0.01 5.22
N PHE A 63 -3.72 -1.26 4.78
CA PHE A 63 -4.37 -2.36 5.47
C PHE A 63 -3.52 -2.86 6.63
N GLU A 64 -4.01 -3.90 7.32
CA GLU A 64 -3.29 -4.47 8.46
C GLU A 64 -2.23 -5.45 7.99
N GLN A 65 -2.64 -6.39 7.14
CA GLN A 65 -1.71 -7.39 6.63
C GLN A 65 -1.96 -7.64 5.14
N SER A 66 -0.94 -8.16 4.45
CA SER A 66 -1.04 -8.43 3.03
C SER A 66 -2.36 -9.11 2.69
N ILE A 67 -2.68 -10.18 3.42
CA ILE A 67 -3.91 -10.91 3.20
C ILE A 67 -5.08 -9.97 2.89
N GLU A 68 -5.46 -9.18 3.90
CA GLU A 68 -6.56 -8.22 3.72
C GLU A 68 -6.35 -7.37 2.47
N ALA A 69 -5.12 -6.91 2.27
CA ALA A 69 -4.79 -6.08 1.12
C ALA A 69 -5.16 -6.80 -0.18
N VAL A 70 -4.52 -7.93 -0.43
CA VAL A 70 -4.78 -8.71 -1.64
C VAL A 70 -6.27 -8.80 -1.93
N GLN A 71 -7.05 -9.15 -0.91
CA GLN A 71 -8.49 -9.28 -1.06
C GLN A 71 -9.10 -7.98 -1.58
N ALA A 72 -8.61 -6.86 -1.06
CA ALA A 72 -9.10 -5.54 -1.48
C ALA A 72 -8.64 -5.21 -2.90
N ILE A 73 -7.33 -5.26 -3.12
CA ILE A 73 -6.77 -4.96 -4.43
C ILE A 73 -7.48 -5.75 -5.52
N SER A 74 -7.82 -7.00 -5.21
CA SER A 74 -8.50 -7.87 -6.18
C SER A 74 -9.99 -7.54 -6.23
N MET A 75 -10.64 -7.56 -5.07
CA MET A 75 -12.07 -7.26 -5.00
C MET A 75 -12.37 -5.87 -5.53
N PHE A 76 -11.35 -5.01 -5.55
CA PHE A 76 -11.51 -3.65 -6.03
C PHE A 76 -10.90 -3.50 -7.44
N ASN A 77 -9.97 -4.38 -7.76
CA ASN A 77 -9.31 -4.35 -9.06
C ASN A 77 -10.33 -4.50 -10.20
N GLY A 78 -10.54 -3.41 -10.94
CA GLY A 78 -11.48 -3.43 -12.03
C GLY A 78 -12.91 -3.24 -11.58
N GLN A 79 -13.07 -2.93 -10.29
CA GLN A 79 -14.41 -2.70 -9.73
C GLN A 79 -15.01 -1.40 -10.22
N LEU A 80 -16.25 -1.45 -10.68
CA LEU A 80 -16.94 -0.27 -11.18
C LEU A 80 -17.57 0.52 -10.04
N LEU A 81 -16.89 1.58 -9.62
CA LEU A 81 -17.39 2.42 -8.53
C LEU A 81 -17.91 3.75 -9.06
N PHE A 82 -19.18 4.04 -8.79
CA PHE A 82 -19.79 5.28 -9.25
C PHE A 82 -19.71 5.41 -10.76
N ASP A 83 -19.99 4.32 -11.46
CA ASP A 83 -19.95 4.30 -12.92
C ASP A 83 -18.54 4.60 -13.42
N ARG A 84 -17.54 4.27 -12.60
CA ARG A 84 -16.15 4.51 -12.96
C ARG A 84 -15.25 3.43 -12.36
N PRO A 85 -14.43 2.79 -13.22
CA PRO A 85 -13.51 1.73 -12.79
C PRO A 85 -12.36 2.27 -11.95
N MET A 86 -12.10 1.61 -10.83
CA MET A 86 -11.03 2.03 -9.93
C MET A 86 -9.75 1.23 -10.21
N HIS A 87 -8.61 1.90 -10.10
CA HIS A 87 -7.33 1.25 -10.34
C HIS A 87 -6.57 1.04 -9.03
N VAL A 88 -6.63 -0.19 -8.52
CA VAL A 88 -5.96 -0.53 -7.28
C VAL A 88 -4.75 -1.44 -7.53
N LYS A 89 -3.59 -1.01 -7.05
CA LYS A 89 -2.36 -1.77 -7.22
C LYS A 89 -1.43 -1.59 -6.03
N MET A 90 -0.99 -2.70 -5.45
CA MET A 90 -0.09 -2.67 -4.30
C MET A 90 1.23 -2.00 -4.67
N ASP A 91 1.72 -1.16 -3.76
CA ASP A 91 2.97 -0.45 -3.98
C ASP A 91 4.11 -1.43 -4.27
N GLU A 92 5.20 -0.91 -4.82
CA GLU A 92 6.36 -1.74 -5.15
C GLU A 92 7.04 -2.24 -3.88
N ARG A 93 6.51 -3.31 -3.30
CA ARG A 93 7.06 -3.89 -2.09
C ARG A 93 7.79 -5.19 -2.39
N ALA A 94 9.07 -5.07 -2.74
CA ALA A 94 9.88 -6.25 -3.06
C ALA A 94 10.82 -6.59 -1.90
N LEU A 95 10.31 -7.35 -0.94
CA LEU A 95 11.10 -7.75 0.22
C LEU A 95 10.94 -9.24 0.49
N PRO A 96 12.07 -9.90 0.83
CA PRO A 96 12.09 -11.33 1.12
C PRO A 96 11.37 -11.67 2.44
N LYS A 97 10.93 -12.91 2.56
CA LYS A 97 10.24 -13.36 3.77
C LYS A 97 11.01 -14.49 4.44
N GLY A 98 10.94 -14.53 5.77
CA GLY A 98 11.63 -15.58 6.51
C GLY A 98 10.69 -16.36 7.40
N ASP A 99 10.69 -17.68 7.23
CA ASP A 99 9.83 -18.56 8.03
C ASP A 99 10.66 -19.62 8.75
N PHE A 100 10.38 -19.81 10.04
CA PHE A 100 11.09 -20.80 10.84
C PHE A 100 10.48 -20.90 12.23
N PHE A 101 10.34 -22.13 12.72
CA PHE A 101 9.78 -22.37 14.04
C PHE A 101 10.75 -23.15 14.91
N PRO A 102 10.76 -22.82 16.22
CA PRO A 102 11.65 -23.48 17.18
C PRO A 102 11.25 -24.93 17.45
N PRO A 103 12.25 -25.79 17.72
CA PRO A 103 12.02 -27.20 17.99
C PRO A 103 11.33 -27.44 19.34
N GLU A 104 10.95 -26.35 19.99
CA GLU A 104 10.28 -26.43 21.28
C GLU A 104 8.99 -27.23 21.19
N ARG A 105 8.82 -28.18 22.09
CA ARG A 105 7.63 -29.02 22.10
C ARG A 105 7.12 -29.23 23.53
N PRO A 106 5.79 -29.27 23.69
CA PRO A 106 5.15 -29.47 24.99
C PRO A 106 5.36 -30.88 25.54
N GLN A 107 6.07 -30.98 26.65
CA GLN A 107 6.34 -32.27 27.26
C GLN A 107 5.43 -32.50 28.48
N GLN A 108 4.56 -33.51 28.37
CA GLN A 108 3.64 -33.83 29.45
C GLN A 108 4.13 -35.03 30.25
N SER A 109 3.75 -35.08 31.52
CA SER A 109 4.16 -36.18 32.39
C SER A 109 3.15 -36.38 33.53
N GLY A 110 3.29 -37.47 34.26
CA GLY A 110 2.40 -37.76 35.35
C GLY A 110 2.88 -38.90 36.22
N PRO A 111 4.02 -38.69 36.90
CA PRO A 111 4.62 -39.69 37.79
C PRO A 111 3.79 -39.92 39.05
N SER A 112 3.19 -38.86 39.56
CA SER A 112 2.37 -38.94 40.77
C SER A 112 3.02 -39.86 41.79
N SER A 113 4.33 -39.73 41.96
CA SER A 113 5.07 -40.54 42.91
C SER A 113 4.67 -40.21 44.35
N GLY A 114 4.95 -41.13 45.26
CA GLY A 114 4.61 -40.92 46.65
C GLY A 114 3.72 -42.01 47.20
N GLY A 1 23.31 -2.17 -29.89
CA GLY A 1 22.26 -1.96 -28.91
C GLY A 1 22.57 -0.80 -27.98
N SER A 2 21.55 0.01 -27.68
CA SER A 2 21.72 1.16 -26.80
C SER A 2 20.76 1.09 -25.63
N SER A 3 19.49 0.82 -25.92
CA SER A 3 18.47 0.73 -24.89
C SER A 3 18.83 -0.32 -23.85
N GLY A 4 18.94 0.10 -22.60
CA GLY A 4 19.29 -0.82 -21.53
C GLY A 4 18.06 -1.44 -20.89
N SER A 5 18.00 -1.41 -19.56
CA SER A 5 16.88 -1.98 -18.83
C SER A 5 16.43 -1.04 -17.72
N SER A 6 15.30 -1.37 -17.09
CA SER A 6 14.75 -0.56 -16.02
C SER A 6 15.36 -0.94 -14.68
N GLY A 7 15.32 -2.23 -14.35
CA GLY A 7 15.88 -2.70 -13.10
C GLY A 7 15.17 -2.12 -11.90
N ALA A 8 15.10 -2.90 -10.81
CA ALA A 8 14.44 -2.45 -9.60
C ALA A 8 15.32 -2.72 -8.37
N LEU A 9 16.31 -1.86 -8.15
CA LEU A 9 17.21 -2.00 -7.02
C LEU A 9 16.47 -2.50 -5.79
N GLN A 10 15.19 -2.16 -5.69
CA GLN A 10 14.36 -2.58 -4.56
C GLN A 10 14.20 -4.10 -4.55
N ALA A 11 14.18 -4.66 -3.34
CA ALA A 11 14.02 -6.10 -3.18
C ALA A 11 12.73 -6.44 -2.45
N GLY A 12 11.94 -7.32 -3.03
CA GLY A 12 10.68 -7.72 -2.41
C GLY A 12 9.56 -6.75 -2.73
N ARG A 13 8.75 -7.10 -3.72
CA ARG A 13 7.63 -6.25 -4.12
C ARG A 13 6.36 -6.63 -3.37
N LEU A 14 6.49 -6.87 -2.07
CA LEU A 14 5.36 -7.25 -1.24
C LEU A 14 5.14 -6.23 -0.12
N GLY A 15 3.90 -6.10 0.32
CA GLY A 15 3.58 -5.16 1.39
C GLY A 15 2.11 -5.19 1.75
N SER A 16 1.62 -4.07 2.28
CA SER A 16 0.22 -3.96 2.69
C SER A 16 -0.46 -2.78 2.00
N THR A 17 0.26 -1.66 1.92
CA THR A 17 -0.28 -0.46 1.30
C THR A 17 -0.72 -0.74 -0.13
N VAL A 18 -1.79 -0.07 -0.55
CA VAL A 18 -2.33 -0.26 -1.90
C VAL A 18 -2.49 1.09 -2.61
N PHE A 19 -2.17 1.10 -3.89
CA PHE A 19 -2.27 2.32 -4.69
C PHE A 19 -3.59 2.36 -5.47
N VAL A 20 -4.43 3.34 -5.17
CA VAL A 20 -5.71 3.48 -5.84
C VAL A 20 -5.70 4.67 -6.79
N ALA A 21 -6.18 4.45 -8.01
CA ALA A 21 -6.24 5.51 -9.02
C ALA A 21 -7.49 5.39 -9.87
N ASN A 22 -7.78 6.44 -10.64
CA ASN A 22 -8.96 6.45 -11.50
C ASN A 22 -10.24 6.57 -10.67
N LEU A 23 -10.14 7.28 -9.56
CA LEU A 23 -11.29 7.47 -8.68
C LEU A 23 -12.10 8.70 -9.11
N ASP A 24 -13.37 8.73 -8.73
CA ASP A 24 -14.25 9.84 -9.06
C ASP A 24 -13.88 11.08 -8.26
N TYR A 25 -14.57 12.18 -8.54
CA TYR A 25 -14.31 13.44 -7.84
C TYR A 25 -15.10 13.50 -6.53
N LYS A 26 -16.25 12.85 -6.51
CA LYS A 26 -17.10 12.82 -5.32
C LYS A 26 -16.67 11.71 -4.37
N VAL A 27 -15.38 11.43 -4.34
CA VAL A 27 -14.84 10.39 -3.47
C VAL A 27 -14.07 11.00 -2.30
N GLY A 28 -14.42 10.55 -1.08
CA GLY A 28 -13.76 11.06 0.10
C GLY A 28 -13.19 9.95 0.96
N TRP A 29 -12.14 10.27 1.72
CA TRP A 29 -11.50 9.29 2.59
C TRP A 29 -12.54 8.42 3.28
N LYS A 30 -13.70 9.00 3.57
CA LYS A 30 -14.79 8.28 4.23
C LYS A 30 -15.23 7.08 3.39
N LYS A 31 -15.56 7.35 2.13
CA LYS A 31 -16.01 6.30 1.21
C LYS A 31 -14.89 5.28 0.98
N LEU A 32 -13.71 5.78 0.63
CA LEU A 32 -12.56 4.91 0.37
C LEU A 32 -12.36 3.94 1.52
N LYS A 33 -12.20 4.47 2.73
CA LYS A 33 -11.99 3.64 3.92
C LYS A 33 -13.18 2.71 4.14
N GLU A 34 -14.37 3.29 4.24
CA GLU A 34 -15.58 2.51 4.46
C GLU A 34 -15.64 1.32 3.51
N VAL A 35 -15.62 1.60 2.21
CA VAL A 35 -15.68 0.55 1.20
C VAL A 35 -14.54 -0.45 1.39
N PHE A 36 -13.31 0.07 1.48
CA PHE A 36 -12.14 -0.77 1.66
C PHE A 36 -12.24 -1.59 2.95
N SER A 37 -13.19 -1.20 3.80
CA SER A 37 -13.39 -1.90 5.07
C SER A 37 -13.70 -3.38 4.83
N MET A 38 -14.18 -3.69 3.64
CA MET A 38 -14.51 -5.07 3.28
C MET A 38 -13.32 -5.99 3.50
N ALA A 39 -12.25 -5.74 2.77
CA ALA A 39 -11.03 -6.54 2.88
C ALA A 39 -10.62 -6.71 4.33
N GLY A 40 -10.43 -5.59 5.02
CA GLY A 40 -10.02 -5.63 6.42
C GLY A 40 -10.14 -4.29 7.10
N VAL A 41 -9.30 -4.05 8.09
CA VAL A 41 -9.32 -2.79 8.83
C VAL A 41 -8.29 -1.81 8.27
N VAL A 42 -8.74 -0.92 7.39
CA VAL A 42 -7.86 0.07 6.79
C VAL A 42 -7.05 0.81 7.85
N VAL A 43 -5.81 0.35 8.06
CA VAL A 43 -4.93 0.96 9.04
C VAL A 43 -4.81 2.46 8.82
N ARG A 44 -4.51 2.85 7.59
CA ARG A 44 -4.36 4.25 7.23
C ARG A 44 -4.98 4.55 5.87
N ALA A 45 -5.98 5.43 5.86
CA ALA A 45 -6.65 5.80 4.62
C ALA A 45 -6.65 7.30 4.42
N ASP A 46 -6.31 7.74 3.20
CA ASP A 46 -6.26 9.16 2.88
C ASP A 46 -6.25 9.38 1.38
N ILE A 47 -6.52 10.60 0.95
CA ILE A 47 -6.53 10.94 -0.46
C ILE A 47 -5.58 12.10 -0.77
N LEU A 48 -5.06 12.12 -1.98
CA LEU A 48 -4.13 13.16 -2.41
C LEU A 48 -4.85 14.22 -3.25
N GLU A 49 -4.46 15.48 -3.05
CA GLU A 49 -5.07 16.58 -3.79
C GLU A 49 -4.04 17.28 -4.66
N ASP A 50 -4.49 18.30 -5.41
CA ASP A 50 -3.60 19.06 -6.27
C ASP A 50 -3.77 20.55 -6.05
N LYS A 51 -2.99 21.35 -6.78
CA LYS A 51 -3.05 22.80 -6.66
C LYS A 51 -4.50 23.29 -6.77
N ASP A 52 -5.34 22.49 -7.40
CA ASP A 52 -6.74 22.84 -7.58
C ASP A 52 -7.55 22.55 -6.31
N GLY A 53 -7.11 21.54 -5.56
CA GLY A 53 -7.79 21.17 -4.33
C GLY A 53 -8.82 20.08 -4.55
N LYS A 54 -9.46 20.09 -5.71
CA LYS A 54 -10.48 19.10 -6.03
C LYS A 54 -9.84 17.73 -6.26
N SER A 55 -10.54 16.68 -5.85
CA SER A 55 -10.05 15.32 -6.01
C SER A 55 -9.62 15.06 -7.44
N ARG A 56 -8.46 14.44 -7.61
CA ARG A 56 -7.93 14.14 -8.94
C ARG A 56 -8.30 12.72 -9.35
N GLY A 57 -8.52 11.86 -8.37
CA GLY A 57 -8.88 10.48 -8.65
C GLY A 57 -7.82 9.50 -8.21
N ILE A 58 -7.08 9.86 -7.17
CA ILE A 58 -6.02 9.01 -6.64
C ILE A 58 -6.04 8.98 -5.11
N GLY A 59 -5.96 7.78 -4.54
CA GLY A 59 -5.96 7.64 -3.10
C GLY A 59 -5.04 6.54 -2.62
N THR A 60 -4.85 6.46 -1.30
CA THR A 60 -3.98 5.44 -0.72
C THR A 60 -4.65 4.78 0.48
N VAL A 61 -4.48 3.46 0.60
CA VAL A 61 -5.06 2.72 1.70
C VAL A 61 -4.07 1.68 2.24
N THR A 62 -3.86 1.70 3.55
CA THR A 62 -2.94 0.76 4.19
C THR A 62 -3.69 -0.23 5.07
N PHE A 63 -3.51 -1.51 4.80
CA PHE A 63 -4.17 -2.57 5.56
C PHE A 63 -3.25 -3.11 6.65
N GLU A 64 -3.78 -4.01 7.47
CA GLU A 64 -3.01 -4.61 8.56
C GLU A 64 -1.94 -5.54 8.00
N GLN A 65 -2.37 -6.54 7.24
CA GLN A 65 -1.44 -7.50 6.65
C GLN A 65 -1.68 -7.64 5.15
N SER A 66 -0.70 -8.20 4.45
CA SER A 66 -0.80 -8.40 3.01
C SER A 66 -2.09 -9.12 2.65
N ILE A 67 -2.47 -10.10 3.47
CA ILE A 67 -3.68 -10.86 3.24
C ILE A 67 -4.86 -9.95 2.92
N GLU A 68 -5.28 -9.16 3.89
CA GLU A 68 -6.40 -8.25 3.72
C GLU A 68 -6.16 -7.33 2.51
N ALA A 69 -4.93 -6.82 2.40
CA ALA A 69 -4.58 -5.93 1.30
C ALA A 69 -4.93 -6.56 -0.05
N VAL A 70 -4.55 -7.83 -0.22
CA VAL A 70 -4.82 -8.54 -1.47
C VAL A 70 -6.32 -8.63 -1.72
N GLN A 71 -7.07 -9.06 -0.72
CA GLN A 71 -8.52 -9.20 -0.85
C GLN A 71 -9.13 -7.92 -1.42
N ALA A 72 -8.68 -6.78 -0.93
CA ALA A 72 -9.18 -5.49 -1.40
C ALA A 72 -8.75 -5.22 -2.84
N ILE A 73 -7.43 -5.19 -3.06
CA ILE A 73 -6.90 -4.95 -4.39
C ILE A 73 -7.65 -5.75 -5.45
N SER A 74 -7.94 -7.01 -5.13
CA SER A 74 -8.65 -7.88 -6.05
C SER A 74 -10.14 -7.54 -6.08
N MET A 75 -10.78 -7.66 -4.93
CA MET A 75 -12.21 -7.37 -4.81
C MET A 75 -12.54 -6.01 -5.42
N PHE A 76 -11.54 -5.15 -5.49
CA PHE A 76 -11.71 -3.80 -6.04
C PHE A 76 -11.14 -3.72 -7.46
N ASN A 77 -10.22 -4.63 -7.78
CA ASN A 77 -9.61 -4.66 -9.10
C ASN A 77 -10.67 -4.70 -10.19
N GLY A 78 -10.78 -3.61 -10.94
CA GLY A 78 -11.76 -3.55 -12.02
C GLY A 78 -13.14 -3.20 -11.52
N GLN A 79 -13.21 -2.67 -10.30
CA GLN A 79 -14.49 -2.29 -9.70
C GLN A 79 -15.01 -0.99 -10.30
N LEU A 80 -16.21 -1.04 -10.86
CA LEU A 80 -16.82 0.15 -11.47
C LEU A 80 -17.47 1.03 -10.41
N LEU A 81 -16.77 2.09 -10.02
CA LEU A 81 -17.27 3.02 -9.01
C LEU A 81 -17.66 4.35 -9.64
N PHE A 82 -18.93 4.73 -9.48
CA PHE A 82 -19.42 5.98 -10.03
C PHE A 82 -19.24 6.02 -11.54
N ASP A 83 -19.56 4.91 -12.20
CA ASP A 83 -19.44 4.81 -13.65
C ASP A 83 -17.97 4.97 -14.08
N ARG A 84 -17.06 4.63 -13.17
CA ARG A 84 -15.63 4.73 -13.46
C ARG A 84 -14.86 3.59 -12.79
N PRO A 85 -14.10 2.84 -13.61
CA PRO A 85 -13.30 1.71 -13.12
C PRO A 85 -12.13 2.16 -12.25
N MET A 86 -12.04 1.59 -11.06
CA MET A 86 -10.96 1.93 -10.13
C MET A 86 -9.72 1.08 -10.41
N HIS A 87 -8.56 1.60 -10.02
CA HIS A 87 -7.30 0.89 -10.22
C HIS A 87 -6.59 0.64 -8.90
N VAL A 88 -6.71 -0.59 -8.39
CA VAL A 88 -6.09 -0.96 -7.13
C VAL A 88 -4.95 -1.95 -7.36
N LYS A 89 -3.73 -1.55 -7.00
CA LYS A 89 -2.56 -2.40 -7.15
C LYS A 89 -1.67 -2.33 -5.92
N MET A 90 -0.85 -3.37 -5.72
CA MET A 90 0.05 -3.42 -4.58
C MET A 90 1.10 -2.32 -4.67
N ASP A 91 1.37 -1.67 -3.54
CA ASP A 91 2.35 -0.60 -3.49
C ASP A 91 3.76 -1.16 -3.29
N GLU A 92 4.75 -0.27 -3.27
CA GLU A 92 6.13 -0.68 -3.09
C GLU A 92 6.66 -0.22 -1.73
N ARG A 93 6.31 -0.95 -0.68
CA ARG A 93 6.74 -0.62 0.66
C ARG A 93 7.98 -1.43 1.05
N ALA A 94 9.12 -0.74 1.10
CA ALA A 94 10.38 -1.39 1.46
C ALA A 94 10.62 -1.36 2.96
N LEU A 95 9.94 -2.25 3.68
CA LEU A 95 10.06 -2.32 5.13
C LEU A 95 10.75 -3.61 5.56
N PRO A 96 11.68 -3.50 6.52
CA PRO A 96 12.42 -4.65 7.04
C PRO A 96 11.54 -5.59 7.85
N LYS A 97 11.34 -6.80 7.35
CA LYS A 97 10.52 -7.79 8.03
C LYS A 97 11.39 -8.82 8.75
N GLY A 98 10.92 -9.29 9.89
CA GLY A 98 11.66 -10.27 10.66
C GLY A 98 11.74 -9.91 12.13
N ASP A 99 10.70 -10.27 12.89
CA ASP A 99 10.67 -9.98 14.32
C ASP A 99 10.41 -11.26 15.12
N PHE A 100 11.48 -12.02 15.36
CA PHE A 100 11.37 -13.26 16.11
C PHE A 100 12.72 -13.65 16.71
N PHE A 101 12.67 -14.32 17.86
CA PHE A 101 13.89 -14.74 18.54
C PHE A 101 14.17 -16.22 18.29
N PRO A 102 15.46 -16.57 18.17
CA PRO A 102 15.89 -17.94 17.92
C PRO A 102 15.66 -18.85 19.13
N PRO A 103 14.70 -19.78 19.01
CA PRO A 103 14.36 -20.72 20.08
C PRO A 103 15.46 -21.75 20.31
N GLU A 104 16.10 -21.67 21.47
CA GLU A 104 17.17 -22.59 21.82
C GLU A 104 17.01 -23.11 23.24
N ARG A 105 17.11 -24.42 23.40
CA ARG A 105 16.96 -25.05 24.71
C ARG A 105 18.13 -25.98 25.00
N PRO A 106 18.55 -26.02 26.28
CA PRO A 106 19.67 -26.86 26.71
C PRO A 106 19.33 -28.35 26.68
N GLN A 107 20.34 -29.19 26.63
CA GLN A 107 20.15 -30.63 26.60
C GLN A 107 21.17 -31.35 27.49
N GLN A 108 20.75 -32.45 28.08
CA GLN A 108 21.62 -33.23 28.96
C GLN A 108 21.93 -34.59 28.35
N SER A 109 23.20 -35.00 28.42
CA SER A 109 23.63 -36.27 27.88
C SER A 109 24.65 -36.94 28.80
N GLY A 110 24.59 -38.26 28.86
CA GLY A 110 25.52 -39.00 29.71
C GLY A 110 25.21 -40.49 29.75
N PRO A 111 25.73 -41.23 28.75
CA PRO A 111 25.51 -42.68 28.65
C PRO A 111 26.25 -43.45 29.74
N SER A 112 26.17 -44.77 29.69
CA SER A 112 26.83 -45.62 30.67
C SER A 112 27.29 -46.92 30.04
N SER A 113 28.57 -47.25 30.23
CA SER A 113 29.14 -48.47 29.66
C SER A 113 30.20 -49.05 30.59
N GLY A 114 30.67 -50.24 30.26
CA GLY A 114 31.69 -50.89 31.08
C GLY A 114 31.37 -52.35 31.37
N GLY A 1 29.46 14.35 -24.60
CA GLY A 1 28.86 13.29 -23.81
C GLY A 1 27.40 13.57 -23.48
N SER A 2 26.72 12.58 -22.90
CA SER A 2 25.32 12.72 -22.54
C SER A 2 24.90 11.61 -21.58
N SER A 3 24.27 12.00 -20.47
CA SER A 3 23.81 11.05 -19.47
C SER A 3 22.75 11.66 -18.58
N GLY A 4 21.55 11.09 -18.60
CA GLY A 4 20.47 11.60 -17.77
C GLY A 4 19.48 10.53 -17.40
N SER A 5 19.64 9.96 -16.21
CA SER A 5 18.75 8.91 -15.74
C SER A 5 19.08 8.53 -14.29
N SER A 6 18.15 8.84 -13.38
CA SER A 6 18.34 8.53 -11.97
C SER A 6 18.59 7.04 -11.76
N GLY A 7 18.04 6.23 -12.64
CA GLY A 7 18.23 4.79 -12.54
C GLY A 7 17.99 4.28 -11.13
N ALA A 8 16.86 4.66 -10.55
CA ALA A 8 16.52 4.24 -9.19
C ALA A 8 15.53 3.08 -9.22
N LEU A 9 16.06 1.86 -9.22
CA LEU A 9 15.22 0.67 -9.23
C LEU A 9 14.53 0.45 -7.89
N GLN A 10 13.21 0.35 -7.91
CA GLN A 10 12.43 0.16 -6.70
C GLN A 10 12.13 -1.33 -6.48
N ALA A 11 12.70 -1.90 -5.43
CA ALA A 11 12.49 -3.30 -5.11
C ALA A 11 11.79 -3.46 -3.77
N GLY A 12 11.22 -4.65 -3.55
CA GLY A 12 10.52 -4.91 -2.30
C GLY A 12 9.02 -4.82 -2.46
N ARG A 13 8.45 -5.72 -3.25
CA ARG A 13 7.00 -5.72 -3.49
C ARG A 13 6.24 -5.95 -2.19
N LEU A 14 6.97 -6.39 -1.15
CA LEU A 14 6.36 -6.65 0.14
C LEU A 14 5.80 -5.37 0.75
N GLY A 15 4.47 -5.32 0.89
CA GLY A 15 3.84 -4.15 1.46
C GLY A 15 2.34 -4.16 1.29
N SER A 16 1.62 -3.70 2.30
CA SER A 16 0.16 -3.67 2.26
C SER A 16 -0.34 -2.44 1.48
N THR A 17 0.28 -1.29 1.76
CA THR A 17 -0.10 -0.05 1.09
C THR A 17 -0.50 -0.31 -0.36
N VAL A 18 -1.73 0.08 -0.70
CA VAL A 18 -2.25 -0.11 -2.05
C VAL A 18 -2.44 1.22 -2.76
N PHE A 19 -2.15 1.26 -4.05
CA PHE A 19 -2.29 2.47 -4.83
C PHE A 19 -3.60 2.47 -5.62
N VAL A 20 -4.47 3.42 -5.32
CA VAL A 20 -5.75 3.53 -5.99
C VAL A 20 -5.79 4.72 -6.93
N ALA A 21 -6.21 4.48 -8.18
CA ALA A 21 -6.28 5.54 -9.18
C ALA A 21 -7.60 5.48 -9.94
N ASN A 22 -7.86 6.49 -10.76
CA ASN A 22 -9.08 6.55 -11.54
C ASN A 22 -10.31 6.59 -10.64
N LEU A 23 -10.30 7.49 -9.67
CA LEU A 23 -11.41 7.62 -8.74
C LEU A 23 -12.29 8.81 -9.11
N ASP A 24 -13.54 8.79 -8.63
CA ASP A 24 -14.47 9.88 -8.91
C ASP A 24 -14.04 11.15 -8.22
N TYR A 25 -14.76 12.25 -8.49
CA TYR A 25 -14.46 13.54 -7.89
C TYR A 25 -15.25 13.75 -6.61
N LYS A 26 -16.17 12.82 -6.32
CA LYS A 26 -16.99 12.90 -5.14
C LYS A 26 -16.62 11.79 -4.14
N VAL A 27 -15.35 11.41 -4.13
CA VAL A 27 -14.87 10.37 -3.24
C VAL A 27 -14.00 10.96 -2.14
N GLY A 28 -14.27 10.56 -0.90
CA GLY A 28 -13.50 11.06 0.23
C GLY A 28 -12.82 9.94 1.00
N TRP A 29 -11.78 10.30 1.74
CA TRP A 29 -11.03 9.32 2.53
C TRP A 29 -11.98 8.41 3.30
N LYS A 30 -13.13 8.95 3.69
CA LYS A 30 -14.13 8.18 4.42
C LYS A 30 -14.77 7.13 3.53
N LYS A 31 -15.13 7.52 2.31
CA LYS A 31 -15.75 6.62 1.36
C LYS A 31 -14.81 5.46 1.00
N LEU A 32 -13.59 5.81 0.62
CA LEU A 32 -12.60 4.81 0.25
C LEU A 32 -12.33 3.85 1.41
N LYS A 33 -12.29 4.40 2.62
CA LYS A 33 -12.05 3.59 3.81
C LYS A 33 -13.23 2.68 4.10
N GLU A 34 -14.38 3.28 4.40
CA GLU A 34 -15.59 2.51 4.70
C GLU A 34 -15.76 1.37 3.70
N VAL A 35 -15.50 1.66 2.43
CA VAL A 35 -15.62 0.66 1.38
C VAL A 35 -14.60 -0.46 1.54
N PHE A 36 -13.33 -0.06 1.66
CA PHE A 36 -12.25 -1.03 1.83
C PHE A 36 -12.43 -1.84 3.12
N SER A 37 -13.32 -1.37 3.98
CA SER A 37 -13.58 -2.04 5.24
C SER A 37 -13.90 -3.51 5.02
N MET A 38 -14.40 -3.83 3.83
CA MET A 38 -14.73 -5.20 3.48
C MET A 38 -13.53 -6.12 3.64
N ALA A 39 -12.49 -5.89 2.83
CA ALA A 39 -11.28 -6.69 2.89
C ALA A 39 -10.80 -6.86 4.32
N GLY A 40 -10.73 -5.76 5.05
CA GLY A 40 -10.28 -5.80 6.43
C GLY A 40 -10.29 -4.43 7.09
N VAL A 41 -9.46 -4.26 8.10
CA VAL A 41 -9.37 -2.99 8.82
C VAL A 41 -8.32 -2.08 8.20
N VAL A 42 -8.74 -0.85 7.88
CA VAL A 42 -7.84 0.12 7.28
C VAL A 42 -7.03 0.86 8.35
N VAL A 43 -5.79 0.43 8.55
CA VAL A 43 -4.92 1.04 9.54
C VAL A 43 -4.75 2.54 9.27
N ARG A 44 -4.60 2.89 8.00
CA ARG A 44 -4.43 4.29 7.61
C ARG A 44 -5.03 4.54 6.22
N ALA A 45 -6.02 5.42 6.16
CA ALA A 45 -6.66 5.76 4.90
C ALA A 45 -6.51 7.24 4.58
N ASP A 46 -6.31 7.54 3.31
CA ASP A 46 -6.16 8.93 2.87
C ASP A 46 -6.31 9.03 1.35
N ILE A 47 -6.40 10.27 0.85
CA ILE A 47 -6.54 10.51 -0.57
C ILE A 47 -5.52 11.53 -1.07
N LEU A 48 -4.85 11.22 -2.17
CA LEU A 48 -3.86 12.11 -2.74
C LEU A 48 -4.51 13.31 -3.41
N GLU A 49 -4.09 14.50 -3.04
CA GLU A 49 -4.64 15.73 -3.61
C GLU A 49 -3.58 16.48 -4.41
N ASP A 50 -3.98 17.60 -5.00
CA ASP A 50 -3.07 18.42 -5.79
C ASP A 50 -2.46 19.53 -4.95
N LYS A 51 -1.59 20.32 -5.56
CA LYS A 51 -0.94 21.43 -4.87
C LYS A 51 -1.93 22.15 -3.95
N ASP A 52 -3.04 22.59 -4.53
CA ASP A 52 -4.07 23.30 -3.77
C ASP A 52 -4.72 22.38 -2.74
N GLY A 53 -5.28 21.27 -3.22
CA GLY A 53 -5.92 20.32 -2.33
C GLY A 53 -7.12 19.64 -2.98
N LYS A 54 -7.03 19.42 -4.29
CA LYS A 54 -8.11 18.77 -5.02
C LYS A 54 -7.77 17.33 -5.33
N SER A 55 -8.80 16.48 -5.41
CA SER A 55 -8.60 15.07 -5.69
C SER A 55 -8.31 14.83 -7.17
N ARG A 56 -7.13 14.29 -7.46
CA ARG A 56 -6.73 14.03 -8.84
C ARG A 56 -7.21 12.65 -9.29
N GLY A 57 -8.16 12.09 -8.55
CA GLY A 57 -8.68 10.78 -8.89
C GLY A 57 -7.75 9.66 -8.45
N ILE A 58 -6.92 9.93 -7.45
CA ILE A 58 -5.98 8.94 -6.95
C ILE A 58 -5.96 8.93 -5.43
N GLY A 59 -6.17 7.75 -4.84
CA GLY A 59 -6.16 7.62 -3.40
C GLY A 59 -5.24 6.53 -2.92
N THR A 60 -5.00 6.50 -1.61
CA THR A 60 -4.12 5.49 -1.01
C THR A 60 -4.70 4.95 0.29
N VAL A 61 -4.48 3.67 0.55
CA VAL A 61 -4.97 3.04 1.77
C VAL A 61 -3.93 2.10 2.37
N THR A 62 -4.03 1.87 3.67
CA THR A 62 -3.09 0.99 4.36
C THR A 62 -3.83 -0.04 5.22
N PHE A 63 -3.68 -1.31 4.85
CA PHE A 63 -4.34 -2.39 5.58
C PHE A 63 -3.46 -2.89 6.72
N GLU A 64 -3.94 -3.91 7.43
CA GLU A 64 -3.19 -4.47 8.54
C GLU A 64 -2.13 -5.45 8.06
N GLN A 65 -2.56 -6.45 7.29
CA GLN A 65 -1.66 -7.46 6.76
C GLN A 65 -1.85 -7.63 5.25
N SER A 66 -0.83 -8.15 4.58
CA SER A 66 -0.89 -8.37 3.15
C SER A 66 -2.16 -9.12 2.76
N ILE A 67 -2.59 -10.02 3.62
CA ILE A 67 -3.79 -10.80 3.38
C ILE A 67 -4.96 -9.92 2.95
N GLU A 68 -5.45 -9.11 3.90
CA GLU A 68 -6.56 -8.21 3.63
C GLU A 68 -6.25 -7.31 2.44
N ALA A 69 -5.02 -6.78 2.41
CA ALA A 69 -4.60 -5.89 1.33
C ALA A 69 -4.87 -6.52 -0.03
N VAL A 70 -4.51 -7.79 -0.18
CA VAL A 70 -4.73 -8.50 -1.43
C VAL A 70 -6.20 -8.62 -1.76
N GLN A 71 -6.99 -9.05 -0.77
CA GLN A 71 -8.43 -9.21 -0.95
C GLN A 71 -9.04 -7.97 -1.60
N ALA A 72 -8.71 -6.81 -1.06
CA ALA A 72 -9.22 -5.55 -1.59
C ALA A 72 -8.71 -5.29 -3.00
N ILE A 73 -7.39 -5.22 -3.14
CA ILE A 73 -6.78 -4.98 -4.45
C ILE A 73 -7.50 -5.76 -5.54
N SER A 74 -7.91 -6.98 -5.22
CA SER A 74 -8.61 -7.84 -6.18
C SER A 74 -10.09 -7.48 -6.24
N MET A 75 -10.79 -7.69 -5.12
CA MET A 75 -12.21 -7.40 -5.06
C MET A 75 -12.50 -6.00 -5.58
N PHE A 76 -11.47 -5.16 -5.64
CA PHE A 76 -11.62 -3.79 -6.12
C PHE A 76 -11.04 -3.65 -7.53
N ASN A 77 -10.08 -4.52 -7.86
CA ASN A 77 -9.44 -4.49 -9.17
C ASN A 77 -10.47 -4.62 -10.28
N GLY A 78 -10.65 -3.56 -11.05
CA GLY A 78 -11.61 -3.57 -12.14
C GLY A 78 -13.02 -3.27 -11.68
N GLN A 79 -13.15 -2.81 -10.44
CA GLN A 79 -14.46 -2.48 -9.87
C GLN A 79 -14.97 -1.15 -10.41
N LEU A 80 -16.16 -1.17 -11.00
CA LEU A 80 -16.76 0.03 -11.56
C LEU A 80 -17.40 0.88 -10.45
N LEU A 81 -16.69 1.92 -10.03
CA LEU A 81 -17.18 2.81 -8.99
C LEU A 81 -17.60 4.15 -9.58
N PHE A 82 -18.85 4.52 -9.35
CA PHE A 82 -19.38 5.79 -9.85
C PHE A 82 -19.31 5.84 -11.37
N ASP A 83 -19.56 4.70 -12.01
CA ASP A 83 -19.52 4.61 -13.46
C ASP A 83 -18.10 4.77 -13.98
N ARG A 84 -17.13 4.45 -13.13
CA ARG A 84 -15.72 4.55 -13.51
C ARG A 84 -14.91 3.42 -12.87
N PRO A 85 -14.14 2.70 -13.70
CA PRO A 85 -13.31 1.59 -13.24
C PRO A 85 -12.11 2.07 -12.42
N MET A 86 -12.04 1.61 -11.17
CA MET A 86 -10.95 2.00 -10.29
C MET A 86 -9.70 1.16 -10.57
N HIS A 87 -8.54 1.73 -10.29
CA HIS A 87 -7.27 1.04 -10.51
C HIS A 87 -6.53 0.81 -9.20
N VAL A 88 -6.55 -0.43 -8.74
CA VAL A 88 -5.88 -0.79 -7.49
C VAL A 88 -4.70 -1.72 -7.74
N LYS A 89 -3.53 -1.34 -7.24
CA LYS A 89 -2.33 -2.14 -7.40
C LYS A 89 -1.43 -2.04 -6.17
N MET A 90 -0.58 -3.04 -5.99
CA MET A 90 0.34 -3.06 -4.85
C MET A 90 1.30 -1.89 -4.90
N ASP A 91 1.53 -1.26 -3.76
CA ASP A 91 2.44 -0.12 -3.67
C ASP A 91 3.89 -0.57 -3.78
N GLU A 92 4.72 0.28 -4.37
CA GLU A 92 6.14 -0.04 -4.54
C GLU A 92 6.99 0.66 -3.47
N ARG A 93 7.01 0.08 -2.27
CA ARG A 93 7.77 0.65 -1.17
C ARG A 93 9.16 0.03 -1.09
N ALA A 94 10.02 0.60 -0.25
CA ALA A 94 11.37 0.10 -0.09
C ALA A 94 11.76 0.01 1.40
N LEU A 95 11.74 -1.19 1.94
CA LEU A 95 12.08 -1.40 3.34
C LEU A 95 12.45 -2.86 3.60
N PRO A 96 13.47 -3.08 4.44
CA PRO A 96 13.94 -4.42 4.79
C PRO A 96 12.94 -5.17 5.66
N LYS A 97 12.77 -6.46 5.37
CA LYS A 97 11.85 -7.30 6.12
C LYS A 97 12.39 -7.58 7.53
N GLY A 98 13.59 -8.13 7.59
CA GLY A 98 14.20 -8.45 8.87
C GLY A 98 13.79 -9.81 9.40
N ASP A 99 14.13 -10.85 8.65
CA ASP A 99 13.79 -12.21 9.05
C ASP A 99 14.68 -12.69 10.18
N PHE A 100 14.15 -13.59 11.01
CA PHE A 100 14.90 -14.12 12.14
C PHE A 100 14.39 -15.50 12.53
N PHE A 101 15.31 -16.46 12.65
CA PHE A 101 14.94 -17.82 13.02
C PHE A 101 14.95 -17.99 14.54
N PRO A 102 13.99 -18.78 15.04
CA PRO A 102 13.86 -19.05 16.48
C PRO A 102 15.00 -19.90 17.02
N PRO A 103 15.33 -19.72 18.31
CA PRO A 103 16.40 -20.47 18.97
C PRO A 103 16.04 -21.94 19.17
N GLU A 104 17.04 -22.80 19.08
CA GLU A 104 16.84 -24.23 19.26
C GLU A 104 17.21 -24.67 20.68
N ARG A 105 16.81 -25.88 21.04
CA ARG A 105 17.10 -26.41 22.36
C ARG A 105 18.08 -27.59 22.28
N PRO A 106 19.34 -27.33 22.66
CA PRO A 106 20.40 -28.34 22.63
C PRO A 106 20.18 -29.43 23.68
N GLN A 107 20.52 -30.67 23.33
CA GLN A 107 20.36 -31.79 24.24
C GLN A 107 21.72 -32.39 24.60
N GLN A 108 22.30 -31.91 25.69
CA GLN A 108 23.60 -32.39 26.14
C GLN A 108 23.69 -33.91 26.00
N SER A 109 24.86 -34.39 25.59
CA SER A 109 25.08 -35.82 25.41
C SER A 109 26.57 -36.15 25.43
N GLY A 110 26.89 -37.38 25.81
CA GLY A 110 28.28 -37.80 25.86
C GLY A 110 28.56 -38.77 26.99
N PRO A 111 28.82 -38.21 28.18
CA PRO A 111 29.11 -39.00 29.39
C PRO A 111 27.88 -39.76 29.89
N SER A 112 26.78 -39.62 29.18
CA SER A 112 25.53 -40.28 29.56
C SER A 112 25.80 -41.71 30.03
N SER A 113 26.57 -42.46 29.25
CA SER A 113 26.91 -43.83 29.60
C SER A 113 27.72 -43.88 30.89
N GLY A 114 27.33 -44.77 31.79
CA GLY A 114 28.04 -44.91 33.05
C GLY A 114 27.23 -44.42 34.23
N GLY A 1 -6.25 17.67 -25.60
CA GLY A 1 -6.47 18.86 -24.78
C GLY A 1 -5.22 19.29 -24.05
N SER A 2 -5.40 19.87 -22.87
CA SER A 2 -4.29 20.34 -22.06
C SER A 2 -4.18 19.55 -20.77
N SER A 3 -3.53 18.38 -20.83
CA SER A 3 -3.37 17.54 -19.66
C SER A 3 -2.13 17.94 -18.86
N GLY A 4 -2.35 18.73 -17.80
CA GLY A 4 -1.24 19.16 -16.98
C GLY A 4 -1.30 18.59 -15.58
N SER A 5 -0.38 17.67 -15.28
CA SER A 5 -0.33 17.04 -13.97
C SER A 5 0.76 17.65 -13.11
N SER A 6 0.66 17.44 -11.80
CA SER A 6 1.64 17.98 -10.86
C SER A 6 2.48 16.86 -10.25
N GLY A 7 3.72 17.18 -9.90
CA GLY A 7 4.60 16.19 -9.31
C GLY A 7 4.48 16.14 -7.80
N ALA A 8 3.35 15.63 -7.32
CA ALA A 8 3.11 15.53 -5.89
C ALA A 8 4.14 14.61 -5.23
N LEU A 9 4.37 14.82 -3.93
CA LEU A 9 5.33 14.02 -3.19
C LEU A 9 4.74 13.57 -1.85
N GLN A 10 4.90 12.29 -1.54
CA GLN A 10 4.39 11.74 -0.29
C GLN A 10 5.40 10.79 0.35
N ALA A 11 5.44 10.78 1.68
CA ALA A 11 6.36 9.93 2.41
C ALA A 11 5.63 9.11 3.47
N GLY A 12 6.03 7.85 3.62
CA GLY A 12 5.40 6.99 4.60
C GLY A 12 6.21 5.74 4.89
N ARG A 13 5.59 4.77 5.56
CA ARG A 13 6.28 3.53 5.90
C ARG A 13 6.01 2.46 4.84
N LEU A 14 6.56 1.27 5.05
CA LEU A 14 6.39 0.17 4.11
C LEU A 14 5.63 -0.99 4.77
N GLY A 15 4.70 -1.58 4.04
CA GLY A 15 3.93 -2.69 4.56
C GLY A 15 2.97 -3.26 3.54
N SER A 16 1.68 -3.29 3.91
CA SER A 16 0.66 -3.83 3.02
C SER A 16 -0.24 -2.69 2.50
N THR A 17 0.39 -1.68 1.92
CA THR A 17 -0.34 -0.55 1.37
C THR A 17 -0.77 -0.81 -0.06
N VAL A 18 -1.78 -0.07 -0.52
CA VAL A 18 -2.28 -0.21 -1.88
C VAL A 18 -2.44 1.14 -2.56
N PHE A 19 -2.15 1.19 -3.85
CA PHE A 19 -2.26 2.43 -4.62
C PHE A 19 -3.55 2.45 -5.43
N VAL A 20 -4.45 3.35 -5.07
CA VAL A 20 -5.73 3.48 -5.77
C VAL A 20 -5.71 4.65 -6.73
N ALA A 21 -6.23 4.42 -7.94
CA ALA A 21 -6.27 5.46 -8.97
C ALA A 21 -7.58 5.40 -9.74
N ASN A 22 -7.87 6.47 -10.48
CA ASN A 22 -9.09 6.55 -11.27
C ASN A 22 -10.32 6.52 -10.36
N LEU A 23 -10.33 7.37 -9.35
CA LEU A 23 -11.44 7.45 -8.41
C LEU A 23 -12.34 8.64 -8.74
N ASP A 24 -13.56 8.61 -8.20
CA ASP A 24 -14.51 9.68 -8.42
C ASP A 24 -14.27 10.85 -7.46
N TYR A 25 -14.24 12.06 -8.01
CA TYR A 25 -14.01 13.25 -7.20
C TYR A 25 -14.82 13.20 -5.90
N LYS A 26 -16.09 12.80 -6.02
CA LYS A 26 -16.96 12.71 -4.87
C LYS A 26 -16.37 11.79 -3.80
N VAL A 27 -15.77 10.69 -4.25
CA VAL A 27 -15.16 9.73 -3.33
C VAL A 27 -14.20 10.42 -2.37
N GLY A 28 -14.44 10.25 -1.07
CA GLY A 28 -13.59 10.86 -0.07
C GLY A 28 -12.96 9.84 0.86
N TRP A 29 -11.85 10.22 1.49
CA TRP A 29 -11.16 9.34 2.41
C TRP A 29 -12.15 8.52 3.24
N LYS A 30 -13.29 9.11 3.53
CA LYS A 30 -14.33 8.45 4.31
C LYS A 30 -15.00 7.35 3.49
N LYS A 31 -15.39 7.68 2.27
CA LYS A 31 -16.05 6.73 1.39
C LYS A 31 -15.09 5.61 1.00
N LEU A 32 -13.89 5.98 0.55
CA LEU A 32 -12.89 5.00 0.15
C LEU A 32 -12.59 4.02 1.28
N LYS A 33 -12.31 4.57 2.46
CA LYS A 33 -12.01 3.74 3.63
C LYS A 33 -13.24 2.95 4.06
N GLU A 34 -14.41 3.56 3.92
CA GLU A 34 -15.66 2.91 4.29
C GLU A 34 -15.92 1.67 3.43
N VAL A 35 -15.46 1.73 2.18
CA VAL A 35 -15.63 0.61 1.26
C VAL A 35 -14.55 -0.44 1.45
N PHE A 36 -13.30 0.00 1.49
CA PHE A 36 -12.18 -0.90 1.67
C PHE A 36 -12.30 -1.68 2.98
N SER A 37 -12.99 -1.09 3.94
CA SER A 37 -13.18 -1.71 5.25
C SER A 37 -13.58 -3.18 5.08
N MET A 38 -14.16 -3.51 3.94
CA MET A 38 -14.59 -4.87 3.66
C MET A 38 -13.41 -5.84 3.76
N ALA A 39 -12.45 -5.68 2.85
CA ALA A 39 -11.27 -6.55 2.83
C ALA A 39 -10.70 -6.72 4.24
N GLY A 40 -10.65 -5.62 4.99
CA GLY A 40 -10.12 -5.68 6.34
C GLY A 40 -10.06 -4.31 7.00
N VAL A 41 -9.25 -4.19 8.04
CA VAL A 41 -9.11 -2.92 8.76
C VAL A 41 -8.08 -2.03 8.08
N VAL A 42 -8.50 -0.81 7.72
CA VAL A 42 -7.60 0.14 7.07
C VAL A 42 -6.77 0.90 8.09
N VAL A 43 -5.53 0.46 8.29
CA VAL A 43 -4.64 1.11 9.24
C VAL A 43 -4.51 2.60 8.94
N ARG A 44 -4.27 2.93 7.68
CA ARG A 44 -4.12 4.32 7.27
C ARG A 44 -4.88 4.59 5.97
N ALA A 45 -5.79 5.55 6.01
CA ALA A 45 -6.58 5.91 4.83
C ALA A 45 -6.48 7.40 4.53
N ASP A 46 -6.15 7.72 3.28
CA ASP A 46 -6.03 9.11 2.86
C ASP A 46 -6.06 9.22 1.34
N ILE A 47 -6.28 10.43 0.85
CA ILE A 47 -6.33 10.68 -0.59
C ILE A 47 -5.30 11.72 -1.01
N LEU A 48 -4.79 11.58 -2.23
CA LEU A 48 -3.81 12.52 -2.75
C LEU A 48 -4.48 13.69 -3.46
N GLU A 49 -4.15 14.90 -3.03
CA GLU A 49 -4.73 16.11 -3.62
C GLU A 49 -3.64 17.13 -3.93
N ASP A 50 -4.01 18.16 -4.69
CA ASP A 50 -3.06 19.20 -5.07
C ASP A 50 -2.53 19.93 -3.83
N LYS A 51 -1.57 20.82 -4.04
CA LYS A 51 -0.97 21.57 -2.94
C LYS A 51 -2.05 22.23 -2.09
N ASP A 52 -3.23 22.43 -2.68
CA ASP A 52 -4.34 23.05 -1.96
C ASP A 52 -5.27 21.99 -1.39
N GLY A 53 -5.76 21.11 -2.25
CA GLY A 53 -6.65 20.05 -1.80
C GLY A 53 -7.63 19.64 -2.88
N LYS A 54 -7.18 19.62 -4.12
CA LYS A 54 -8.03 19.23 -5.25
C LYS A 54 -7.98 17.73 -5.48
N SER A 55 -9.11 17.16 -5.89
CA SER A 55 -9.20 15.72 -6.14
C SER A 55 -8.70 15.40 -7.55
N ARG A 56 -7.68 14.56 -7.62
CA ARG A 56 -7.11 14.17 -8.91
C ARG A 56 -7.63 12.80 -9.33
N GLY A 57 -8.20 12.06 -8.38
CA GLY A 57 -8.73 10.74 -8.68
C GLY A 57 -7.80 9.64 -8.26
N ILE A 58 -6.91 9.94 -7.30
CA ILE A 58 -5.97 8.96 -6.81
C ILE A 58 -5.94 8.93 -5.28
N GLY A 59 -6.20 7.76 -4.71
CA GLY A 59 -6.19 7.63 -3.26
C GLY A 59 -5.23 6.56 -2.78
N THR A 60 -5.01 6.53 -1.46
CA THR A 60 -4.10 5.55 -0.87
C THR A 60 -4.70 4.93 0.37
N VAL A 61 -4.57 3.61 0.49
CA VAL A 61 -5.11 2.89 1.64
C VAL A 61 -4.09 1.90 2.19
N THR A 62 -4.06 1.75 3.50
CA THR A 62 -3.13 0.82 4.16
C THR A 62 -3.86 -0.14 5.07
N PHE A 63 -3.78 -1.43 4.76
CA PHE A 63 -4.44 -2.45 5.56
C PHE A 63 -3.53 -2.92 6.70
N GLU A 64 -4.01 -3.90 7.47
CA GLU A 64 -3.25 -4.42 8.58
C GLU A 64 -2.24 -5.47 8.11
N GLN A 65 -2.71 -6.41 7.30
CA GLN A 65 -1.86 -7.48 6.77
C GLN A 65 -2.06 -7.64 5.26
N SER A 66 -1.04 -8.18 4.59
CA SER A 66 -1.11 -8.38 3.15
C SER A 66 -2.41 -9.09 2.77
N ILE A 67 -2.75 -10.13 3.50
CA ILE A 67 -3.97 -10.89 3.24
C ILE A 67 -5.12 -9.97 2.89
N GLU A 68 -5.47 -9.09 3.82
CA GLU A 68 -6.57 -8.14 3.61
C GLU A 68 -6.30 -7.25 2.40
N ALA A 69 -5.05 -6.80 2.28
CA ALA A 69 -4.67 -5.94 1.17
C ALA A 69 -5.01 -6.58 -0.17
N VAL A 70 -4.55 -7.80 -0.38
CA VAL A 70 -4.82 -8.53 -1.62
C VAL A 70 -6.31 -8.63 -1.88
N GLN A 71 -7.06 -9.06 -0.87
CA GLN A 71 -8.51 -9.20 -0.99
C GLN A 71 -9.13 -7.95 -1.61
N ALA A 72 -8.74 -6.79 -1.09
CA ALA A 72 -9.26 -5.52 -1.58
C ALA A 72 -8.76 -5.24 -3.00
N ILE A 73 -7.44 -5.20 -3.15
CA ILE A 73 -6.82 -4.93 -4.44
C ILE A 73 -7.55 -5.69 -5.56
N SER A 74 -7.83 -6.97 -5.31
CA SER A 74 -8.52 -7.80 -6.30
C SER A 74 -10.01 -7.48 -6.31
N MET A 75 -10.67 -7.73 -5.18
CA MET A 75 -12.10 -7.47 -5.07
C MET A 75 -12.46 -6.09 -5.61
N PHE A 76 -11.47 -5.21 -5.67
CA PHE A 76 -11.67 -3.86 -6.17
C PHE A 76 -11.10 -3.71 -7.58
N ASN A 77 -10.05 -4.46 -7.87
CA ASN A 77 -9.40 -4.41 -9.18
C ASN A 77 -10.43 -4.56 -10.29
N GLY A 78 -10.59 -3.52 -11.10
CA GLY A 78 -11.54 -3.56 -12.19
C GLY A 78 -12.97 -3.31 -11.74
N GLN A 79 -13.11 -2.77 -10.52
CA GLN A 79 -14.43 -2.49 -9.97
C GLN A 79 -14.98 -1.17 -10.51
N LEU A 80 -16.13 -1.23 -11.15
CA LEU A 80 -16.76 -0.05 -11.72
C LEU A 80 -17.52 0.74 -10.65
N LEU A 81 -16.89 1.80 -10.17
CA LEU A 81 -17.51 2.64 -9.14
C LEU A 81 -17.93 3.99 -9.71
N PHE A 82 -19.21 4.31 -9.57
CA PHE A 82 -19.75 5.57 -10.07
C PHE A 82 -19.53 5.68 -11.57
N ASP A 83 -19.55 4.55 -12.27
CA ASP A 83 -19.36 4.53 -13.71
C ASP A 83 -17.90 4.77 -14.07
N ARG A 84 -17.00 4.40 -13.16
CA ARG A 84 -15.57 4.57 -13.39
C ARG A 84 -14.77 3.42 -12.77
N PRO A 85 -13.99 2.72 -13.61
CA PRO A 85 -13.17 1.60 -13.17
C PRO A 85 -12.00 2.04 -12.30
N MET A 86 -12.01 1.62 -11.04
CA MET A 86 -10.96 1.97 -10.10
C MET A 86 -9.68 1.19 -10.41
N HIS A 87 -8.54 1.75 -10.03
CA HIS A 87 -7.26 1.11 -10.27
C HIS A 87 -6.54 0.82 -8.94
N VAL A 88 -6.62 -0.43 -8.50
CA VAL A 88 -5.99 -0.83 -7.25
C VAL A 88 -4.80 -1.75 -7.50
N LYS A 89 -3.61 -1.27 -7.20
CA LYS A 89 -2.39 -2.04 -7.39
C LYS A 89 -1.60 -2.17 -6.10
N MET A 90 -0.76 -3.19 -6.02
CA MET A 90 0.05 -3.41 -4.82
C MET A 90 1.10 -2.31 -4.65
N ASP A 91 1.12 -1.71 -3.47
CA ASP A 91 2.06 -0.64 -3.18
C ASP A 91 3.32 -1.19 -2.51
N GLU A 92 3.83 -2.31 -3.04
CA GLU A 92 5.02 -2.93 -2.51
C GLU A 92 6.27 -2.43 -3.23
N ARG A 93 6.99 -1.52 -2.59
CA ARG A 93 8.20 -0.95 -3.16
C ARG A 93 8.96 -2.01 -3.97
N ALA A 94 9.48 -1.60 -5.12
CA ALA A 94 10.22 -2.51 -5.99
C ALA A 94 11.60 -2.79 -5.42
N LEU A 95 11.67 -3.71 -4.47
CA LEU A 95 12.94 -4.08 -3.84
C LEU A 95 12.96 -5.55 -3.46
N PRO A 96 14.06 -6.23 -3.79
CA PRO A 96 14.23 -7.66 -3.50
C PRO A 96 14.39 -7.93 -2.00
N LYS A 97 14.14 -9.18 -1.61
CA LYS A 97 14.26 -9.56 -0.20
C LYS A 97 15.59 -10.25 0.07
N GLY A 98 15.92 -11.22 -0.78
CA GLY A 98 17.18 -11.95 -0.62
C GLY A 98 16.98 -13.32 -0.01
N ASP A 99 15.97 -14.04 -0.50
CA ASP A 99 15.68 -15.38 0.00
C ASP A 99 16.78 -16.36 -0.41
N PHE A 100 17.21 -17.17 0.55
CA PHE A 100 18.25 -18.16 0.30
C PHE A 100 17.76 -19.57 0.63
N PHE A 101 18.28 -20.55 -0.10
CA PHE A 101 17.91 -21.94 0.12
C PHE A 101 19.14 -22.83 0.29
N PRO A 102 19.14 -23.62 1.36
CA PRO A 102 20.26 -24.53 1.66
C PRO A 102 20.35 -25.69 0.67
N PRO A 103 21.58 -26.15 0.43
CA PRO A 103 21.83 -27.26 -0.51
C PRO A 103 21.34 -28.60 0.04
N GLU A 104 21.56 -29.66 -0.73
CA GLU A 104 21.13 -31.00 -0.32
C GLU A 104 22.21 -32.04 -0.66
N ARG A 105 22.11 -33.20 -0.01
CA ARG A 105 23.07 -34.27 -0.25
C ARG A 105 22.37 -35.51 -0.81
N PRO A 106 23.07 -36.22 -1.72
CA PRO A 106 22.54 -37.42 -2.35
C PRO A 106 22.42 -38.59 -1.39
N GLN A 107 21.72 -39.64 -1.81
CA GLN A 107 21.55 -40.82 -0.96
C GLN A 107 22.43 -41.97 -1.46
N GLN A 108 23.34 -42.41 -0.61
CA GLN A 108 24.24 -43.51 -0.95
C GLN A 108 23.84 -44.79 -0.24
N SER A 109 23.81 -45.90 -0.98
CA SER A 109 23.43 -47.19 -0.42
C SER A 109 24.50 -47.69 0.55
N GLY A 110 24.08 -48.47 1.53
CA GLY A 110 25.01 -49.00 2.52
C GLY A 110 25.08 -50.51 2.48
N PRO A 111 25.90 -51.06 1.56
CA PRO A 111 26.08 -52.50 1.41
C PRO A 111 26.83 -53.12 2.58
N SER A 112 26.70 -54.44 2.73
CA SER A 112 27.36 -55.15 3.82
C SER A 112 28.81 -55.48 3.44
N SER A 113 29.62 -55.75 4.46
CA SER A 113 31.02 -56.08 4.25
C SER A 113 31.55 -56.99 5.35
N GLY A 114 32.80 -57.39 5.22
CA GLY A 114 33.40 -58.27 6.22
C GLY A 114 32.61 -59.54 6.42
N GLY A 1 9.25 -12.47 -38.91
CA GLY A 1 9.00 -11.52 -37.84
C GLY A 1 9.16 -12.14 -36.47
N SER A 2 9.91 -11.47 -35.61
CA SER A 2 10.14 -11.96 -34.25
C SER A 2 10.55 -10.83 -33.33
N SER A 3 9.74 -10.58 -32.29
CA SER A 3 10.01 -9.53 -31.33
C SER A 3 9.40 -9.85 -29.98
N GLY A 4 10.00 -9.31 -28.92
CA GLY A 4 9.49 -9.54 -27.58
C GLY A 4 10.17 -8.68 -26.55
N SER A 5 9.77 -8.84 -25.28
CA SER A 5 10.36 -8.06 -24.20
C SER A 5 9.82 -8.53 -22.84
N SER A 6 10.64 -8.38 -21.81
CA SER A 6 10.25 -8.80 -20.46
C SER A 6 11.24 -8.28 -19.43
N GLY A 7 10.93 -8.49 -18.16
CA GLY A 7 11.79 -8.03 -17.09
C GLY A 7 11.21 -8.29 -15.71
N ALA A 8 12.03 -8.14 -14.68
CA ALA A 8 11.60 -8.37 -13.31
C ALA A 8 11.72 -7.10 -12.48
N LEU A 9 10.78 -6.89 -11.56
CA LEU A 9 10.78 -5.72 -10.71
C LEU A 9 10.52 -6.10 -9.26
N GLN A 10 10.73 -5.15 -8.35
CA GLN A 10 10.52 -5.39 -6.93
C GLN A 10 9.02 -5.41 -6.62
N ALA A 11 8.52 -6.59 -6.26
CA ALA A 11 7.10 -6.75 -5.92
C ALA A 11 6.77 -6.07 -4.60
N GLY A 12 7.62 -6.30 -3.60
CA GLY A 12 7.39 -5.70 -2.29
C GLY A 12 6.78 -6.68 -1.31
N ARG A 13 7.62 -7.30 -0.49
CA ARG A 13 7.15 -8.27 0.50
C ARG A 13 6.65 -7.55 1.75
N LEU A 14 7.38 -6.53 2.18
CA LEU A 14 7.01 -5.76 3.37
C LEU A 14 6.05 -4.64 3.02
N GLY A 15 5.20 -4.27 3.97
CA GLY A 15 4.25 -3.21 3.74
C GLY A 15 2.97 -3.70 3.10
N SER A 16 1.85 -3.03 3.39
CA SER A 16 0.57 -3.41 2.83
C SER A 16 -0.18 -2.20 2.29
N THR A 17 0.56 -1.31 1.61
CA THR A 17 -0.03 -0.11 1.05
C THR A 17 -0.54 -0.37 -0.37
N VAL A 18 -1.78 0.04 -0.63
CA VAL A 18 -2.39 -0.14 -1.95
C VAL A 18 -2.57 1.20 -2.65
N PHE A 19 -2.12 1.28 -3.90
CA PHE A 19 -2.25 2.50 -4.69
C PHE A 19 -3.49 2.46 -5.55
N VAL A 20 -4.40 3.41 -5.32
CA VAL A 20 -5.64 3.49 -6.09
C VAL A 20 -5.61 4.65 -7.07
N ALA A 21 -6.15 4.43 -8.26
CA ALA A 21 -6.18 5.46 -9.29
C ALA A 21 -7.50 5.42 -10.07
N ASN A 22 -7.79 6.50 -10.79
CA ASN A 22 -9.01 6.58 -11.58
C ASN A 22 -10.24 6.59 -10.67
N LEU A 23 -10.17 7.36 -9.59
CA LEU A 23 -11.27 7.46 -8.64
C LEU A 23 -12.18 8.62 -8.99
N ASP A 24 -13.47 8.48 -8.68
CA ASP A 24 -14.44 9.53 -8.96
C ASP A 24 -14.08 10.81 -8.21
N TYR A 25 -14.67 11.92 -8.65
CA TYR A 25 -14.41 13.22 -8.04
C TYR A 25 -15.19 13.38 -6.74
N LYS A 26 -16.40 12.80 -6.70
CA LYS A 26 -17.25 12.88 -5.52
C LYS A 26 -16.86 11.81 -4.51
N VAL A 27 -15.55 11.56 -4.39
CA VAL A 27 -15.06 10.56 -3.45
C VAL A 27 -14.32 11.21 -2.29
N GLY A 28 -14.24 10.50 -1.17
CA GLY A 28 -13.56 11.03 0.01
C GLY A 28 -12.95 9.94 0.86
N TRP A 29 -11.93 10.31 1.64
CA TRP A 29 -11.25 9.35 2.50
C TRP A 29 -12.26 8.52 3.29
N LYS A 30 -13.38 9.13 3.63
CA LYS A 30 -14.43 8.44 4.39
C LYS A 30 -15.07 7.35 3.55
N LYS A 31 -15.37 7.67 2.29
CA LYS A 31 -15.99 6.71 1.38
C LYS A 31 -15.05 5.55 1.10
N LEU A 32 -13.85 5.87 0.60
CA LEU A 32 -12.86 4.86 0.28
C LEU A 32 -12.66 3.90 1.45
N LYS A 33 -12.23 4.44 2.58
CA LYS A 33 -12.00 3.64 3.77
C LYS A 33 -13.22 2.76 4.09
N GLU A 34 -14.37 3.41 4.28
CA GLU A 34 -15.60 2.69 4.58
C GLU A 34 -15.75 1.47 3.68
N VAL A 35 -15.39 1.63 2.41
CA VAL A 35 -15.49 0.53 1.45
C VAL A 35 -14.39 -0.51 1.69
N PHE A 36 -13.16 -0.04 1.88
CA PHE A 36 -12.04 -0.92 2.11
C PHE A 36 -12.25 -1.76 3.36
N SER A 37 -13.16 -1.30 4.23
CA SER A 37 -13.47 -2.02 5.46
C SER A 37 -13.82 -3.48 5.18
N MET A 38 -14.26 -3.74 3.95
CA MET A 38 -14.63 -5.10 3.55
C MET A 38 -13.43 -6.03 3.63
N ALA A 39 -12.40 -5.74 2.84
CA ALA A 39 -11.20 -6.56 2.82
C ALA A 39 -10.66 -6.79 4.23
N GLY A 40 -10.47 -5.70 4.98
CA GLY A 40 -9.97 -5.81 6.33
C GLY A 40 -9.90 -4.47 7.03
N VAL A 41 -9.10 -4.40 8.09
CA VAL A 41 -8.95 -3.16 8.85
C VAL A 41 -8.00 -2.18 8.15
N VAL A 42 -8.49 -0.98 7.90
CA VAL A 42 -7.68 0.04 7.22
C VAL A 42 -6.86 0.84 8.23
N VAL A 43 -5.60 0.43 8.41
CA VAL A 43 -4.71 1.11 9.34
C VAL A 43 -4.58 2.59 9.01
N ARG A 44 -4.40 2.89 7.73
CA ARG A 44 -4.26 4.27 7.27
C ARG A 44 -5.01 4.49 5.96
N ALA A 45 -5.96 5.41 5.97
CA ALA A 45 -6.74 5.72 4.78
C ALA A 45 -6.68 7.21 4.45
N ASP A 46 -6.26 7.52 3.23
CA ASP A 46 -6.16 8.92 2.80
C ASP A 46 -6.26 9.01 1.27
N ILE A 47 -6.49 10.23 0.78
CA ILE A 47 -6.60 10.46 -0.65
C ILE A 47 -5.62 11.51 -1.13
N LEU A 48 -4.93 11.23 -2.22
CA LEU A 48 -3.94 12.15 -2.77
C LEU A 48 -4.63 13.29 -3.52
N GLU A 49 -4.15 14.51 -3.29
CA GLU A 49 -4.73 15.69 -3.94
C GLU A 49 -3.64 16.54 -4.58
N ASP A 50 -4.05 17.59 -5.27
CA ASP A 50 -3.10 18.49 -5.93
C ASP A 50 -2.57 19.53 -4.95
N LYS A 51 -1.65 20.37 -5.43
CA LYS A 51 -1.05 21.40 -4.59
C LYS A 51 -2.09 22.01 -3.67
N ASP A 52 -3.11 22.64 -4.24
CA ASP A 52 -4.17 23.25 -3.46
C ASP A 52 -4.81 22.24 -2.51
N GLY A 53 -5.34 21.16 -3.08
CA GLY A 53 -5.97 20.14 -2.27
C GLY A 53 -7.19 19.54 -2.94
N LYS A 54 -7.09 19.28 -4.23
CA LYS A 54 -8.20 18.71 -4.99
C LYS A 54 -7.92 17.25 -5.32
N SER A 55 -8.93 16.39 -5.09
CA SER A 55 -8.79 14.98 -5.37
C SER A 55 -8.41 14.73 -6.82
N ARG A 56 -7.20 14.22 -7.03
CA ARG A 56 -6.71 13.95 -8.38
C ARG A 56 -7.12 12.55 -8.83
N GLY A 57 -8.24 12.06 -8.30
CA GLY A 57 -8.72 10.75 -8.66
C GLY A 57 -7.76 9.65 -8.23
N ILE A 58 -6.90 9.94 -7.26
CA ILE A 58 -5.93 8.97 -6.78
C ILE A 58 -5.92 8.93 -5.25
N GLY A 59 -5.96 7.72 -4.70
CA GLY A 59 -5.96 7.57 -3.25
C GLY A 59 -4.93 6.55 -2.79
N THR A 60 -4.82 6.39 -1.47
CA THR A 60 -3.86 5.45 -0.90
C THR A 60 -4.35 4.94 0.45
N VAL A 61 -4.40 3.61 0.60
CA VAL A 61 -4.84 3.00 1.85
C VAL A 61 -3.85 1.94 2.32
N THR A 62 -3.84 1.69 3.63
CA THR A 62 -2.93 0.70 4.21
C THR A 62 -3.68 -0.25 5.14
N PHE A 63 -3.64 -1.54 4.81
CA PHE A 63 -4.32 -2.55 5.62
C PHE A 63 -3.41 -3.03 6.75
N GLU A 64 -3.91 -3.99 7.53
CA GLU A 64 -3.15 -4.54 8.65
C GLU A 64 -2.31 -5.74 8.20
N GLN A 65 -2.98 -6.73 7.59
CA GLN A 65 -2.30 -7.93 7.12
C GLN A 65 -2.31 -7.99 5.59
N SER A 66 -1.22 -8.49 5.03
CA SER A 66 -1.08 -8.59 3.58
C SER A 66 -2.34 -9.23 2.97
N ILE A 67 -2.82 -10.29 3.61
CA ILE A 67 -4.01 -10.99 3.13
C ILE A 67 -5.13 -10.01 2.79
N GLU A 68 -5.57 -9.25 3.80
CA GLU A 68 -6.63 -8.28 3.61
C GLU A 68 -6.31 -7.33 2.46
N ALA A 69 -5.09 -6.80 2.47
CA ALA A 69 -4.65 -5.88 1.42
C ALA A 69 -4.95 -6.44 0.03
N VAL A 70 -4.49 -7.67 -0.22
CA VAL A 70 -4.72 -8.32 -1.51
C VAL A 70 -6.20 -8.34 -1.85
N GLN A 71 -7.01 -8.90 -0.96
CA GLN A 71 -8.45 -8.99 -1.18
C GLN A 71 -8.98 -7.69 -1.78
N ALA A 72 -8.75 -6.57 -1.09
CA ALA A 72 -9.22 -5.28 -1.57
C ALA A 72 -8.67 -4.98 -2.96
N ILE A 73 -7.37 -5.20 -3.14
CA ILE A 73 -6.73 -4.95 -4.42
C ILE A 73 -7.45 -5.67 -5.56
N SER A 74 -7.56 -7.00 -5.41
CA SER A 74 -8.24 -7.81 -6.43
C SER A 74 -9.71 -7.45 -6.52
N MET A 75 -10.43 -7.58 -5.41
CA MET A 75 -11.85 -7.27 -5.37
C MET A 75 -12.13 -5.93 -6.03
N PHE A 76 -11.49 -4.88 -5.52
CA PHE A 76 -11.67 -3.54 -6.05
C PHE A 76 -11.13 -3.44 -7.48
N ASN A 77 -9.98 -4.07 -7.71
CA ASN A 77 -9.35 -4.06 -9.02
C ASN A 77 -10.39 -4.32 -10.12
N GLY A 78 -10.62 -3.31 -10.96
CA GLY A 78 -11.58 -3.45 -12.04
C GLY A 78 -13.00 -3.27 -11.58
N GLN A 79 -13.17 -2.62 -10.43
CA GLN A 79 -14.50 -2.37 -9.87
C GLN A 79 -15.08 -1.07 -10.41
N LEU A 80 -16.26 -1.15 -10.99
CA LEU A 80 -16.94 0.02 -11.55
C LEU A 80 -17.60 0.85 -10.44
N LEU A 81 -16.94 1.91 -10.03
CA LEU A 81 -17.46 2.78 -8.98
C LEU A 81 -17.91 4.12 -9.56
N PHE A 82 -19.19 4.44 -9.39
CA PHE A 82 -19.74 5.69 -9.90
C PHE A 82 -19.60 5.77 -11.41
N ASP A 83 -19.72 4.63 -12.07
CA ASP A 83 -19.60 4.58 -13.53
C ASP A 83 -18.16 4.78 -13.97
N ARG A 84 -17.22 4.46 -13.07
CA ARG A 84 -15.80 4.61 -13.37
C ARG A 84 -14.99 3.50 -12.71
N PRO A 85 -14.24 2.75 -13.54
CA PRO A 85 -13.41 1.64 -13.06
C PRO A 85 -12.21 2.11 -12.26
N MET A 86 -12.08 1.59 -11.04
CA MET A 86 -10.96 1.97 -10.17
C MET A 86 -9.73 1.13 -10.48
N HIS A 87 -8.55 1.69 -10.21
CA HIS A 87 -7.30 1.00 -10.45
C HIS A 87 -6.51 0.82 -9.16
N VAL A 88 -6.58 -0.38 -8.58
CA VAL A 88 -5.88 -0.67 -7.34
C VAL A 88 -4.78 -1.70 -7.56
N LYS A 89 -3.56 -1.37 -7.13
CA LYS A 89 -2.43 -2.27 -7.29
C LYS A 89 -1.50 -2.17 -6.08
N MET A 90 -0.68 -3.20 -5.89
CA MET A 90 0.26 -3.24 -4.77
C MET A 90 1.33 -2.15 -4.93
N ASP A 91 1.34 -1.22 -3.98
CA ASP A 91 2.32 -0.13 -4.01
C ASP A 91 3.73 -0.66 -3.82
N GLU A 92 4.54 -0.59 -4.88
CA GLU A 92 5.91 -1.08 -4.83
C GLU A 92 6.80 -0.10 -4.05
N ARG A 93 6.57 1.20 -4.27
CA ARG A 93 7.34 2.22 -3.59
C ARG A 93 7.37 1.98 -2.08
N ALA A 94 8.52 1.54 -1.58
CA ALA A 94 8.67 1.27 -0.15
C ALA A 94 9.49 2.37 0.53
N LEU A 95 8.84 3.47 0.85
CA LEU A 95 9.50 4.59 1.50
C LEU A 95 9.88 4.24 2.93
N PRO A 96 11.11 4.61 3.33
CA PRO A 96 11.61 4.34 4.68
C PRO A 96 10.92 5.19 5.74
N LYS A 97 10.32 4.52 6.73
CA LYS A 97 9.63 5.22 7.80
C LYS A 97 10.14 4.77 9.17
N GLY A 98 10.79 5.69 9.88
CA GLY A 98 11.31 5.36 11.20
C GLY A 98 12.51 6.22 11.57
N ASP A 99 12.54 6.70 12.80
CA ASP A 99 13.63 7.54 13.28
C ASP A 99 14.09 7.10 14.67
N PHE A 100 15.15 7.73 15.17
CA PHE A 100 15.68 7.41 16.48
C PHE A 100 16.24 8.64 17.17
N PHE A 101 16.16 8.66 18.49
CA PHE A 101 16.66 9.80 19.27
C PHE A 101 18.06 9.52 19.79
N PRO A 102 19.01 10.41 19.45
CA PRO A 102 20.40 10.29 19.88
C PRO A 102 20.58 10.53 21.37
N PRO A 103 21.70 10.04 21.94
CA PRO A 103 22.00 10.19 23.36
C PRO A 103 22.34 11.63 23.72
N GLU A 104 21.57 12.19 24.66
CA GLU A 104 21.79 13.56 25.10
C GLU A 104 21.64 13.68 26.61
N ARG A 105 22.58 14.39 27.24
CA ARG A 105 22.55 14.57 28.68
C ARG A 105 22.93 16.00 29.06
N PRO A 106 22.32 16.52 30.13
CA PRO A 106 22.58 17.87 30.62
C PRO A 106 23.97 18.02 31.21
N GLN A 107 24.70 19.06 30.79
CA GLN A 107 26.04 19.30 31.28
C GLN A 107 26.20 20.76 31.73
N GLN A 108 26.88 20.95 32.85
CA GLN A 108 27.09 22.29 33.39
C GLN A 108 28.54 22.73 33.18
N SER A 109 28.74 24.02 32.97
CA SER A 109 30.07 24.57 32.76
C SER A 109 30.11 26.06 33.09
N GLY A 110 31.31 26.58 33.33
CA GLY A 110 31.46 27.98 33.65
C GLY A 110 32.88 28.33 34.06
N PRO A 111 33.75 28.56 33.05
CA PRO A 111 35.15 28.91 33.30
C PRO A 111 35.32 30.30 33.88
N SER A 112 36.56 30.73 34.05
CA SER A 112 36.85 32.05 34.61
C SER A 112 38.28 32.46 34.31
N SER A 113 38.62 33.70 34.66
CA SER A 113 39.97 34.22 34.42
C SER A 113 40.28 35.37 35.38
N GLY A 114 41.50 35.90 35.28
CA GLY A 114 41.90 36.99 36.13
C GLY A 114 43.10 36.66 36.99
N GLY A 1 19.93 -2.05 -28.03
CA GLY A 1 20.17 -1.96 -26.60
C GLY A 1 20.32 -3.33 -25.95
N SER A 2 21.10 -3.39 -24.88
CA SER A 2 21.32 -4.64 -24.17
C SER A 2 20.25 -4.85 -23.10
N SER A 3 19.62 -6.02 -23.13
CA SER A 3 18.57 -6.34 -22.16
C SER A 3 19.17 -7.00 -20.92
N GLY A 4 18.39 -7.07 -19.85
CA GLY A 4 18.86 -7.67 -18.62
C GLY A 4 19.00 -6.68 -17.49
N SER A 5 18.63 -7.08 -16.29
CA SER A 5 18.71 -6.21 -15.12
C SER A 5 19.81 -6.68 -14.17
N SER A 6 20.68 -5.76 -13.78
CA SER A 6 21.77 -6.07 -12.87
C SER A 6 21.29 -6.18 -11.44
N GLY A 7 21.77 -7.19 -10.73
CA GLY A 7 21.37 -7.39 -9.35
C GLY A 7 19.88 -7.23 -9.15
N ALA A 8 19.50 -6.30 -8.26
CA ALA A 8 18.10 -6.05 -7.99
C ALA A 8 17.38 -7.32 -7.55
N LEU A 9 17.91 -7.98 -6.52
CA LEU A 9 17.32 -9.21 -6.01
C LEU A 9 16.03 -8.93 -5.26
N GLN A 10 14.91 -9.38 -5.82
CA GLN A 10 13.61 -9.17 -5.20
C GLN A 10 13.03 -10.49 -4.70
N ALA A 11 13.15 -10.72 -3.40
CA ALA A 11 12.63 -11.94 -2.79
C ALA A 11 11.45 -11.66 -1.87
N GLY A 12 10.26 -12.11 -2.29
CA GLY A 12 9.07 -11.88 -1.49
C GLY A 12 8.76 -10.41 -1.31
N ARG A 13 8.27 -9.77 -2.38
CA ARG A 13 7.94 -8.35 -2.33
C ARG A 13 6.99 -8.05 -1.16
N LEU A 14 7.52 -7.36 -0.16
CA LEU A 14 6.74 -7.01 1.02
C LEU A 14 6.13 -5.62 0.87
N GLY A 15 4.94 -5.43 1.45
CA GLY A 15 4.27 -4.15 1.37
C GLY A 15 2.78 -4.27 1.20
N SER A 16 2.04 -4.05 2.29
CA SER A 16 0.59 -4.15 2.26
C SER A 16 -0.03 -2.94 1.55
N THR A 17 0.55 -1.76 1.80
CA THR A 17 0.05 -0.53 1.19
C THR A 17 -0.45 -0.78 -0.23
N VAL A 18 -1.56 -0.14 -0.58
CA VAL A 18 -2.14 -0.29 -1.90
C VAL A 18 -2.34 1.06 -2.57
N PHE A 19 -2.13 1.11 -3.89
CA PHE A 19 -2.30 2.35 -4.65
C PHE A 19 -3.63 2.37 -5.37
N VAL A 20 -4.41 3.42 -5.13
CA VAL A 20 -5.72 3.57 -5.77
C VAL A 20 -5.75 4.78 -6.69
N ALA A 21 -6.15 4.56 -7.94
CA ALA A 21 -6.24 5.64 -8.92
C ALA A 21 -7.54 5.57 -9.70
N ASN A 22 -7.79 6.60 -10.49
CA ASN A 22 -9.02 6.66 -11.30
C ASN A 22 -10.26 6.70 -10.41
N LEU A 23 -10.14 7.39 -9.28
CA LEU A 23 -11.25 7.51 -8.34
C LEU A 23 -12.12 8.72 -8.67
N ASP A 24 -13.42 8.58 -8.45
CA ASP A 24 -14.37 9.66 -8.72
C ASP A 24 -14.07 10.87 -7.84
N TYR A 25 -14.23 12.07 -8.39
CA TYR A 25 -13.99 13.30 -7.66
C TYR A 25 -14.86 13.35 -6.40
N LYS A 26 -16.01 12.69 -6.46
CA LYS A 26 -16.93 12.67 -5.34
C LYS A 26 -16.41 11.78 -4.22
N VAL A 27 -15.74 10.70 -4.59
CA VAL A 27 -15.19 9.76 -3.62
C VAL A 27 -14.19 10.45 -2.70
N GLY A 28 -14.33 10.21 -1.39
CA GLY A 28 -13.44 10.81 -0.42
C GLY A 28 -12.89 9.80 0.57
N TRP A 29 -11.76 10.14 1.19
CA TRP A 29 -11.13 9.26 2.16
C TRP A 29 -12.19 8.53 2.99
N LYS A 30 -13.31 9.20 3.24
CA LYS A 30 -14.39 8.61 4.02
C LYS A 30 -14.96 7.37 3.32
N LYS A 31 -15.34 7.54 2.06
CA LYS A 31 -15.90 6.45 1.27
C LYS A 31 -14.85 5.38 1.00
N LEU A 32 -13.70 5.80 0.48
CA LEU A 32 -12.61 4.88 0.17
C LEU A 32 -12.35 3.94 1.34
N LYS A 33 -12.41 4.48 2.56
CA LYS A 33 -12.18 3.69 3.76
C LYS A 33 -13.40 2.83 4.08
N GLU A 34 -14.55 3.48 4.27
CA GLU A 34 -15.78 2.77 4.58
C GLU A 34 -15.97 1.57 3.66
N VAL A 35 -15.52 1.71 2.42
CA VAL A 35 -15.64 0.65 1.44
C VAL A 35 -14.57 -0.42 1.66
N PHE A 36 -13.31 -0.01 1.60
CA PHE A 36 -12.19 -0.94 1.80
C PHE A 36 -12.36 -1.73 3.10
N SER A 37 -13.20 -1.21 3.99
CA SER A 37 -13.45 -1.87 5.27
C SER A 37 -13.87 -3.32 5.06
N MET A 38 -14.25 -3.64 3.83
CA MET A 38 -14.69 -4.99 3.50
C MET A 38 -13.53 -5.98 3.64
N ALA A 39 -12.50 -5.79 2.82
CA ALA A 39 -11.33 -6.66 2.84
C ALA A 39 -10.84 -6.87 4.28
N GLY A 40 -10.72 -5.78 5.03
CA GLY A 40 -10.27 -5.87 6.39
C GLY A 40 -10.34 -4.53 7.12
N VAL A 41 -9.29 -4.21 7.86
CA VAL A 41 -9.24 -2.95 8.61
C VAL A 41 -8.23 -1.99 7.98
N VAL A 42 -8.72 -0.85 7.52
CA VAL A 42 -7.87 0.16 6.91
C VAL A 42 -7.01 0.87 7.95
N VAL A 43 -5.77 0.42 8.09
CA VAL A 43 -4.85 1.00 9.06
C VAL A 43 -4.74 2.51 8.85
N ARG A 44 -4.45 2.92 7.63
CA ARG A 44 -4.30 4.34 7.31
C ARG A 44 -4.87 4.64 5.92
N ALA A 45 -5.89 5.47 5.88
CA ALA A 45 -6.53 5.84 4.61
C ALA A 45 -6.41 7.35 4.36
N ASP A 46 -6.21 7.72 3.10
CA ASP A 46 -6.09 9.12 2.73
C ASP A 46 -6.15 9.29 1.21
N ILE A 47 -6.49 10.49 0.77
CA ILE A 47 -6.58 10.78 -0.65
C ILE A 47 -5.62 11.89 -1.06
N LEU A 48 -4.80 11.63 -2.07
CA LEU A 48 -3.83 12.60 -2.55
C LEU A 48 -4.53 13.76 -3.25
N GLU A 49 -4.22 14.97 -2.81
CA GLU A 49 -4.81 16.17 -3.41
C GLU A 49 -3.75 17.19 -3.77
N ASP A 50 -4.17 18.30 -4.37
CA ASP A 50 -3.24 19.36 -4.78
C ASP A 50 -2.94 20.28 -3.59
N LYS A 51 -2.00 21.20 -3.80
CA LYS A 51 -1.60 22.14 -2.77
C LYS A 51 -2.82 22.63 -1.99
N ASP A 52 -3.77 23.24 -2.69
CA ASP A 52 -4.98 23.74 -2.08
C ASP A 52 -5.89 22.61 -1.63
N GLY A 53 -6.28 21.76 -2.59
CA GLY A 53 -7.15 20.63 -2.28
C GLY A 53 -8.02 20.24 -3.45
N LYS A 54 -7.42 20.16 -4.63
CA LYS A 54 -8.15 19.79 -5.84
C LYS A 54 -8.09 18.28 -6.06
N SER A 55 -9.25 17.62 -5.97
CA SER A 55 -9.32 16.18 -6.16
C SER A 55 -8.66 15.77 -7.47
N ARG A 56 -7.60 14.96 -7.37
CA ARG A 56 -6.89 14.50 -8.54
C ARG A 56 -7.41 13.14 -8.99
N GLY A 57 -8.07 12.42 -8.08
CA GLY A 57 -8.61 11.12 -8.42
C GLY A 57 -7.67 10.00 -8.05
N ILE A 58 -6.79 10.25 -7.08
CA ILE A 58 -5.83 9.25 -6.64
C ILE A 58 -5.73 9.21 -5.12
N GLY A 59 -5.80 8.01 -4.55
CA GLY A 59 -5.73 7.87 -3.10
C GLY A 59 -4.87 6.69 -2.70
N THR A 60 -4.67 6.54 -1.39
CA THR A 60 -3.86 5.45 -0.87
C THR A 60 -4.49 4.84 0.38
N VAL A 61 -4.34 3.53 0.54
CA VAL A 61 -4.90 2.82 1.69
C VAL A 61 -3.89 1.84 2.28
N THR A 62 -3.81 1.82 3.61
CA THR A 62 -2.88 0.93 4.29
C THR A 62 -3.63 -0.11 5.13
N PHE A 63 -3.51 -1.37 4.74
CA PHE A 63 -4.19 -2.46 5.45
C PHE A 63 -3.31 -2.99 6.58
N GLU A 64 -3.89 -3.83 7.43
CA GLU A 64 -3.17 -4.40 8.56
C GLU A 64 -2.22 -5.51 8.09
N GLN A 65 -2.77 -6.50 7.39
CA GLN A 65 -1.97 -7.61 6.89
C GLN A 65 -2.12 -7.75 5.37
N SER A 66 -1.11 -8.32 4.74
CA SER A 66 -1.13 -8.51 3.29
C SER A 66 -2.44 -9.15 2.84
N ILE A 67 -2.84 -10.21 3.53
CA ILE A 67 -4.07 -10.92 3.20
C ILE A 67 -5.19 -9.93 2.87
N GLU A 68 -5.57 -9.13 3.84
CA GLU A 68 -6.64 -8.14 3.65
C GLU A 68 -6.33 -7.25 2.45
N ALA A 69 -5.09 -6.77 2.38
CA ALA A 69 -4.68 -5.91 1.29
C ALA A 69 -4.99 -6.52 -0.06
N VAL A 70 -4.61 -7.78 -0.24
CA VAL A 70 -4.85 -8.49 -1.49
C VAL A 70 -6.34 -8.50 -1.82
N GLN A 71 -7.14 -9.09 -0.95
CA GLN A 71 -8.58 -9.16 -1.15
C GLN A 71 -9.11 -7.86 -1.75
N ALA A 72 -8.76 -6.74 -1.12
CA ALA A 72 -9.19 -5.43 -1.59
C ALA A 72 -8.68 -5.14 -2.99
N ILE A 73 -7.37 -5.16 -3.15
CA ILE A 73 -6.75 -4.90 -4.45
C ILE A 73 -7.50 -5.62 -5.56
N SER A 74 -7.77 -6.91 -5.36
CA SER A 74 -8.48 -7.71 -6.34
C SER A 74 -9.96 -7.34 -6.38
N MET A 75 -10.66 -7.60 -5.29
CA MET A 75 -12.08 -7.30 -5.20
C MET A 75 -12.37 -5.90 -5.73
N PHE A 76 -11.35 -5.05 -5.75
CA PHE A 76 -11.49 -3.68 -6.23
C PHE A 76 -10.88 -3.53 -7.62
N ASN A 77 -9.98 -4.44 -7.97
CA ASN A 77 -9.31 -4.41 -9.26
C ASN A 77 -10.33 -4.58 -10.39
N GLY A 78 -10.52 -3.51 -11.16
CA GLY A 78 -11.47 -3.56 -12.26
C GLY A 78 -12.90 -3.33 -11.82
N GLN A 79 -13.07 -2.95 -10.56
CA GLN A 79 -14.39 -2.70 -10.00
C GLN A 79 -14.94 -1.35 -10.48
N LEU A 80 -16.17 -1.36 -10.96
CA LEU A 80 -16.80 -0.14 -11.46
C LEU A 80 -17.52 0.59 -10.33
N LEU A 81 -16.96 1.72 -9.90
CA LEU A 81 -17.55 2.51 -8.84
C LEU A 81 -18.02 3.86 -9.34
N PHE A 82 -19.29 4.16 -9.15
CA PHE A 82 -19.86 5.42 -9.60
C PHE A 82 -19.73 5.58 -11.11
N ASP A 83 -19.79 4.46 -11.82
CA ASP A 83 -19.69 4.46 -13.27
C ASP A 83 -18.25 4.71 -13.71
N ARG A 84 -17.30 4.35 -12.85
CA ARG A 84 -15.89 4.55 -13.14
C ARG A 84 -15.05 3.43 -12.50
N PRO A 85 -14.21 2.79 -13.32
CA PRO A 85 -13.34 1.70 -12.87
C PRO A 85 -12.22 2.19 -11.95
N MET A 86 -12.06 1.54 -10.80
CA MET A 86 -11.03 1.91 -9.84
C MET A 86 -9.74 1.14 -10.10
N HIS A 87 -8.62 1.85 -10.12
CA HIS A 87 -7.33 1.23 -10.35
C HIS A 87 -6.61 0.94 -9.04
N VAL A 88 -6.59 -0.33 -8.66
CA VAL A 88 -5.94 -0.74 -7.41
C VAL A 88 -4.83 -1.75 -7.68
N LYS A 89 -3.63 -1.46 -7.17
CA LYS A 89 -2.49 -2.33 -7.35
C LYS A 89 -1.54 -2.24 -6.16
N MET A 90 -0.83 -3.33 -5.88
CA MET A 90 0.11 -3.38 -4.78
C MET A 90 1.17 -2.30 -4.92
N ASP A 91 1.51 -1.65 -3.79
CA ASP A 91 2.51 -0.59 -3.80
C ASP A 91 3.80 -1.06 -4.46
N GLU A 92 4.39 -0.20 -5.27
CA GLU A 92 5.63 -0.52 -5.97
C GLU A 92 6.84 -0.28 -5.06
N ARG A 93 6.87 0.90 -4.44
CA ARG A 93 7.97 1.26 -3.56
C ARG A 93 7.88 0.51 -2.24
N ALA A 94 8.99 -0.11 -1.82
CA ALA A 94 9.02 -0.86 -0.58
C ALA A 94 10.14 -0.35 0.33
N LEU A 95 9.80 0.57 1.22
CA LEU A 95 10.77 1.14 2.15
C LEU A 95 10.90 0.27 3.39
N PRO A 96 12.15 0.12 3.89
CA PRO A 96 12.43 -0.68 5.07
C PRO A 96 11.91 -0.05 6.35
N LYS A 97 11.82 -0.83 7.41
CA LYS A 97 11.33 -0.33 8.70
C LYS A 97 12.49 -0.01 9.63
N GLY A 98 13.54 -0.82 9.57
CA GLY A 98 14.70 -0.59 10.42
C GLY A 98 14.65 -1.39 11.70
N ASP A 99 14.33 -2.69 11.58
CA ASP A 99 14.25 -3.57 12.73
C ASP A 99 15.64 -4.11 13.10
N PHE A 100 16.38 -3.34 13.88
CA PHE A 100 17.72 -3.75 14.29
C PHE A 100 17.78 -3.94 15.81
N PHE A 101 18.70 -4.79 16.25
CA PHE A 101 18.86 -5.06 17.68
C PHE A 101 20.32 -4.95 18.09
N PRO A 102 20.56 -4.36 19.27
CA PRO A 102 21.92 -4.16 19.80
C PRO A 102 22.56 -5.49 20.23
N PRO A 103 23.58 -5.92 19.47
CA PRO A 103 24.30 -7.16 19.75
C PRO A 103 25.15 -7.08 21.02
N GLU A 104 25.75 -8.19 21.40
CA GLU A 104 26.59 -8.24 22.60
C GLU A 104 28.01 -8.68 22.25
N ARG A 105 28.90 -8.55 23.21
CA ARG A 105 30.30 -8.93 23.01
C ARG A 105 30.78 -9.84 24.14
N PRO A 106 31.56 -10.87 23.77
CA PRO A 106 32.10 -11.84 24.73
C PRO A 106 33.17 -11.23 25.63
N GLN A 107 33.49 -11.92 26.71
CA GLN A 107 34.51 -11.44 27.65
C GLN A 107 35.48 -12.56 28.01
N GLN A 108 36.52 -12.72 27.21
CA GLN A 108 37.52 -13.74 27.44
C GLN A 108 38.90 -13.12 27.65
N SER A 109 39.89 -13.97 27.94
CA SER A 109 41.25 -13.51 28.16
C SER A 109 42.21 -14.69 28.32
N GLY A 110 43.40 -14.55 27.74
CA GLY A 110 44.39 -15.62 27.82
C GLY A 110 45.42 -15.54 26.72
N PRO A 111 46.44 -14.69 26.91
CA PRO A 111 47.52 -14.51 25.93
C PRO A 111 48.42 -15.73 25.82
N SER A 112 49.27 -15.75 24.80
CA SER A 112 50.19 -16.86 24.58
C SER A 112 51.41 -16.41 23.80
N SER A 113 52.51 -17.13 23.98
CA SER A 113 53.77 -16.80 23.30
C SER A 113 54.35 -18.02 22.61
N GLY A 114 55.00 -17.81 21.47
CA GLY A 114 55.59 -18.90 20.73
C GLY A 114 56.75 -18.46 19.87
N GLY A 1 6.35 -16.47 -34.58
CA GLY A 1 5.18 -15.62 -34.73
C GLY A 1 4.05 -16.01 -33.80
N SER A 2 4.10 -15.51 -32.57
CA SER A 2 3.07 -15.81 -31.58
C SER A 2 2.60 -14.55 -30.88
N SER A 3 1.42 -14.60 -30.29
CA SER A 3 0.86 -13.46 -29.58
C SER A 3 0.17 -13.90 -28.29
N GLY A 4 -0.02 -12.96 -27.38
CA GLY A 4 -0.67 -13.27 -26.11
C GLY A 4 0.00 -14.42 -25.39
N SER A 5 1.08 -14.14 -24.67
CA SER A 5 1.81 -15.16 -23.94
C SER A 5 2.11 -14.70 -22.51
N SER A 6 1.86 -15.58 -21.55
CA SER A 6 2.11 -15.27 -20.15
C SER A 6 3.60 -15.08 -19.88
N GLY A 7 3.91 -14.34 -18.83
CA GLY A 7 5.30 -14.08 -18.48
C GLY A 7 5.51 -12.71 -17.89
N ALA A 8 4.95 -12.48 -16.71
CA ALA A 8 5.08 -11.19 -16.03
C ALA A 8 5.61 -11.36 -14.62
N LEU A 9 6.78 -10.79 -14.35
CA LEU A 9 7.40 -10.89 -13.03
C LEU A 9 6.71 -9.96 -12.04
N GLN A 10 6.41 -10.47 -10.86
CA GLN A 10 5.75 -9.69 -9.83
C GLN A 10 6.64 -8.53 -9.37
N ALA A 11 6.03 -7.54 -8.73
CA ALA A 11 6.76 -6.38 -8.24
C ALA A 11 6.49 -6.14 -6.76
N GLY A 12 7.18 -6.89 -5.91
CA GLY A 12 7.00 -6.74 -4.48
C GLY A 12 6.14 -7.84 -3.89
N ARG A 13 6.52 -8.32 -2.71
CA ARG A 13 5.78 -9.38 -2.03
C ARG A 13 5.39 -8.96 -0.63
N LEU A 14 6.31 -8.33 0.08
CA LEU A 14 6.06 -7.87 1.44
C LEU A 14 5.49 -6.46 1.45
N GLY A 15 4.20 -6.35 1.71
CA GLY A 15 3.56 -5.04 1.74
C GLY A 15 2.06 -5.14 1.91
N SER A 16 1.43 -4.03 2.31
CA SER A 16 -0.01 -4.00 2.51
C SER A 16 -0.63 -2.78 1.84
N THR A 17 0.12 -1.68 1.83
CA THR A 17 -0.36 -0.44 1.21
C THR A 17 -0.77 -0.66 -0.24
N VAL A 18 -1.91 -0.11 -0.61
CA VAL A 18 -2.42 -0.24 -1.97
C VAL A 18 -2.59 1.12 -2.63
N PHE A 19 -2.14 1.22 -3.88
CA PHE A 19 -2.24 2.47 -4.63
C PHE A 19 -3.49 2.48 -5.50
N VAL A 20 -4.38 3.43 -5.24
CA VAL A 20 -5.62 3.55 -6.00
C VAL A 20 -5.55 4.74 -6.96
N ALA A 21 -6.06 4.53 -8.17
CA ALA A 21 -6.07 5.58 -9.18
C ALA A 21 -7.36 5.57 -9.97
N ASN A 22 -7.71 6.72 -10.56
CA ASN A 22 -8.93 6.83 -11.34
C ASN A 22 -10.16 6.89 -10.44
N LEU A 23 -10.09 7.69 -9.39
CA LEU A 23 -11.19 7.83 -8.45
C LEU A 23 -12.00 9.09 -8.74
N ASP A 24 -13.32 8.96 -8.73
CA ASP A 24 -14.20 10.08 -8.99
C ASP A 24 -13.95 11.22 -8.00
N TYR A 25 -14.42 12.41 -8.35
CA TYR A 25 -14.25 13.58 -7.50
C TYR A 25 -15.12 13.49 -6.26
N LYS A 26 -16.22 12.74 -6.36
CA LYS A 26 -17.15 12.57 -5.26
C LYS A 26 -16.53 11.70 -4.17
N VAL A 27 -15.87 10.63 -4.57
CA VAL A 27 -15.22 9.72 -3.62
C VAL A 27 -14.20 10.46 -2.76
N GLY A 28 -14.17 10.12 -1.48
CA GLY A 28 -13.23 10.76 -0.57
C GLY A 28 -12.65 9.79 0.44
N TRP A 29 -11.52 10.15 1.03
CA TRP A 29 -10.87 9.30 2.01
C TRP A 29 -11.88 8.59 2.89
N LYS A 30 -13.01 9.26 3.14
CA LYS A 30 -14.06 8.69 3.97
C LYS A 30 -14.74 7.52 3.26
N LYS A 31 -15.33 7.80 2.10
CA LYS A 31 -16.00 6.77 1.32
C LYS A 31 -15.05 5.61 1.00
N LEU A 32 -13.91 5.94 0.41
CA LEU A 32 -12.92 4.94 0.06
C LEU A 32 -12.66 3.99 1.22
N LYS A 33 -12.24 4.54 2.35
CA LYS A 33 -11.97 3.75 3.55
C LYS A 33 -13.14 2.81 3.85
N GLU A 34 -14.30 3.39 4.15
CA GLU A 34 -15.49 2.60 4.46
C GLU A 34 -15.61 1.41 3.51
N VAL A 35 -15.36 1.66 2.23
CA VAL A 35 -15.45 0.60 1.22
C VAL A 35 -14.35 -0.43 1.43
N PHE A 36 -13.11 0.03 1.53
CA PHE A 36 -11.97 -0.86 1.73
C PHE A 36 -12.13 -1.67 3.00
N SER A 37 -12.84 -1.12 3.97
CA SER A 37 -13.06 -1.79 5.25
C SER A 37 -13.45 -3.25 5.03
N MET A 38 -14.08 -3.52 3.89
CA MET A 38 -14.51 -4.87 3.56
C MET A 38 -13.35 -5.86 3.70
N ALA A 39 -12.35 -5.73 2.82
CA ALA A 39 -11.19 -6.61 2.84
C ALA A 39 -10.70 -6.83 4.28
N GLY A 40 -10.40 -5.73 4.97
CA GLY A 40 -9.92 -5.83 6.34
C GLY A 40 -9.96 -4.49 7.06
N VAL A 41 -9.37 -4.45 8.24
CA VAL A 41 -9.34 -3.22 9.03
C VAL A 41 -8.32 -2.23 8.47
N VAL A 42 -8.82 -1.20 7.79
CA VAL A 42 -7.96 -0.18 7.21
C VAL A 42 -7.18 0.55 8.29
N VAL A 43 -5.92 0.16 8.48
CA VAL A 43 -5.07 0.79 9.47
C VAL A 43 -5.08 2.31 9.34
N ARG A 44 -4.85 2.79 8.13
CA ARG A 44 -4.84 4.22 7.86
C ARG A 44 -5.22 4.51 6.41
N ALA A 45 -6.32 5.21 6.21
CA ALA A 45 -6.79 5.56 4.87
C ALA A 45 -6.60 7.04 4.59
N ASP A 46 -6.30 7.37 3.34
CA ASP A 46 -6.09 8.75 2.93
C ASP A 46 -6.15 8.89 1.41
N ILE A 47 -6.13 10.14 0.93
CA ILE A 47 -6.17 10.40 -0.50
C ILE A 47 -5.00 11.29 -0.92
N LEU A 48 -4.38 10.93 -2.04
CA LEU A 48 -3.25 11.69 -2.56
C LEU A 48 -3.72 12.97 -3.25
N GLU A 49 -3.02 14.07 -2.98
CA GLU A 49 -3.37 15.35 -3.58
C GLU A 49 -2.13 16.03 -4.17
N ASP A 50 -2.34 17.19 -4.78
CA ASP A 50 -1.25 17.94 -5.39
C ASP A 50 -0.78 19.07 -4.48
N LYS A 51 0.25 19.78 -4.91
CA LYS A 51 0.80 20.88 -4.14
C LYS A 51 -0.32 21.68 -3.45
N ASP A 52 -1.14 22.34 -4.26
CA ASP A 52 -2.25 23.13 -3.74
C ASP A 52 -3.12 22.30 -2.80
N GLY A 53 -3.57 21.15 -3.29
CA GLY A 53 -4.41 20.28 -2.48
C GLY A 53 -5.62 19.78 -3.23
N LYS A 54 -5.44 19.49 -4.52
CA LYS A 54 -6.53 19.00 -5.36
C LYS A 54 -6.39 17.50 -5.62
N SER A 55 -7.48 16.77 -5.51
CA SER A 55 -7.48 15.33 -5.74
C SER A 55 -7.24 15.01 -7.20
N ARG A 56 -6.17 14.27 -7.48
CA ARG A 56 -5.82 13.89 -8.84
C ARG A 56 -6.43 12.53 -9.20
N GLY A 57 -7.53 12.19 -8.55
CA GLY A 57 -8.19 10.93 -8.82
C GLY A 57 -7.38 9.74 -8.33
N ILE A 58 -6.48 9.99 -7.38
CA ILE A 58 -5.64 8.93 -6.83
C ILE A 58 -5.76 8.87 -5.30
N GLY A 59 -5.84 7.66 -4.77
CA GLY A 59 -5.96 7.49 -3.34
C GLY A 59 -5.05 6.40 -2.81
N THR A 60 -4.89 6.34 -1.49
CA THR A 60 -4.05 5.35 -0.86
C THR A 60 -4.72 4.76 0.37
N VAL A 61 -4.51 3.47 0.60
CA VAL A 61 -5.09 2.77 1.75
C VAL A 61 -4.11 1.79 2.36
N THR A 62 -4.00 1.81 3.68
CA THR A 62 -3.10 0.91 4.39
C THR A 62 -3.86 -0.09 5.25
N PHE A 63 -3.82 -1.36 4.86
CA PHE A 63 -4.51 -2.40 5.60
C PHE A 63 -3.64 -2.95 6.72
N GLU A 64 -4.20 -3.85 7.53
CA GLU A 64 -3.47 -4.44 8.65
C GLU A 64 -2.37 -5.37 8.14
N GLN A 65 -2.77 -6.39 7.40
CA GLN A 65 -1.81 -7.36 6.85
C GLN A 65 -2.00 -7.51 5.34
N SER A 66 -0.99 -8.06 4.68
CA SER A 66 -1.03 -8.26 3.24
C SER A 66 -2.31 -8.99 2.83
N ILE A 67 -2.63 -10.06 3.55
CA ILE A 67 -3.82 -10.84 3.27
C ILE A 67 -5.00 -9.93 2.90
N GLU A 68 -5.48 -9.19 3.90
CA GLU A 68 -6.61 -8.28 3.69
C GLU A 68 -6.36 -7.36 2.50
N ALA A 69 -5.14 -6.81 2.44
CA ALA A 69 -4.77 -5.90 1.36
C ALA A 69 -5.07 -6.52 0.00
N VAL A 70 -4.51 -7.70 -0.25
CA VAL A 70 -4.73 -8.40 -1.51
C VAL A 70 -6.21 -8.54 -1.82
N GLN A 71 -6.99 -8.93 -0.82
CA GLN A 71 -8.42 -9.10 -0.97
C GLN A 71 -9.06 -7.85 -1.56
N ALA A 72 -8.63 -6.69 -1.06
CA ALA A 72 -9.16 -5.41 -1.54
C ALA A 72 -8.63 -5.09 -2.93
N ILE A 73 -7.32 -5.18 -3.11
CA ILE A 73 -6.70 -4.90 -4.39
C ILE A 73 -7.46 -5.55 -5.53
N SER A 74 -7.72 -6.85 -5.41
CA SER A 74 -8.46 -7.59 -6.42
C SER A 74 -9.93 -7.21 -6.42
N MET A 75 -10.59 -7.49 -5.31
CA MET A 75 -12.01 -7.18 -5.17
C MET A 75 -12.32 -5.78 -5.68
N PHE A 76 -11.30 -4.92 -5.70
CA PHE A 76 -11.45 -3.55 -6.18
C PHE A 76 -10.89 -3.39 -7.58
N ASN A 77 -9.91 -4.22 -7.91
CA ASN A 77 -9.27 -4.17 -9.23
C ASN A 77 -10.31 -4.34 -10.34
N GLY A 78 -10.55 -3.27 -11.08
CA GLY A 78 -11.53 -3.33 -12.16
C GLY A 78 -12.95 -3.18 -11.67
N GLN A 79 -13.10 -2.79 -10.41
CA GLN A 79 -14.42 -2.62 -9.82
C GLN A 79 -15.08 -1.35 -10.33
N LEU A 80 -16.31 -1.48 -10.81
CA LEU A 80 -17.06 -0.33 -11.33
C LEU A 80 -17.70 0.46 -10.20
N LEU A 81 -17.10 1.59 -9.85
CA LEU A 81 -17.61 2.44 -8.78
C LEU A 81 -18.12 3.75 -9.35
N PHE A 82 -19.40 4.04 -9.11
CA PHE A 82 -20.01 5.28 -9.58
C PHE A 82 -19.88 5.40 -11.10
N ASP A 83 -20.08 4.29 -11.80
CA ASP A 83 -19.98 4.28 -13.25
C ASP A 83 -18.56 4.61 -13.70
N ARG A 84 -17.58 4.27 -12.87
CA ARG A 84 -16.19 4.53 -13.18
C ARG A 84 -15.28 3.44 -12.60
N PRO A 85 -14.53 2.78 -13.49
CA PRO A 85 -13.61 1.71 -13.10
C PRO A 85 -12.41 2.23 -12.31
N MET A 86 -12.22 1.69 -11.10
CA MET A 86 -11.11 2.09 -10.26
C MET A 86 -9.85 1.32 -10.59
N HIS A 87 -8.69 1.88 -10.23
CA HIS A 87 -7.41 1.23 -10.50
C HIS A 87 -6.63 1.00 -9.21
N VAL A 88 -6.68 -0.23 -8.71
CA VAL A 88 -5.98 -0.58 -7.48
C VAL A 88 -4.84 -1.55 -7.76
N LYS A 89 -3.66 -1.21 -7.26
CA LYS A 89 -2.48 -2.06 -7.45
C LYS A 89 -1.58 -2.02 -6.21
N MET A 90 -0.81 -3.08 -6.04
CA MET A 90 0.10 -3.17 -4.89
C MET A 90 1.03 -1.96 -4.84
N ASP A 91 1.16 -1.38 -3.66
CA ASP A 91 2.02 -0.21 -3.47
C ASP A 91 3.39 -0.62 -2.94
N GLU A 92 4.39 -0.65 -3.82
CA GLU A 92 5.74 -1.04 -3.44
C GLU A 92 6.32 -0.03 -2.44
N ARG A 93 6.09 -0.27 -1.16
CA ARG A 93 6.59 0.61 -0.11
C ARG A 93 8.09 0.46 0.05
N ALA A 94 8.77 1.57 0.33
CA ALA A 94 10.22 1.55 0.51
C ALA A 94 10.61 2.24 1.82
N LEU A 95 10.67 1.46 2.90
CA LEU A 95 11.03 2.00 4.21
C LEU A 95 12.24 1.26 4.77
N PRO A 96 13.15 2.02 5.41
CA PRO A 96 14.37 1.45 6.01
C PRO A 96 14.06 0.61 7.24
N LYS A 97 14.98 -0.29 7.58
CA LYS A 97 14.80 -1.16 8.74
C LYS A 97 15.98 -1.02 9.70
N GLY A 98 15.67 -0.84 10.98
CA GLY A 98 16.72 -0.70 11.98
C GLY A 98 16.18 -0.26 13.33
N ASP A 99 16.82 -0.70 14.40
CA ASP A 99 16.40 -0.34 15.74
C ASP A 99 17.39 0.61 16.40
N PHE A 100 16.87 1.57 17.14
CA PHE A 100 17.72 2.56 17.82
C PHE A 100 18.82 1.87 18.61
N PHE A 101 20.07 2.31 18.40
CA PHE A 101 21.21 1.73 19.10
C PHE A 101 21.66 2.64 20.24
N PRO A 102 22.11 2.01 21.35
CA PRO A 102 22.58 2.73 22.53
C PRO A 102 23.89 3.47 22.29
N PRO A 103 23.84 4.80 22.40
CA PRO A 103 25.02 5.65 22.20
C PRO A 103 26.04 5.50 23.31
N GLU A 104 27.30 5.80 23.00
CA GLU A 104 28.37 5.70 23.99
C GLU A 104 29.14 7.01 24.09
N ARG A 105 29.44 7.42 25.32
CA ARG A 105 30.17 8.65 25.56
C ARG A 105 31.25 8.86 24.50
N PRO A 106 31.41 10.11 24.05
CA PRO A 106 32.41 10.47 23.04
C PRO A 106 33.83 10.38 23.57
N GLN A 107 34.78 10.97 22.84
CA GLN A 107 36.18 10.95 23.25
C GLN A 107 36.70 12.38 23.44
N GLN A 108 37.95 12.48 23.87
CA GLN A 108 38.57 13.78 24.11
C GLN A 108 40.02 13.80 23.61
N SER A 109 40.27 14.61 22.58
CA SER A 109 41.61 14.71 22.01
C SER A 109 42.31 15.98 22.49
N GLY A 110 43.58 16.11 22.14
CA GLY A 110 44.34 17.28 22.55
C GLY A 110 45.54 17.52 21.66
N PRO A 111 45.32 18.19 20.53
CA PRO A 111 46.37 18.50 19.56
C PRO A 111 47.36 19.55 20.09
N SER A 112 48.29 19.97 19.24
CA SER A 112 49.28 20.96 19.63
C SER A 112 50.04 21.47 18.41
N SER A 113 50.41 22.75 18.45
CA SER A 113 51.14 23.36 17.34
C SER A 113 52.21 24.32 17.86
N GLY A 114 52.98 24.90 16.94
CA GLY A 114 54.02 25.83 17.32
C GLY A 114 55.39 25.40 16.82
N GLY A 1 1.80 4.33 -29.78
CA GLY A 1 2.40 5.06 -28.67
C GLY A 1 3.03 4.13 -27.65
N SER A 2 4.35 4.07 -27.64
CA SER A 2 5.07 3.21 -26.71
C SER A 2 5.94 4.04 -25.76
N SER A 3 5.41 4.29 -24.57
CA SER A 3 6.13 5.09 -23.57
C SER A 3 7.16 4.23 -22.84
N GLY A 4 8.42 4.40 -23.22
CA GLY A 4 9.49 3.64 -22.59
C GLY A 4 10.06 4.34 -21.37
N SER A 5 9.20 4.95 -20.57
CA SER A 5 9.63 5.67 -19.38
C SER A 5 9.19 4.92 -18.12
N SER A 6 9.65 5.41 -16.97
CA SER A 6 9.31 4.79 -15.69
C SER A 6 8.67 5.81 -14.75
N GLY A 7 9.16 7.05 -14.80
CA GLY A 7 8.62 8.09 -13.95
C GLY A 7 8.94 7.86 -12.49
N ALA A 8 10.22 7.74 -12.17
CA ALA A 8 10.64 7.50 -10.78
C ALA A 8 10.76 8.83 -10.03
N LEU A 9 9.86 9.04 -9.08
CA LEU A 9 9.86 10.25 -8.28
C LEU A 9 9.89 9.93 -6.79
N GLN A 10 8.95 9.10 -6.35
CA GLN A 10 8.87 8.71 -4.95
C GLN A 10 9.11 7.21 -4.79
N ALA A 11 9.94 6.86 -3.82
CA ALA A 11 10.26 5.46 -3.55
C ALA A 11 9.11 4.76 -2.84
N GLY A 12 8.65 5.35 -1.73
CA GLY A 12 7.56 4.78 -0.97
C GLY A 12 7.75 3.29 -0.74
N ARG A 13 8.82 2.93 -0.05
CA ARG A 13 9.11 1.53 0.24
C ARG A 13 8.03 0.92 1.12
N LEU A 14 6.92 0.55 0.51
CA LEU A 14 5.80 -0.05 1.25
C LEU A 14 5.32 -1.33 0.57
N GLY A 15 4.66 -2.18 1.34
CA GLY A 15 4.16 -3.43 0.79
C GLY A 15 2.65 -3.48 0.77
N SER A 16 2.04 -3.92 1.87
CA SER A 16 0.60 -4.02 1.96
C SER A 16 -0.07 -2.81 1.30
N THR A 17 0.43 -1.63 1.60
CA THR A 17 -0.11 -0.40 1.03
C THR A 17 -0.57 -0.61 -0.41
N VAL A 18 -1.81 -0.21 -0.69
CA VAL A 18 -2.36 -0.35 -2.02
C VAL A 18 -2.51 1.00 -2.71
N PHE A 19 -2.20 1.05 -4.00
CA PHE A 19 -2.30 2.29 -4.77
C PHE A 19 -3.58 2.32 -5.58
N VAL A 20 -4.45 3.29 -5.28
CA VAL A 20 -5.72 3.44 -5.97
C VAL A 20 -5.68 4.62 -6.94
N ALA A 21 -6.19 4.41 -8.14
CA ALA A 21 -6.22 5.45 -9.15
C ALA A 21 -7.53 5.43 -9.93
N ASN A 22 -7.78 6.49 -10.70
CA ASN A 22 -9.00 6.59 -11.50
C ASN A 22 -10.23 6.62 -10.60
N LEU A 23 -10.13 7.37 -9.50
CA LEU A 23 -11.24 7.50 -8.56
C LEU A 23 -12.16 8.65 -8.94
N ASP A 24 -13.34 8.69 -8.33
CA ASP A 24 -14.30 9.75 -8.61
C ASP A 24 -14.15 10.89 -7.60
N TYR A 25 -14.25 12.12 -8.10
CA TYR A 25 -14.13 13.30 -7.26
C TYR A 25 -15.05 13.21 -6.05
N LYS A 26 -16.27 12.74 -6.28
CA LYS A 26 -17.25 12.59 -5.21
C LYS A 26 -16.72 11.70 -4.09
N VAL A 27 -15.91 10.71 -4.47
CA VAL A 27 -15.33 9.79 -3.50
C VAL A 27 -14.33 10.51 -2.60
N GLY A 28 -14.45 10.29 -1.29
CA GLY A 28 -13.55 10.91 -0.34
C GLY A 28 -13.00 9.93 0.67
N TRP A 29 -11.94 10.34 1.37
CA TRP A 29 -11.32 9.48 2.38
C TRP A 29 -12.37 8.66 3.12
N LYS A 30 -13.56 9.22 3.26
CA LYS A 30 -14.64 8.53 3.96
C LYS A 30 -15.00 7.24 3.24
N LYS A 31 -15.58 7.35 2.06
CA LYS A 31 -15.97 6.19 1.28
C LYS A 31 -14.79 5.24 1.09
N LEU A 32 -13.73 5.76 0.49
CA LEU A 32 -12.53 4.96 0.24
C LEU A 32 -12.27 4.00 1.40
N LYS A 33 -12.15 4.55 2.60
CA LYS A 33 -11.90 3.73 3.79
C LYS A 33 -13.04 2.75 4.02
N GLU A 34 -14.22 3.28 4.34
CA GLU A 34 -15.39 2.43 4.58
C GLU A 34 -15.47 1.30 3.57
N VAL A 35 -15.71 1.66 2.31
CA VAL A 35 -15.81 0.67 1.24
C VAL A 35 -14.70 -0.37 1.35
N PHE A 36 -13.47 0.10 1.51
CA PHE A 36 -12.32 -0.80 1.63
C PHE A 36 -12.43 -1.66 2.88
N SER A 37 -13.15 -1.16 3.87
CA SER A 37 -13.33 -1.89 5.12
C SER A 37 -13.70 -3.35 4.85
N MET A 38 -14.25 -3.60 3.67
CA MET A 38 -14.64 -4.96 3.30
C MET A 38 -13.46 -5.92 3.42
N ALA A 39 -12.46 -5.73 2.58
CA ALA A 39 -11.28 -6.57 2.60
C ALA A 39 -10.88 -6.95 4.03
N GLY A 40 -10.78 -5.94 4.89
CA GLY A 40 -10.41 -6.18 6.26
C GLY A 40 -10.53 -4.93 7.12
N VAL A 41 -9.38 -4.44 7.59
CA VAL A 41 -9.36 -3.24 8.43
C VAL A 41 -8.34 -2.23 7.91
N VAL A 42 -8.83 -1.12 7.38
CA VAL A 42 -7.98 -0.08 6.85
C VAL A 42 -7.25 0.66 7.97
N VAL A 43 -6.02 0.24 8.23
CA VAL A 43 -5.21 0.86 9.28
C VAL A 43 -5.19 2.37 9.14
N ARG A 44 -4.91 2.85 7.93
CA ARG A 44 -4.85 4.28 7.67
C ARG A 44 -5.22 4.58 6.22
N ALA A 45 -6.24 5.40 6.02
CA ALA A 45 -6.68 5.76 4.67
C ALA A 45 -6.42 7.23 4.39
N ASP A 46 -6.20 7.56 3.12
CA ASP A 46 -5.94 8.93 2.71
C ASP A 46 -5.98 9.06 1.19
N ILE A 47 -6.15 10.30 0.72
CA ILE A 47 -6.21 10.56 -0.72
C ILE A 47 -5.10 11.51 -1.14
N LEU A 48 -4.34 11.12 -2.16
CA LEU A 48 -3.25 11.94 -2.67
C LEU A 48 -3.79 13.23 -3.31
N GLU A 49 -3.46 14.36 -2.71
CA GLU A 49 -3.91 15.66 -3.22
C GLU A 49 -2.73 16.61 -3.38
N ASP A 50 -3.01 17.78 -3.95
CA ASP A 50 -1.97 18.78 -4.17
C ASP A 50 -1.78 19.66 -2.93
N LYS A 51 -0.79 20.53 -2.98
CA LYS A 51 -0.52 21.43 -1.86
C LYS A 51 -1.81 21.90 -1.20
N ASP A 52 -2.75 22.36 -2.02
CA ASP A 52 -4.03 22.84 -1.52
C ASP A 52 -4.87 21.68 -0.98
N GLY A 53 -5.24 20.77 -1.87
CA GLY A 53 -6.04 19.63 -1.47
C GLY A 53 -6.96 19.14 -2.58
N LYS A 54 -6.47 19.21 -3.81
CA LYS A 54 -7.25 18.77 -4.97
C LYS A 54 -6.99 17.29 -5.28
N SER A 55 -8.05 16.50 -5.27
CA SER A 55 -7.94 15.07 -5.54
C SER A 55 -7.61 14.82 -7.01
N ARG A 56 -6.48 14.17 -7.26
CA ARG A 56 -6.05 13.87 -8.62
C ARG A 56 -6.55 12.50 -9.05
N GLY A 57 -7.63 12.05 -8.44
CA GLY A 57 -8.19 10.75 -8.78
C GLY A 57 -7.32 9.60 -8.29
N ILE A 58 -6.36 9.91 -7.44
CA ILE A 58 -5.45 8.89 -6.91
C ILE A 58 -5.51 8.86 -5.38
N GLY A 59 -5.76 7.67 -4.83
CA GLY A 59 -5.83 7.52 -3.39
C GLY A 59 -4.91 6.43 -2.88
N THR A 60 -4.70 6.41 -1.56
CA THR A 60 -3.83 5.41 -0.95
C THR A 60 -4.44 4.88 0.34
N VAL A 61 -4.32 3.57 0.56
CA VAL A 61 -4.85 2.94 1.76
C VAL A 61 -3.88 1.92 2.33
N THR A 62 -3.86 1.80 3.66
CA THR A 62 -2.97 0.87 4.33
C THR A 62 -3.76 -0.11 5.20
N PHE A 63 -3.76 -1.38 4.80
CA PHE A 63 -4.48 -2.41 5.56
C PHE A 63 -3.61 -2.98 6.67
N GLU A 64 -4.22 -3.70 7.59
CA GLU A 64 -3.51 -4.30 8.71
C GLU A 64 -2.32 -5.12 8.21
N GLN A 65 -2.60 -6.04 7.28
CA GLN A 65 -1.55 -6.90 6.73
C GLN A 65 -1.79 -7.15 5.25
N SER A 66 -0.78 -7.71 4.58
CA SER A 66 -0.89 -8.00 3.14
C SER A 66 -2.20 -8.72 2.83
N ILE A 67 -2.44 -9.82 3.53
CA ILE A 67 -3.66 -10.59 3.32
C ILE A 67 -4.84 -9.69 3.02
N GLU A 68 -5.27 -8.93 4.02
CA GLU A 68 -6.40 -8.02 3.86
C GLU A 68 -6.24 -7.17 2.60
N ALA A 69 -5.05 -6.62 2.42
CA ALA A 69 -4.76 -5.79 1.27
C ALA A 69 -5.10 -6.51 -0.04
N VAL A 70 -4.42 -7.64 -0.26
CA VAL A 70 -4.65 -8.43 -1.46
C VAL A 70 -6.14 -8.55 -1.78
N GLN A 71 -6.91 -9.00 -0.80
CA GLN A 71 -8.34 -9.16 -0.97
C GLN A 71 -8.96 -7.91 -1.59
N ALA A 72 -8.76 -6.78 -0.93
CA ALA A 72 -9.29 -5.51 -1.42
C ALA A 72 -8.78 -5.19 -2.82
N ILE A 73 -7.46 -5.18 -2.97
CA ILE A 73 -6.84 -4.90 -4.26
C ILE A 73 -7.59 -5.58 -5.40
N SER A 74 -7.70 -6.90 -5.31
CA SER A 74 -8.39 -7.67 -6.33
C SER A 74 -9.90 -7.39 -6.30
N MET A 75 -10.53 -7.70 -5.17
CA MET A 75 -11.96 -7.48 -5.02
C MET A 75 -12.36 -6.11 -5.55
N PHE A 76 -11.39 -5.20 -5.62
CA PHE A 76 -11.64 -3.85 -6.10
C PHE A 76 -11.11 -3.67 -7.52
N ASN A 77 -10.09 -4.46 -7.87
CA ASN A 77 -9.50 -4.39 -9.20
C ASN A 77 -10.56 -4.52 -10.28
N GLY A 78 -10.72 -3.46 -11.08
CA GLY A 78 -11.70 -3.48 -12.14
C GLY A 78 -13.10 -3.19 -11.64
N GLN A 79 -13.20 -2.70 -10.41
CA GLN A 79 -14.49 -2.39 -9.81
C GLN A 79 -15.02 -1.07 -10.33
N LEU A 80 -16.27 -1.06 -10.78
CA LEU A 80 -16.91 0.14 -11.30
C LEU A 80 -17.56 0.94 -10.19
N LEU A 81 -16.87 1.99 -9.75
CA LEU A 81 -17.38 2.85 -8.68
C LEU A 81 -17.81 4.21 -9.23
N PHE A 82 -19.07 4.56 -8.99
CA PHE A 82 -19.60 5.83 -9.45
C PHE A 82 -19.53 5.93 -10.98
N ASP A 83 -19.66 4.78 -11.64
CA ASP A 83 -19.62 4.73 -13.10
C ASP A 83 -18.19 4.91 -13.59
N ARG A 84 -17.22 4.53 -12.77
CA ARG A 84 -15.81 4.65 -13.12
C ARG A 84 -15.00 3.50 -12.53
N PRO A 85 -14.21 2.83 -13.39
CA PRO A 85 -13.38 1.70 -12.97
C PRO A 85 -12.22 2.14 -12.08
N MET A 86 -12.10 1.50 -10.92
CA MET A 86 -11.03 1.82 -9.98
C MET A 86 -9.75 1.07 -10.34
N HIS A 87 -8.61 1.73 -10.14
CA HIS A 87 -7.32 1.11 -10.44
C HIS A 87 -6.55 0.81 -9.15
N VAL A 88 -6.61 -0.44 -8.72
CA VAL A 88 -5.91 -0.86 -7.50
C VAL A 88 -4.73 -1.75 -7.84
N LYS A 89 -3.57 -1.44 -7.24
CA LYS A 89 -2.36 -2.22 -7.47
C LYS A 89 -1.44 -2.13 -6.26
N MET A 90 -0.59 -3.15 -6.10
CA MET A 90 0.35 -3.20 -4.98
C MET A 90 1.31 -2.02 -5.04
N ASP A 91 1.58 -1.42 -3.88
CA ASP A 91 2.49 -0.29 -3.79
C ASP A 91 3.83 -0.61 -4.44
N GLU A 92 4.64 0.42 -4.66
CA GLU A 92 5.95 0.24 -5.28
C GLU A 92 7.00 -0.09 -4.22
N ARG A 93 7.33 -1.37 -4.11
CA ARG A 93 8.32 -1.83 -3.14
C ARG A 93 9.68 -2.02 -3.79
N ALA A 94 10.74 -1.68 -3.06
CA ALA A 94 12.10 -1.81 -3.58
C ALA A 94 12.73 -3.11 -3.12
N LEU A 95 12.60 -4.16 -3.92
CA LEU A 95 13.16 -5.46 -3.59
C LEU A 95 14.68 -5.47 -3.79
N PRO A 96 15.39 -6.13 -2.86
CA PRO A 96 16.85 -6.23 -2.91
C PRO A 96 17.33 -7.12 -4.05
N LYS A 97 18.63 -7.37 -4.08
CA LYS A 97 19.23 -8.20 -5.12
C LYS A 97 19.74 -9.52 -4.54
N GLY A 98 20.20 -9.46 -3.30
CA GLY A 98 20.72 -10.66 -2.65
C GLY A 98 22.17 -10.93 -2.98
N ASP A 99 22.73 -11.97 -2.37
CA ASP A 99 24.12 -12.33 -2.61
C ASP A 99 24.28 -13.84 -2.77
N PHE A 100 25.50 -14.28 -3.01
CA PHE A 100 25.78 -15.71 -3.19
C PHE A 100 27.05 -16.11 -2.46
N PHE A 101 26.92 -17.03 -1.51
CA PHE A 101 28.06 -17.50 -0.74
C PHE A 101 28.41 -18.94 -1.10
N PRO A 102 29.72 -19.25 -1.10
CA PRO A 102 30.21 -20.58 -1.43
C PRO A 102 29.87 -21.62 -0.35
N PRO A 103 29.20 -22.70 -0.76
CA PRO A 103 28.79 -23.78 0.15
C PRO A 103 29.99 -24.58 0.66
N GLU A 104 30.34 -24.37 1.92
CA GLU A 104 31.46 -25.08 2.53
C GLU A 104 31.26 -26.59 2.44
N ARG A 105 32.03 -27.23 1.57
CA ARG A 105 31.93 -28.68 1.40
C ARG A 105 33.17 -29.38 1.95
N PRO A 106 33.00 -30.62 2.40
CA PRO A 106 34.09 -31.42 2.97
C PRO A 106 35.11 -31.84 1.91
N GLN A 107 36.38 -31.52 2.17
CA GLN A 107 37.45 -31.86 1.23
C GLN A 107 38.58 -32.58 1.95
N GLN A 108 39.14 -33.59 1.30
CA GLN A 108 40.23 -34.37 1.88
C GLN A 108 41.55 -34.08 1.16
N SER A 109 42.60 -33.87 1.94
CA SER A 109 43.91 -33.57 1.37
C SER A 109 45.02 -34.05 2.31
N GLY A 110 45.72 -35.11 1.91
CA GLY A 110 46.80 -35.64 2.72
C GLY A 110 48.06 -35.87 1.92
N PRO A 111 48.84 -34.79 1.71
CA PRO A 111 50.09 -34.85 0.96
C PRO A 111 51.18 -35.62 1.71
N SER A 112 52.31 -35.83 1.04
CA SER A 112 53.42 -36.56 1.64
C SER A 112 54.58 -35.61 1.96
N SER A 113 55.35 -35.95 2.98
CA SER A 113 56.49 -35.13 3.39
C SER A 113 57.73 -35.46 2.58
N GLY A 114 58.73 -34.60 2.65
CA GLY A 114 59.96 -34.82 1.91
C GLY A 114 59.71 -35.02 0.43
N GLY A 1 32.57 4.69 -23.91
CA GLY A 1 31.42 5.43 -23.42
C GLY A 1 31.51 5.72 -21.93
N SER A 2 30.61 6.57 -21.45
CA SER A 2 30.58 6.93 -20.03
C SER A 2 29.16 7.27 -19.58
N SER A 3 28.89 7.04 -18.30
CA SER A 3 27.57 7.32 -17.74
C SER A 3 27.68 7.83 -16.32
N GLY A 4 26.58 8.39 -15.81
CA GLY A 4 26.57 8.92 -14.46
C GLY A 4 25.31 8.56 -13.70
N SER A 5 25.06 7.27 -13.56
CA SER A 5 23.88 6.80 -12.86
C SER A 5 23.89 5.28 -12.71
N SER A 6 24.12 4.81 -11.49
CA SER A 6 24.17 3.38 -11.21
C SER A 6 23.71 3.09 -9.78
N GLY A 7 23.03 1.96 -9.60
CA GLY A 7 22.55 1.58 -8.29
C GLY A 7 21.07 1.27 -8.28
N ALA A 8 20.64 0.40 -9.19
CA ALA A 8 19.24 0.03 -9.28
C ALA A 8 19.01 -1.39 -8.74
N LEU A 9 18.67 -1.46 -7.45
CA LEU A 9 18.44 -2.74 -6.80
C LEU A 9 16.98 -2.88 -6.38
N GLN A 10 16.07 -2.76 -7.35
CA GLN A 10 14.64 -2.86 -7.07
C GLN A 10 14.23 -4.32 -6.87
N ALA A 11 14.94 -5.01 -5.99
CA ALA A 11 14.65 -6.42 -5.71
C ALA A 11 14.33 -6.62 -4.23
N GLY A 12 13.05 -6.46 -3.88
CA GLY A 12 12.64 -6.63 -2.50
C GLY A 12 11.47 -5.74 -2.14
N ARG A 13 10.50 -5.63 -3.05
CA ARG A 13 9.33 -4.80 -2.82
C ARG A 13 8.35 -5.50 -1.89
N LEU A 14 8.13 -4.92 -0.71
CA LEU A 14 7.21 -5.49 0.27
C LEU A 14 6.35 -4.41 0.91
N GLY A 15 5.13 -4.76 1.27
CA GLY A 15 4.23 -3.81 1.89
C GLY A 15 2.77 -4.09 1.56
N SER A 16 1.86 -3.43 2.27
CA SER A 16 0.44 -3.61 2.05
C SER A 16 -0.16 -2.40 1.33
N THR A 17 0.34 -1.22 1.64
CA THR A 17 -0.15 0.01 1.03
C THR A 17 -0.54 -0.22 -0.42
N VAL A 18 -1.77 0.17 -0.77
CA VAL A 18 -2.27 0.00 -2.13
C VAL A 18 -2.47 1.34 -2.81
N PHE A 19 -2.02 1.45 -4.05
CA PHE A 19 -2.15 2.68 -4.82
C PHE A 19 -3.41 2.66 -5.67
N VAL A 20 -4.29 3.64 -5.45
CA VAL A 20 -5.54 3.73 -6.20
C VAL A 20 -5.52 4.92 -7.13
N ALA A 21 -6.05 4.73 -8.34
CA ALA A 21 -6.10 5.80 -9.33
C ALA A 21 -7.43 5.80 -10.08
N ASN A 22 -7.72 6.89 -10.78
CA ASN A 22 -8.96 7.01 -11.53
C ASN A 22 -10.17 6.96 -10.61
N LEU A 23 -10.10 7.72 -9.52
CA LEU A 23 -11.19 7.77 -8.54
C LEU A 23 -12.11 8.95 -8.82
N ASP A 24 -13.39 8.79 -8.49
CA ASP A 24 -14.37 9.84 -8.69
C ASP A 24 -14.12 11.01 -7.73
N TYR A 25 -14.25 12.23 -8.25
CA TYR A 25 -14.05 13.42 -7.43
C TYR A 25 -14.86 13.35 -6.13
N LYS A 26 -16.08 12.84 -6.24
CA LYS A 26 -16.96 12.71 -5.08
C LYS A 26 -16.34 11.79 -4.04
N VAL A 27 -15.75 10.69 -4.50
CA VAL A 27 -15.12 9.72 -3.60
C VAL A 27 -14.16 10.42 -2.64
N GLY A 28 -14.29 10.10 -1.35
CA GLY A 28 -13.43 10.69 -0.35
C GLY A 28 -12.83 9.66 0.60
N TRP A 29 -11.77 10.04 1.29
CA TRP A 29 -11.10 9.15 2.22
C TRP A 29 -12.13 8.38 3.07
N LYS A 30 -13.23 9.04 3.38
CA LYS A 30 -14.29 8.43 4.18
C LYS A 30 -14.87 7.22 3.46
N LYS A 31 -15.42 7.46 2.27
CA LYS A 31 -16.02 6.39 1.48
C LYS A 31 -14.98 5.32 1.15
N LEU A 32 -13.90 5.72 0.51
CA LEU A 32 -12.84 4.80 0.12
C LEU A 32 -12.51 3.86 1.28
N LYS A 33 -12.17 4.44 2.43
CA LYS A 33 -11.83 3.65 3.62
C LYS A 33 -12.96 2.69 3.98
N GLU A 34 -14.17 3.24 4.09
CA GLU A 34 -15.33 2.43 4.43
C GLU A 34 -15.46 1.22 3.51
N VAL A 35 -15.55 1.50 2.21
CA VAL A 35 -15.67 0.45 1.21
C VAL A 35 -14.56 -0.59 1.37
N PHE A 36 -13.35 -0.12 1.65
CA PHE A 36 -12.20 -1.00 1.83
C PHE A 36 -12.35 -1.82 3.10
N SER A 37 -12.98 -1.24 4.11
CA SER A 37 -13.17 -1.91 5.38
C SER A 37 -13.54 -3.38 5.18
N MET A 38 -14.12 -3.68 4.02
CA MET A 38 -14.52 -5.04 3.69
C MET A 38 -13.34 -5.99 3.82
N ALA A 39 -12.34 -5.82 2.95
CA ALA A 39 -11.16 -6.68 2.97
C ALA A 39 -10.61 -6.82 4.39
N GLY A 40 -10.47 -5.70 5.08
CA GLY A 40 -9.96 -5.72 6.44
C GLY A 40 -10.05 -4.38 7.12
N VAL A 41 -9.34 -4.23 8.23
CA VAL A 41 -9.34 -2.97 8.98
C VAL A 41 -8.29 -2.01 8.45
N VAL A 42 -8.74 -0.96 7.76
CA VAL A 42 -7.84 0.03 7.21
C VAL A 42 -7.09 0.76 8.30
N VAL A 43 -5.81 0.43 8.47
CA VAL A 43 -4.97 1.06 9.49
C VAL A 43 -4.81 2.55 9.22
N ARG A 44 -4.59 2.90 7.95
CA ARG A 44 -4.41 4.29 7.56
C ARG A 44 -5.03 4.55 6.18
N ALA A 45 -6.00 5.46 6.13
CA ALA A 45 -6.66 5.81 4.88
C ALA A 45 -6.53 7.30 4.58
N ASP A 46 -6.17 7.62 3.34
CA ASP A 46 -6.02 9.00 2.93
C ASP A 46 -5.98 9.11 1.41
N ILE A 47 -6.09 10.34 0.90
CA ILE A 47 -6.07 10.58 -0.54
C ILE A 47 -4.92 11.49 -0.93
N LEU A 48 -4.30 11.21 -2.07
CA LEU A 48 -3.19 12.01 -2.56
C LEU A 48 -3.68 13.27 -3.27
N GLU A 49 -3.20 14.42 -2.82
CA GLU A 49 -3.60 15.69 -3.42
C GLU A 49 -2.38 16.61 -3.59
N ASP A 50 -2.61 17.77 -4.21
CA ASP A 50 -1.55 18.74 -4.43
C ASP A 50 -1.71 19.96 -3.54
N LYS A 51 -0.77 20.89 -3.64
CA LYS A 51 -0.82 22.11 -2.84
C LYS A 51 -2.25 22.61 -2.69
N ASP A 52 -2.90 22.90 -3.81
CA ASP A 52 -4.28 23.38 -3.81
C ASP A 52 -5.15 22.51 -2.91
N GLY A 53 -5.04 21.19 -3.07
CA GLY A 53 -5.83 20.27 -2.28
C GLY A 53 -6.97 19.66 -3.06
N LYS A 54 -6.81 19.59 -4.38
CA LYS A 54 -7.84 19.02 -5.24
C LYS A 54 -7.56 17.54 -5.51
N SER A 55 -8.60 16.73 -5.50
CA SER A 55 -8.47 15.29 -5.74
C SER A 55 -8.12 15.03 -7.20
N ARG A 56 -6.99 14.38 -7.42
CA ARG A 56 -6.54 14.06 -8.77
C ARG A 56 -6.92 12.63 -9.14
N GLY A 57 -7.99 12.13 -8.54
CA GLY A 57 -8.44 10.78 -8.83
C GLY A 57 -7.45 9.73 -8.38
N ILE A 58 -6.66 10.05 -7.37
CA ILE A 58 -5.65 9.13 -6.85
C ILE A 58 -5.66 9.10 -5.32
N GLY A 59 -5.80 7.90 -4.77
CA GLY A 59 -5.82 7.76 -3.32
C GLY A 59 -4.91 6.65 -2.84
N THR A 60 -4.81 6.51 -1.52
CA THR A 60 -3.95 5.47 -0.92
C THR A 60 -4.58 4.91 0.35
N VAL A 61 -4.53 3.59 0.49
CA VAL A 61 -5.09 2.93 1.66
C VAL A 61 -4.07 1.97 2.29
N THR A 62 -4.16 1.80 3.60
CA THR A 62 -3.26 0.92 4.32
C THR A 62 -4.02 -0.07 5.20
N PHE A 63 -3.89 -1.35 4.89
CA PHE A 63 -4.57 -2.39 5.66
C PHE A 63 -3.70 -2.89 6.80
N GLU A 64 -4.18 -3.91 7.51
CA GLU A 64 -3.45 -4.48 8.63
C GLU A 64 -2.38 -5.46 8.15
N GLN A 65 -2.81 -6.45 7.37
CA GLN A 65 -1.90 -7.46 6.84
C GLN A 65 -2.08 -7.61 5.33
N SER A 66 -1.10 -8.23 4.69
CA SER A 66 -1.15 -8.45 3.24
C SER A 66 -2.44 -9.14 2.84
N ILE A 67 -2.85 -10.13 3.63
CA ILE A 67 -4.06 -10.88 3.34
C ILE A 67 -5.21 -9.93 3.00
N GLU A 68 -5.63 -9.14 3.98
CA GLU A 68 -6.73 -8.20 3.78
C GLU A 68 -6.47 -7.31 2.58
N ALA A 69 -5.24 -6.80 2.48
CA ALA A 69 -4.86 -5.94 1.36
C ALA A 69 -5.19 -6.58 0.02
N VAL A 70 -4.62 -7.76 -0.23
CA VAL A 70 -4.86 -8.48 -1.47
C VAL A 70 -6.34 -8.55 -1.79
N GLN A 71 -7.12 -9.11 -0.85
CA GLN A 71 -8.56 -9.23 -1.03
C GLN A 71 -9.16 -7.96 -1.59
N ALA A 72 -8.76 -6.82 -1.04
CA ALA A 72 -9.25 -5.52 -1.49
C ALA A 72 -8.71 -5.19 -2.88
N ILE A 73 -7.41 -5.35 -3.06
CA ILE A 73 -6.76 -5.06 -4.33
C ILE A 73 -7.51 -5.73 -5.48
N SER A 74 -7.73 -7.03 -5.36
CA SER A 74 -8.44 -7.78 -6.39
C SER A 74 -9.92 -7.39 -6.44
N MET A 75 -10.62 -7.66 -5.34
CA MET A 75 -12.04 -7.33 -5.26
C MET A 75 -12.33 -5.96 -5.85
N PHE A 76 -11.41 -5.02 -5.60
CA PHE A 76 -11.57 -3.66 -6.12
C PHE A 76 -10.97 -3.54 -7.51
N ASN A 77 -9.99 -4.38 -7.81
CA ASN A 77 -9.33 -4.36 -9.11
C ASN A 77 -10.35 -4.51 -10.25
N GLY A 78 -10.55 -3.43 -10.99
CA GLY A 78 -11.50 -3.46 -12.09
C GLY A 78 -12.93 -3.24 -11.63
N GLN A 79 -13.09 -2.76 -10.39
CA GLN A 79 -14.41 -2.51 -9.84
C GLN A 79 -15.00 -1.22 -10.41
N LEU A 80 -16.24 -1.29 -10.86
CA LEU A 80 -16.93 -0.13 -11.42
C LEU A 80 -17.65 0.66 -10.33
N LEU A 81 -17.05 1.78 -9.93
CA LEU A 81 -17.64 2.62 -8.90
C LEU A 81 -18.13 3.94 -9.49
N PHE A 82 -19.42 4.21 -9.31
CA PHE A 82 -20.03 5.44 -9.83
C PHE A 82 -19.88 5.52 -11.34
N ASP A 83 -19.93 4.37 -12.00
CA ASP A 83 -19.79 4.31 -13.45
C ASP A 83 -18.36 4.61 -13.88
N ARG A 84 -17.41 4.31 -13.00
CA ARG A 84 -16.01 4.54 -13.29
C ARG A 84 -15.13 3.45 -12.67
N PRO A 85 -14.42 2.70 -13.54
CA PRO A 85 -13.55 1.62 -13.10
C PRO A 85 -12.30 2.13 -12.37
N MET A 86 -12.15 1.72 -11.12
CA MET A 86 -11.00 2.14 -10.32
C MET A 86 -9.76 1.33 -10.67
N HIS A 87 -8.60 1.83 -10.28
CA HIS A 87 -7.33 1.15 -10.56
C HIS A 87 -6.53 0.95 -9.28
N VAL A 88 -6.58 -0.27 -8.74
CA VAL A 88 -5.86 -0.60 -7.52
C VAL A 88 -4.69 -1.53 -7.81
N LYS A 89 -3.51 -1.17 -7.32
CA LYS A 89 -2.31 -1.97 -7.52
C LYS A 89 -1.39 -1.88 -6.32
N MET A 90 -0.70 -2.98 -6.01
CA MET A 90 0.22 -3.02 -4.89
C MET A 90 1.28 -1.93 -5.01
N ASP A 91 1.43 -1.12 -3.97
CA ASP A 91 2.41 -0.05 -3.96
C ASP A 91 3.83 -0.60 -4.08
N GLU A 92 4.74 0.25 -4.53
CA GLU A 92 6.14 -0.16 -4.70
C GLU A 92 7.04 0.60 -3.73
N ARG A 93 7.19 0.07 -2.52
CA ARG A 93 8.02 0.71 -1.51
C ARG A 93 8.91 -0.34 -0.81
N ALA A 94 10.21 -0.21 -1.00
CA ALA A 94 11.16 -1.14 -0.38
C ALA A 94 11.35 -0.83 1.09
N LEU A 95 10.31 -1.05 1.89
CA LEU A 95 10.36 -0.80 3.32
C LEU A 95 11.12 -1.91 4.05
N PRO A 96 11.92 -1.52 5.05
CA PRO A 96 12.71 -2.47 5.84
C PRO A 96 11.84 -3.34 6.74
N LYS A 97 12.42 -4.42 7.25
CA LYS A 97 11.70 -5.34 8.12
C LYS A 97 12.27 -5.29 9.54
N GLY A 98 13.57 -5.55 9.66
CA GLY A 98 14.21 -5.54 10.97
C GLY A 98 13.47 -6.38 11.99
N ASP A 99 13.21 -7.64 11.64
CA ASP A 99 12.51 -8.54 12.53
C ASP A 99 13.36 -9.76 12.85
N PHE A 100 13.27 -10.23 14.09
CA PHE A 100 14.03 -11.40 14.52
C PHE A 100 13.52 -11.92 15.87
N PHE A 101 13.64 -13.23 16.07
CA PHE A 101 13.20 -13.85 17.31
C PHE A 101 14.26 -14.81 17.85
N PRO A 102 14.47 -14.76 19.17
CA PRO A 102 15.45 -15.63 19.84
C PRO A 102 15.02 -17.08 19.86
N PRO A 103 16.00 -18.00 19.82
CA PRO A 103 15.75 -19.44 19.83
C PRO A 103 15.23 -19.92 21.19
N GLU A 104 13.93 -20.14 21.27
CA GLU A 104 13.30 -20.60 22.51
C GLU A 104 13.41 -22.11 22.63
N ARG A 105 14.42 -22.57 23.36
CA ARG A 105 14.64 -24.01 23.56
C ARG A 105 14.45 -24.39 25.02
N PRO A 106 13.18 -24.58 25.43
CA PRO A 106 12.83 -24.94 26.80
C PRO A 106 13.27 -26.37 27.14
N GLN A 107 14.09 -26.50 28.17
CA GLN A 107 14.58 -27.80 28.60
C GLN A 107 14.35 -28.01 30.10
N GLN A 108 13.80 -29.16 30.46
CA GLN A 108 13.53 -29.46 31.86
C GLN A 108 14.08 -30.83 32.22
N SER A 109 14.79 -30.90 33.35
CA SER A 109 15.36 -32.16 33.81
C SER A 109 15.63 -32.11 35.32
N GLY A 110 15.46 -33.26 35.97
CA GLY A 110 15.68 -33.33 37.40
C GLY A 110 14.65 -34.20 38.10
N PRO A 111 15.08 -34.91 39.16
CA PRO A 111 14.20 -35.79 39.93
C PRO A 111 13.18 -35.02 40.75
N SER A 112 12.37 -35.74 41.52
CA SER A 112 11.34 -35.12 42.35
C SER A 112 11.37 -35.69 43.76
N SER A 113 10.63 -35.06 44.67
CA SER A 113 10.57 -35.51 46.05
C SER A 113 9.43 -34.80 46.79
N GLY A 114 8.89 -35.49 47.81
CA GLY A 114 7.80 -34.92 48.59
C GLY A 114 6.77 -34.23 47.71
#